data_6H0I
#
_entry.id   6H0I
#
_entity_poly.entity_id   1
_entity_poly.type   'polypeptide(L)'
_entity_poly.pdbx_seq_one_letter_code
;MCEFIEDSEDIQGLKSLRKSHTSLEDDDDGSRGGDCEGCSGTACSSDAQCRARGCDGCSTSGVCVLSSLHHHHHH
;
_entity_poly.pdbx_strand_id   A
#
# COMPACT_ATOMS: atom_id res chain seq x y z
N MET A 1 16.14 4.50 9.21
CA MET A 1 16.11 4.78 10.67
C MET A 1 14.71 4.56 11.22
N CYS A 2 14.63 4.15 12.47
CA CYS A 2 13.36 3.93 13.15
C CYS A 2 13.56 3.93 14.66
N GLU A 3 13.52 5.11 15.25
CA GLU A 3 13.77 5.26 16.67
C GLU A 3 12.60 5.95 17.37
N PHE A 4 11.79 6.68 16.60
CA PHE A 4 10.72 7.50 17.17
C PHE A 4 9.62 7.73 16.15
N ILE A 5 9.22 6.67 15.47
CA ILE A 5 8.26 6.78 14.36
C ILE A 5 7.25 5.64 14.36
N GLU A 6 7.70 4.43 14.04
CA GLU A 6 6.84 3.27 14.20
C GLU A 6 6.66 2.96 15.68
N ASP A 7 7.40 3.69 16.50
CA ASP A 7 7.40 3.53 17.94
C ASP A 7 6.43 4.52 18.60
N SER A 8 5.64 5.20 17.76
CA SER A 8 4.73 6.24 18.23
C SER A 8 3.63 5.70 19.17
N GLU A 9 3.59 4.40 19.37
CA GLU A 9 2.60 3.80 20.26
C GLU A 9 2.95 4.08 21.71
N ASP A 10 4.24 4.01 22.03
CA ASP A 10 4.67 4.23 23.40
C ASP A 10 5.21 5.63 23.58
N ILE A 11 4.30 6.58 23.74
CA ILE A 11 4.67 7.97 24.00
C ILE A 11 5.12 8.11 25.46
N GLN A 12 5.01 7.01 26.19
CA GLN A 12 5.38 6.97 27.59
C GLN A 12 6.90 7.02 27.73
N GLY A 13 7.60 6.23 26.93
CA GLY A 13 9.05 6.25 26.94
C GLY A 13 9.63 7.19 25.89
N LEU A 14 8.96 7.33 24.76
CA LEU A 14 9.49 8.12 23.65
C LEU A 14 8.59 9.32 23.36
N LYS A 15 8.98 10.47 23.88
CA LYS A 15 8.28 11.71 23.61
C LYS A 15 8.99 12.49 22.53
N SER A 16 9.77 11.76 21.72
CA SER A 16 10.44 12.33 20.56
C SER A 16 9.45 12.57 19.43
N LEU A 17 8.20 12.19 19.69
CA LEU A 17 7.11 12.38 18.74
C LEU A 17 6.68 13.85 18.74
N ARG A 18 7.29 14.62 19.64
CA ARG A 18 7.01 16.05 19.76
C ARG A 18 7.31 16.78 18.46
N LYS A 19 8.45 16.45 17.86
CA LYS A 19 8.88 17.12 16.64
C LYS A 19 8.13 16.57 15.43
N SER A 20 7.53 15.40 15.61
CA SER A 20 6.69 14.82 14.57
C SER A 20 5.33 15.50 14.61
N HIS A 21 4.88 15.83 15.82
CA HIS A 21 3.65 16.56 16.01
C HIS A 21 3.80 18.01 15.51
N THR A 22 5.03 18.54 15.50
CA THR A 22 5.29 19.91 15.01
C THR A 22 4.69 20.19 13.60
N SER A 23 4.80 19.25 12.65
CA SER A 23 4.31 19.46 11.30
C SER A 23 2.77 19.42 11.25
N LEU A 24 2.16 19.09 12.39
CA LEU A 24 0.69 19.06 12.52
C LEU A 24 0.08 17.96 11.65
N GLU A 25 0.91 17.05 11.19
CA GLU A 25 0.45 15.95 10.34
C GLU A 25 0.69 14.61 11.02
N ASP A 26 0.88 14.66 12.34
CA ASP A 26 1.15 13.45 13.09
C ASP A 26 -0.15 12.80 13.50
N ASP A 27 -1.13 13.64 13.74
CA ASP A 27 -2.44 13.18 14.20
C ASP A 27 -3.26 12.65 13.03
N ASP A 28 -2.67 12.67 11.85
CA ASP A 28 -3.24 12.00 10.70
C ASP A 28 -3.13 10.50 10.92
N ASP A 29 -2.11 10.14 11.69
CA ASP A 29 -1.88 8.76 12.17
C ASP A 29 -1.41 7.82 11.06
N GLY A 30 -1.63 8.21 9.81
CA GLY A 30 -1.25 7.38 8.69
C GLY A 30 0.22 6.99 8.70
N SER A 31 1.08 7.94 9.04
CA SER A 31 2.52 7.71 9.05
C SER A 31 3.00 7.26 10.42
N ARG A 32 2.10 6.76 11.24
CA ARG A 32 2.45 6.31 12.58
C ARG A 32 2.23 4.80 12.73
N GLY A 33 3.32 4.04 12.62
CA GLY A 33 3.24 2.61 12.80
C GLY A 33 3.11 1.88 11.49
N GLY A 34 2.11 2.26 10.70
CA GLY A 34 1.87 1.63 9.44
C GLY A 34 1.79 2.61 8.29
N ASP A 35 2.88 3.33 8.05
CA ASP A 35 2.94 4.25 6.90
C ASP A 35 2.87 3.45 5.59
N CYS A 36 3.23 2.18 5.66
CA CYS A 36 3.17 1.31 4.50
C CYS A 36 2.03 0.31 4.66
N GLU A 37 0.85 0.73 4.22
CA GLU A 37 -0.34 -0.10 4.24
C GLU A 37 -1.36 0.56 3.33
N GLY A 38 -0.97 0.70 2.08
CA GLY A 38 -1.71 1.49 1.14
C GLY A 38 -0.77 2.16 0.17
N CYS A 39 0.10 1.35 -0.42
CA CYS A 39 1.15 1.83 -1.30
C CYS A 39 0.56 2.44 -2.57
N SER A 40 0.27 1.58 -3.55
CA SER A 40 -0.29 1.95 -4.86
C SER A 40 0.71 2.73 -5.68
N GLY A 41 1.23 3.80 -5.12
CA GLY A 41 2.20 4.62 -5.85
C GLY A 41 3.59 4.04 -5.76
N THR A 42 3.68 2.77 -5.40
CA THR A 42 4.97 2.10 -5.35
C THR A 42 5.02 1.06 -6.47
N ALA A 43 5.84 1.34 -7.48
CA ALA A 43 5.92 0.47 -8.64
C ALA A 43 6.86 -0.69 -8.39
N CYS A 44 6.27 -1.86 -8.40
CA CYS A 44 6.98 -3.10 -8.25
C CYS A 44 7.05 -3.83 -9.57
N SER A 45 8.15 -4.46 -9.81
CA SER A 45 8.21 -5.47 -10.84
C SER A 45 7.88 -6.81 -10.22
N SER A 46 8.30 -7.00 -8.98
CA SER A 46 7.98 -8.21 -8.23
C SER A 46 7.09 -7.89 -7.04
N ASP A 47 6.18 -8.80 -6.73
CA ASP A 47 5.28 -8.66 -5.58
C ASP A 47 6.01 -8.80 -4.26
N ALA A 48 7.23 -9.34 -4.24
CA ALA A 48 7.91 -9.63 -3.02
C ALA A 48 8.20 -8.36 -2.22
N GLN A 49 8.27 -7.23 -2.92
CA GLN A 49 8.58 -5.98 -2.27
C GLN A 49 7.31 -5.33 -1.75
N CYS A 50 6.17 -5.63 -2.37
CA CYS A 50 4.90 -5.15 -1.84
C CYS A 50 4.55 -6.00 -0.63
N ARG A 51 4.95 -7.26 -0.71
CA ARG A 51 4.89 -8.15 0.44
C ARG A 51 5.72 -7.55 1.57
N ALA A 52 6.91 -7.09 1.21
CA ALA A 52 7.81 -6.46 2.17
C ALA A 52 7.28 -5.09 2.59
N ARG A 53 6.40 -4.53 1.78
CA ARG A 53 5.77 -3.24 2.11
C ARG A 53 4.64 -3.44 3.11
N GLY A 54 4.26 -4.69 3.34
CA GLY A 54 3.11 -4.97 4.17
C GLY A 54 1.83 -4.55 3.48
N CYS A 55 1.99 -4.08 2.26
CA CYS A 55 0.85 -3.67 1.44
C CYS A 55 0.04 -4.88 1.01
N ASP A 56 0.45 -5.59 -0.04
CA ASP A 56 -0.25 -6.82 -0.39
C ASP A 56 0.43 -7.50 -1.57
N GLY A 57 0.47 -6.84 -2.71
CA GLY A 57 1.04 -7.47 -3.87
C GLY A 57 1.21 -6.56 -5.03
N CYS A 58 2.02 -7.01 -5.96
CA CYS A 58 2.18 -6.36 -7.25
C CYS A 58 1.01 -6.77 -8.14
N SER A 59 0.44 -5.82 -8.87
CA SER A 59 -0.71 -6.14 -9.69
C SER A 59 -0.30 -6.22 -11.16
N THR A 60 -1.27 -6.51 -12.02
CA THR A 60 -1.06 -6.38 -13.47
C THR A 60 -0.27 -5.11 -13.87
N SER A 61 -0.37 -4.03 -13.09
CA SER A 61 0.19 -2.76 -13.49
C SER A 61 1.53 -2.47 -12.82
N GLY A 62 2.17 -3.49 -12.25
CA GLY A 62 3.43 -3.29 -11.58
C GLY A 62 3.35 -2.24 -10.50
N VAL A 63 2.21 -2.18 -9.83
CA VAL A 63 2.03 -1.27 -8.71
C VAL A 63 1.80 -2.10 -7.46
N CYS A 64 2.05 -1.51 -6.30
CA CYS A 64 2.01 -2.26 -5.05
C CYS A 64 0.71 -1.97 -4.33
N VAL A 65 -0.21 -2.91 -4.39
CA VAL A 65 -1.59 -2.68 -3.95
C VAL A 65 -2.16 -3.96 -3.42
N LEU A 66 -3.46 -3.97 -3.12
CA LEU A 66 -4.15 -5.23 -2.99
C LEU A 66 -4.30 -5.80 -4.41
N SER A 67 -3.26 -6.52 -4.83
CA SER A 67 -3.17 -7.07 -6.18
C SER A 67 -4.42 -7.90 -6.54
N SER A 68 -5.27 -7.41 -7.44
CA SER A 68 -6.36 -8.22 -7.96
C SER A 68 -5.94 -8.79 -9.31
N LEU A 69 -5.37 -9.99 -9.29
CA LEU A 69 -4.78 -10.57 -10.48
C LEU A 69 -5.85 -11.05 -11.45
N HIS A 70 -5.99 -10.35 -12.56
CA HIS A 70 -6.91 -10.73 -13.61
C HIS A 70 -6.22 -11.67 -14.59
N HIS A 71 -6.30 -12.97 -14.29
CA HIS A 71 -5.64 -14.00 -15.09
C HIS A 71 -4.13 -13.90 -14.96
N HIS A 72 -3.62 -14.26 -13.78
CA HIS A 72 -2.18 -14.27 -13.51
C HIS A 72 -1.61 -12.85 -13.57
N HIS A 73 -0.28 -12.76 -13.60
CA HIS A 73 0.39 -11.49 -13.79
C HIS A 73 1.65 -11.68 -14.62
N HIS A 74 1.69 -11.07 -15.80
CA HIS A 74 2.83 -11.18 -16.69
C HIS A 74 4.00 -10.35 -16.18
N HIS A 75 3.70 -9.49 -15.22
CA HIS A 75 4.73 -8.75 -14.51
C HIS A 75 5.18 -9.56 -13.31
N MET A 1 1.91 19.41 5.65
CA MET A 1 1.14 18.20 5.32
C MET A 1 -0.36 18.47 5.45
N CYS A 2 -1.13 17.90 4.54
CA CYS A 2 -2.57 18.06 4.56
C CYS A 2 -3.25 16.80 4.02
N GLU A 3 -2.70 15.65 4.39
CA GLU A 3 -3.23 14.36 3.95
C GLU A 3 -4.42 13.97 4.82
N PHE A 4 -5.59 14.51 4.50
CA PHE A 4 -6.79 14.26 5.29
C PHE A 4 -7.23 12.80 5.16
N ILE A 5 -6.67 12.12 4.16
CA ILE A 5 -6.95 10.71 3.92
C ILE A 5 -6.66 9.85 5.14
N GLU A 6 -5.77 10.31 6.02
CA GLU A 6 -5.35 9.49 7.13
C GLU A 6 -4.52 10.27 8.12
N ASP A 7 -3.93 11.34 7.64
CA ASP A 7 -3.01 12.14 8.44
C ASP A 7 -3.73 13.32 9.10
N SER A 8 -5.05 13.34 8.99
CA SER A 8 -5.82 14.45 9.53
C SER A 8 -5.73 14.46 11.05
N GLU A 9 -5.64 13.27 11.64
CA GLU A 9 -5.56 13.13 13.09
C GLU A 9 -4.23 13.64 13.63
N ASP A 10 -3.21 13.68 12.78
CA ASP A 10 -1.92 14.25 13.16
C ASP A 10 -2.03 15.77 13.18
N ILE A 11 -2.60 16.32 12.12
CA ILE A 11 -2.80 17.75 12.00
C ILE A 11 -3.77 18.25 13.08
N GLN A 12 -4.78 17.45 13.37
CA GLN A 12 -5.72 17.77 14.45
C GLN A 12 -5.08 17.54 15.81
N GLY A 13 -3.97 16.81 15.80
CA GLY A 13 -3.23 16.54 17.01
C GLY A 13 -2.32 17.69 17.39
N LEU A 14 -1.68 18.28 16.39
CA LEU A 14 -0.77 19.41 16.59
C LEU A 14 0.30 19.06 17.62
N LYS A 15 1.11 18.06 17.30
CA LYS A 15 2.16 17.59 18.21
C LYS A 15 3.21 18.68 18.41
N SER A 16 3.37 19.53 17.39
CA SER A 16 4.30 20.63 17.46
C SER A 16 3.81 21.69 18.43
N LEU A 17 2.51 21.67 18.70
CA LEU A 17 1.91 22.61 19.65
C LEU A 17 1.76 21.95 21.00
N ARG A 18 1.50 20.67 20.98
CA ARG A 18 1.33 19.87 22.18
C ARG A 18 2.55 19.00 22.42
N LYS A 19 3.54 19.57 23.11
CA LYS A 19 4.84 18.93 23.29
C LYS A 19 4.80 17.81 24.33
N SER A 20 3.60 17.32 24.61
CA SER A 20 3.44 16.16 25.47
C SER A 20 3.10 14.95 24.59
N HIS A 21 2.70 15.19 23.34
CA HIS A 21 2.39 14.11 22.41
C HIS A 21 3.51 13.94 21.40
N THR A 22 4.60 14.68 21.58
CA THR A 22 5.76 14.60 20.67
C THR A 22 6.49 13.24 20.67
N SER A 23 5.88 12.20 21.25
CA SER A 23 6.49 10.89 21.25
C SER A 23 5.91 10.03 20.13
N LEU A 24 4.88 10.57 19.49
CA LEU A 24 4.22 9.89 18.38
C LEU A 24 4.99 10.12 17.08
N GLU A 25 6.20 9.60 17.04
CA GLU A 25 7.06 9.73 15.88
C GLU A 25 7.81 8.42 15.67
N ASP A 26 7.38 7.65 14.68
CA ASP A 26 7.94 6.33 14.40
C ASP A 26 8.14 6.16 12.91
N ASP A 27 8.60 4.99 12.48
CA ASP A 27 8.70 4.71 11.05
C ASP A 27 7.33 4.50 10.45
N ASP A 28 6.36 4.31 11.32
CA ASP A 28 4.97 4.07 10.92
C ASP A 28 4.39 5.26 10.18
N ASP A 29 4.84 6.45 10.56
CA ASP A 29 4.34 7.68 9.94
C ASP A 29 5.29 8.14 8.84
N GLY A 30 6.21 7.27 8.45
CA GLY A 30 7.08 7.57 7.32
C GLY A 30 6.33 7.52 6.01
N SER A 31 5.27 6.74 6.00
CA SER A 31 4.39 6.63 4.84
C SER A 31 3.26 7.64 4.96
N ARG A 32 3.54 8.72 5.71
CA ARG A 32 2.57 9.78 6.02
C ARG A 32 1.69 10.14 4.82
N GLY A 33 0.45 9.68 4.84
CA GLY A 33 -0.46 9.93 3.76
C GLY A 33 -1.30 8.72 3.43
N GLY A 34 -1.45 7.82 4.40
CA GLY A 34 -2.23 6.61 4.20
C GLY A 34 -1.47 5.57 3.41
N ASP A 35 -1.15 5.88 2.17
CA ASP A 35 -0.45 4.96 1.29
C ASP A 35 0.69 5.66 0.57
N CYS A 36 1.20 6.72 1.18
CA CYS A 36 2.23 7.55 0.52
C CYS A 36 3.57 6.83 0.52
N GLU A 37 4.04 6.49 -0.68
CA GLU A 37 5.28 5.75 -0.86
C GLU A 37 5.14 4.40 -0.17
N GLY A 38 4.09 3.71 -0.54
CA GLY A 38 3.74 2.51 0.12
C GLY A 38 2.96 1.62 -0.80
N CYS A 39 1.75 2.05 -1.11
CA CYS A 39 0.82 1.26 -1.88
C CYS A 39 0.28 2.10 -3.03
N SER A 40 0.27 1.50 -4.20
CA SER A 40 -0.40 2.04 -5.38
C SER A 40 0.49 3.05 -6.11
N GLY A 41 0.82 4.12 -5.43
CA GLY A 41 1.79 5.09 -6.00
C GLY A 41 3.18 4.49 -6.15
N THR A 42 3.43 3.36 -5.48
CA THR A 42 4.73 2.72 -5.55
C THR A 42 4.71 1.57 -6.54
N ALA A 43 5.75 1.48 -7.36
CA ALA A 43 5.84 0.46 -8.38
C ALA A 43 6.77 -0.65 -7.97
N CYS A 44 6.24 -1.85 -7.99
CA CYS A 44 7.01 -3.05 -7.73
C CYS A 44 6.85 -4.00 -8.88
N SER A 45 7.97 -4.44 -9.43
CA SER A 45 7.96 -5.38 -10.52
C SER A 45 7.89 -6.78 -9.96
N SER A 46 8.31 -6.92 -8.71
CA SER A 46 8.15 -8.17 -8.02
C SER A 46 7.17 -8.00 -6.87
N ASP A 47 6.34 -9.01 -6.66
CA ASP A 47 5.36 -9.06 -5.57
C ASP A 47 6.01 -9.02 -4.19
N ALA A 48 7.14 -9.72 -4.02
CA ALA A 48 7.74 -9.88 -2.73
C ALA A 48 8.07 -8.54 -2.08
N GLN A 49 8.45 -7.56 -2.89
CA GLN A 49 8.88 -6.27 -2.38
C GLN A 49 7.68 -5.41 -1.96
N CYS A 50 6.49 -5.77 -2.44
CA CYS A 50 5.28 -5.05 -2.04
C CYS A 50 4.68 -5.75 -0.84
N ARG A 51 4.59 -7.06 -0.97
CA ARG A 51 4.25 -7.91 0.15
C ARG A 51 5.12 -7.59 1.36
N ALA A 52 6.44 -7.50 1.16
CA ALA A 52 7.36 -7.18 2.24
C ALA A 52 7.25 -5.71 2.63
N ARG A 53 6.79 -4.88 1.71
CA ARG A 53 6.55 -3.48 2.01
C ARG A 53 5.33 -3.34 2.90
N GLY A 54 4.51 -4.38 2.94
CA GLY A 54 3.40 -4.41 3.86
C GLY A 54 2.07 -4.17 3.17
N CYS A 55 2.10 -3.88 1.88
CA CYS A 55 0.86 -3.68 1.14
C CYS A 55 0.10 -5.00 0.90
N ASP A 56 0.48 -5.83 -0.09
CA ASP A 56 -0.20 -7.11 -0.33
C ASP A 56 0.44 -7.80 -1.52
N GLY A 57 0.42 -7.12 -2.66
CA GLY A 57 0.95 -7.72 -3.85
C GLY A 57 1.18 -6.70 -4.92
N CYS A 58 1.77 -7.15 -5.99
CA CYS A 58 2.07 -6.30 -7.11
C CYS A 58 1.19 -6.68 -8.30
N SER A 59 0.45 -5.72 -8.81
CA SER A 59 -0.56 -6.04 -9.81
C SER A 59 -0.01 -5.86 -11.22
N THR A 60 -0.82 -6.23 -12.22
CA THR A 60 -0.45 -6.05 -13.63
C THR A 60 0.24 -4.69 -13.93
N SER A 61 -0.16 -3.63 -13.23
CA SER A 61 0.38 -2.29 -13.50
C SER A 61 1.74 -2.09 -12.84
N GLY A 62 2.22 -3.12 -12.16
CA GLY A 62 3.49 -3.03 -11.46
C GLY A 62 3.42 -2.06 -10.30
N VAL A 63 2.30 -2.04 -9.61
CA VAL A 63 2.08 -1.13 -8.49
C VAL A 63 1.94 -1.92 -7.20
N CYS A 64 2.01 -1.25 -6.05
CA CYS A 64 2.04 -1.96 -4.76
C CYS A 64 0.66 -1.88 -4.15
N VAL A 65 -0.09 -2.95 -4.18
CA VAL A 65 -1.51 -2.84 -3.86
C VAL A 65 -2.07 -4.11 -3.28
N LEU A 66 -3.35 -4.09 -2.98
CA LEU A 66 -4.10 -5.31 -2.83
C LEU A 66 -4.29 -5.88 -4.24
N SER A 67 -3.31 -6.66 -4.68
CA SER A 67 -3.28 -7.19 -6.05
C SER A 67 -4.59 -7.92 -6.39
N SER A 68 -5.12 -7.73 -7.61
CA SER A 68 -6.38 -8.36 -7.98
C SER A 68 -6.23 -9.03 -9.34
N LEU A 69 -6.20 -10.35 -9.34
CA LEU A 69 -6.02 -11.11 -10.57
C LEU A 69 -6.49 -12.54 -10.35
N HIS A 70 -5.99 -13.15 -9.30
CA HIS A 70 -6.40 -14.51 -8.95
C HIS A 70 -6.99 -14.52 -7.54
N HIS A 71 -8.28 -14.75 -7.46
CA HIS A 71 -8.97 -14.78 -6.19
C HIS A 71 -8.84 -16.16 -5.57
N HIS A 72 -8.11 -16.27 -4.48
CA HIS A 72 -7.89 -17.57 -3.85
C HIS A 72 -9.09 -18.01 -3.02
N HIS A 73 -10.28 -17.83 -3.59
CA HIS A 73 -11.52 -18.17 -2.94
C HIS A 73 -11.72 -19.68 -2.96
N HIS A 74 -11.30 -20.35 -1.89
CA HIS A 74 -11.39 -21.79 -1.80
C HIS A 74 -12.22 -22.22 -0.61
N HIS A 75 -12.78 -21.24 0.10
CA HIS A 75 -13.63 -21.53 1.25
C HIS A 75 -15.01 -20.94 1.03
N MET A 1 16.64 1.18 11.73
CA MET A 1 16.89 -0.27 11.55
C MET A 1 15.57 -1.02 11.45
N CYS A 2 15.62 -2.35 11.57
CA CYS A 2 14.42 -3.19 11.55
C CYS A 2 13.68 -3.07 10.21
N GLU A 3 14.46 -2.81 9.15
CA GLU A 3 13.91 -2.59 7.82
C GLU A 3 12.81 -1.54 7.83
N PHE A 4 13.09 -0.44 8.49
CA PHE A 4 12.15 0.67 8.58
C PHE A 4 12.92 1.96 8.29
N ILE A 5 13.78 1.85 7.29
CA ILE A 5 14.65 2.95 6.89
C ILE A 5 14.76 3.06 5.37
N GLU A 6 15.45 2.11 4.73
CA GLU A 6 15.63 2.11 3.26
C GLU A 6 16.46 3.33 2.85
N ASP A 7 17.29 3.79 3.76
CA ASP A 7 18.17 4.92 3.51
C ASP A 7 19.62 4.51 3.68
N SER A 8 19.83 3.32 4.22
CA SER A 8 21.16 2.82 4.56
C SER A 8 21.96 2.46 3.31
N GLU A 9 21.31 2.56 2.16
CA GLU A 9 21.95 2.22 0.89
C GLU A 9 22.90 3.32 0.43
N ASP A 10 22.77 4.50 1.04
CA ASP A 10 23.62 5.62 0.69
C ASP A 10 24.93 5.55 1.46
N ILE A 11 25.93 4.94 0.83
CA ILE A 11 27.23 4.77 1.45
C ILE A 11 28.06 6.04 1.28
N GLN A 12 27.74 6.80 0.25
CA GLN A 12 28.50 8.01 -0.08
C GLN A 12 28.27 9.11 0.97
N GLY A 13 27.06 9.18 1.49
CA GLY A 13 26.77 10.12 2.55
C GLY A 13 27.41 9.71 3.85
N LEU A 14 27.53 8.40 4.04
CA LEU A 14 28.13 7.83 5.25
C LEU A 14 27.42 8.33 6.49
N LYS A 15 26.16 7.94 6.64
CA LYS A 15 25.35 8.38 7.76
C LYS A 15 25.21 7.26 8.78
N SER A 16 26.19 6.36 8.80
CA SER A 16 26.22 5.26 9.75
C SER A 16 26.75 5.73 11.11
N LEU A 17 26.46 6.99 11.42
CA LEU A 17 26.91 7.61 12.66
C LEU A 17 25.71 7.89 13.55
N ARG A 18 24.64 7.16 13.30
CA ARG A 18 23.38 7.35 14.01
C ARG A 18 22.92 6.03 14.61
N LYS A 19 23.87 5.31 15.20
CA LYS A 19 23.60 4.00 15.80
C LYS A 19 22.66 4.12 16.98
N SER A 20 22.63 5.29 17.60
CA SER A 20 21.75 5.53 18.73
C SER A 20 20.85 6.74 18.47
N HIS A 21 21.41 7.74 17.77
CA HIS A 21 20.70 8.99 17.49
C HIS A 21 19.74 8.82 16.31
N THR A 22 19.56 7.58 15.86
CA THR A 22 18.68 7.26 14.71
C THR A 22 17.38 8.09 14.68
N SER A 23 16.68 8.22 15.82
CA SER A 23 15.48 9.03 15.88
C SER A 23 15.08 9.21 17.36
N LEU A 24 16.07 9.56 18.17
CA LEU A 24 15.85 9.69 19.61
C LEU A 24 15.44 11.13 19.93
N GLU A 25 16.18 12.09 19.41
CA GLU A 25 15.90 13.50 19.63
C GLU A 25 16.62 14.35 18.61
N ASP A 26 15.94 14.59 17.51
CA ASP A 26 16.47 15.44 16.45
C ASP A 26 15.38 15.77 15.47
N ASP A 27 15.50 16.91 14.85
CA ASP A 27 14.51 17.39 13.90
C ASP A 27 14.88 16.96 12.49
N ASP A 28 15.99 16.23 12.39
CA ASP A 28 16.50 15.76 11.11
C ASP A 28 15.72 14.53 10.67
N ASP A 29 15.78 13.49 11.47
CA ASP A 29 15.09 12.23 11.19
C ASP A 29 15.40 11.78 9.77
N GLY A 30 16.68 11.82 9.42
CA GLY A 30 17.10 11.43 8.09
C GLY A 30 17.20 9.93 7.93
N SER A 31 16.81 9.21 8.96
CA SER A 31 16.82 7.75 8.95
C SER A 31 15.63 7.20 8.16
N ARG A 32 15.12 8.00 7.25
CA ARG A 32 13.93 7.65 6.50
C ARG A 32 14.18 7.81 5.00
N GLY A 33 14.02 6.73 4.25
CA GLY A 33 14.19 6.80 2.82
C GLY A 33 12.97 6.25 2.10
N GLY A 34 12.41 5.18 2.64
CA GLY A 34 11.23 4.57 2.05
C GLY A 34 9.95 5.18 2.58
N ASP A 35 9.79 6.47 2.38
CA ASP A 35 8.60 7.19 2.84
C ASP A 35 7.39 6.91 1.97
N CYS A 36 7.62 6.25 0.84
CA CYS A 36 6.53 5.87 -0.05
C CYS A 36 5.70 4.75 0.57
N GLU A 37 4.71 5.13 1.37
CA GLU A 37 3.91 4.18 2.12
C GLU A 37 2.44 4.37 1.77
N GLY A 38 2.16 4.40 0.48
CA GLY A 38 0.79 4.51 0.03
C GLY A 38 0.30 3.21 -0.58
N CYS A 39 1.15 2.59 -1.40
CA CYS A 39 0.81 1.34 -2.06
C CYS A 39 -0.39 1.51 -2.98
N SER A 40 -0.10 2.02 -4.17
CA SER A 40 -1.10 2.31 -5.19
C SER A 40 -0.43 3.17 -6.24
N GLY A 41 0.37 4.10 -5.74
CA GLY A 41 1.25 4.87 -6.62
C GLY A 41 2.68 4.47 -6.38
N THR A 42 2.88 3.21 -6.01
CA THR A 42 4.20 2.68 -5.74
C THR A 42 4.48 1.55 -6.70
N ALA A 43 5.65 1.55 -7.32
CA ALA A 43 5.96 0.58 -8.36
C ALA A 43 6.84 -0.54 -7.85
N CYS A 44 6.37 -1.73 -8.10
CA CYS A 44 7.11 -2.94 -7.87
C CYS A 44 7.27 -3.67 -9.19
N SER A 45 8.44 -4.19 -9.43
CA SER A 45 8.61 -5.11 -10.52
C SER A 45 8.30 -6.51 -10.02
N SER A 46 8.61 -6.73 -8.76
CA SER A 46 8.30 -7.98 -8.10
C SER A 46 7.27 -7.75 -7.00
N ASP A 47 6.38 -8.71 -6.80
CA ASP A 47 5.45 -8.66 -5.69
C ASP A 47 6.13 -8.90 -4.35
N ALA A 48 7.35 -9.45 -4.35
CA ALA A 48 8.01 -9.76 -3.11
C ALA A 48 8.26 -8.49 -2.28
N GLN A 49 8.48 -7.39 -2.98
CA GLN A 49 8.78 -6.11 -2.34
C GLN A 49 7.51 -5.43 -1.88
N CYS A 50 6.36 -5.87 -2.41
CA CYS A 50 5.08 -5.38 -1.93
C CYS A 50 4.59 -6.27 -0.78
N ARG A 51 4.91 -7.56 -0.87
CA ARG A 51 4.73 -8.48 0.25
C ARG A 51 5.53 -8.00 1.44
N ALA A 52 6.81 -7.70 1.19
CA ALA A 52 7.69 -7.17 2.22
C ALA A 52 7.27 -5.76 2.59
N ARG A 53 6.45 -5.15 1.74
CA ARG A 53 5.97 -3.80 1.99
C ARG A 53 4.85 -3.82 3.02
N GLY A 54 4.45 -5.01 3.44
CA GLY A 54 3.35 -5.13 4.37
C GLY A 54 2.05 -4.77 3.71
N CYS A 55 2.11 -4.55 2.41
CA CYS A 55 0.92 -4.17 1.65
C CYS A 55 0.18 -5.40 1.15
N ASP A 56 0.45 -5.91 -0.04
CA ASP A 56 -0.27 -7.09 -0.47
C ASP A 56 0.34 -7.72 -1.69
N GLY A 57 0.46 -6.97 -2.78
CA GLY A 57 1.09 -7.55 -3.93
C GLY A 57 1.26 -6.61 -5.08
N CYS A 58 2.05 -7.04 -6.03
CA CYS A 58 2.24 -6.30 -7.25
C CYS A 58 1.13 -6.63 -8.22
N SER A 59 0.52 -5.60 -8.77
CA SER A 59 -0.50 -5.81 -9.79
C SER A 59 0.17 -5.80 -11.16
N THR A 60 -0.50 -6.34 -12.18
CA THR A 60 0.08 -6.42 -13.54
C THR A 60 0.84 -5.14 -13.96
N SER A 61 0.36 -3.96 -13.55
CA SER A 61 0.96 -2.70 -13.98
C SER A 61 2.18 -2.31 -13.14
N GLY A 62 2.75 -3.27 -12.41
CA GLY A 62 3.94 -3.01 -11.64
C GLY A 62 3.71 -2.01 -10.51
N VAL A 63 2.62 -2.18 -9.78
CA VAL A 63 2.30 -1.29 -8.67
C VAL A 63 2.05 -2.09 -7.39
N CYS A 64 2.21 -1.44 -6.25
CA CYS A 64 2.18 -2.10 -4.94
C CYS A 64 0.80 -1.89 -4.38
N VAL A 65 0.01 -2.93 -4.34
CA VAL A 65 -1.41 -2.76 -4.10
C VAL A 65 -1.99 -3.95 -3.36
N LEU A 66 -3.28 -3.86 -3.08
CA LEU A 66 -4.07 -5.05 -2.81
C LEU A 66 -4.32 -5.72 -4.16
N SER A 67 -3.58 -6.79 -4.46
CA SER A 67 -3.47 -7.34 -5.82
C SER A 67 -4.86 -7.56 -6.45
N SER A 68 -5.08 -7.16 -7.71
CA SER A 68 -6.36 -7.35 -8.35
C SER A 68 -6.47 -8.77 -8.90
N LEU A 69 -6.86 -9.70 -8.04
CA LEU A 69 -6.94 -11.11 -8.42
C LEU A 69 -7.99 -11.31 -9.50
N HIS A 70 -9.20 -10.86 -9.24
CA HIS A 70 -10.30 -11.03 -10.19
C HIS A 70 -10.49 -9.77 -11.04
N HIS A 71 -11.21 -8.80 -10.48
CA HIS A 71 -11.56 -7.57 -11.21
C HIS A 71 -12.05 -7.86 -12.63
N HIS A 72 -11.25 -7.51 -13.64
CA HIS A 72 -11.64 -7.72 -15.03
C HIS A 72 -10.51 -8.34 -15.86
N HIS A 73 -9.26 -8.11 -15.44
CA HIS A 73 -8.10 -8.50 -16.24
C HIS A 73 -8.17 -9.96 -16.70
N HIS A 74 -8.04 -10.15 -17.99
CA HIS A 74 -8.06 -11.48 -18.59
C HIS A 74 -6.73 -12.19 -18.35
N HIS A 75 -5.65 -11.42 -18.36
CA HIS A 75 -4.33 -11.96 -18.08
C HIS A 75 -3.75 -11.31 -16.83
N MET A 1 11.78 -5.52 12.46
CA MET A 1 11.87 -6.24 13.76
C MET A 1 11.15 -7.58 13.66
N CYS A 2 9.83 -7.53 13.59
CA CYS A 2 9.03 -8.72 13.35
C CYS A 2 8.48 -8.67 11.93
N GLU A 3 8.58 -7.49 11.34
CA GLU A 3 8.23 -7.25 9.95
C GLU A 3 8.94 -5.98 9.49
N PHE A 4 8.57 -5.46 8.34
CA PHE A 4 9.23 -4.27 7.80
C PHE A 4 8.23 -3.19 7.44
N ILE A 5 7.10 -3.16 8.16
CA ILE A 5 6.09 -2.12 7.91
C ILE A 5 6.49 -0.79 8.57
N GLU A 6 7.72 -0.73 9.09
CA GLU A 6 8.18 0.47 9.77
C GLU A 6 8.61 1.53 8.76
N ASP A 7 7.64 2.01 8.01
CA ASP A 7 7.89 3.06 7.04
C ASP A 7 7.39 4.38 7.58
N SER A 8 7.16 4.40 8.88
CA SER A 8 6.73 5.59 9.58
C SER A 8 7.83 6.65 9.52
N GLU A 9 9.07 6.17 9.31
CA GLU A 9 10.22 7.06 9.15
C GLU A 9 10.08 7.87 7.87
N ASP A 10 9.41 7.25 6.89
CA ASP A 10 9.08 7.89 5.61
C ASP A 10 10.33 8.14 4.77
N ILE A 11 11.40 7.44 5.11
CA ILE A 11 12.69 7.63 4.47
C ILE A 11 12.81 6.82 3.19
N GLN A 12 12.10 5.70 3.12
CA GLN A 12 12.18 4.80 1.97
C GLN A 12 11.76 5.52 0.69
N GLY A 13 10.79 6.41 0.80
CA GLY A 13 10.34 7.17 -0.35
C GLY A 13 11.10 8.48 -0.50
N LEU A 14 12.09 8.69 0.37
CA LEU A 14 12.93 9.90 0.36
C LEU A 14 12.10 11.15 0.60
N LYS A 15 10.95 10.98 1.21
CA LYS A 15 10.05 12.08 1.50
C LYS A 15 10.02 12.37 2.99
N SER A 16 11.06 11.92 3.69
CA SER A 16 11.14 12.07 5.13
C SER A 16 11.69 13.44 5.51
N LEU A 17 11.63 14.37 4.58
CA LEU A 17 12.21 15.69 4.79
C LEU A 17 11.33 16.53 5.71
N ARG A 18 10.12 16.07 5.94
CA ARG A 18 9.22 16.73 6.88
C ARG A 18 9.00 15.80 8.07
N LYS A 19 9.99 15.74 8.95
CA LYS A 19 9.94 14.88 10.13
C LYS A 19 8.98 15.45 11.19
N SER A 20 7.70 15.25 10.95
CA SER A 20 6.67 15.69 11.86
C SER A 20 5.61 14.61 11.99
N HIS A 21 5.20 14.05 10.84
CA HIS A 21 4.26 12.93 10.82
C HIS A 21 4.99 11.62 11.01
N THR A 22 6.31 11.70 11.16
CA THR A 22 7.16 10.49 11.36
C THR A 22 6.63 9.62 12.51
N SER A 23 6.57 10.17 13.72
CA SER A 23 5.86 9.52 14.80
C SER A 23 4.67 10.39 15.19
N LEU A 24 3.47 9.85 15.04
CA LEU A 24 2.26 10.66 15.23
C LEU A 24 1.09 9.76 15.61
N GLU A 25 1.04 8.58 15.01
CA GLU A 25 -0.06 7.67 15.22
C GLU A 25 0.25 6.76 16.41
N ASP A 26 -0.02 7.28 17.60
CA ASP A 26 0.30 6.58 18.84
C ASP A 26 1.82 6.52 19.02
N ASP A 27 2.32 5.57 19.81
CA ASP A 27 3.76 5.43 19.96
C ASP A 27 4.32 4.45 18.94
N ASP A 28 3.49 3.49 18.60
CA ASP A 28 3.90 2.39 17.73
C ASP A 28 4.03 2.83 16.29
N ASP A 29 3.04 3.57 15.84
CA ASP A 29 2.97 4.11 14.47
C ASP A 29 2.94 2.99 13.42
N GLY A 30 2.65 1.77 13.85
CA GLY A 30 2.68 0.63 12.95
C GLY A 30 1.57 0.66 11.91
N SER A 31 0.61 1.55 12.10
CA SER A 31 -0.48 1.73 11.16
C SER A 31 -0.16 2.84 10.17
N ARG A 32 1.09 3.28 10.16
CA ARG A 32 1.54 4.32 9.25
C ARG A 32 2.82 3.87 8.54
N GLY A 33 2.67 3.37 7.32
CA GLY A 33 3.82 2.99 6.54
C GLY A 33 3.53 3.01 5.05
N GLY A 34 2.94 4.10 4.58
CA GLY A 34 2.58 4.21 3.18
C GLY A 34 1.44 3.28 2.82
N ASP A 35 0.77 2.79 3.84
CA ASP A 35 -0.30 1.81 3.69
C ASP A 35 -1.65 2.52 3.55
N CYS A 36 -1.61 3.85 3.58
CA CYS A 36 -2.84 4.66 3.41
C CYS A 36 -3.49 4.36 2.08
N GLU A 37 -4.50 3.47 2.11
CA GLU A 37 -5.26 3.07 0.92
C GLU A 37 -4.47 2.04 0.13
N GLY A 38 -3.17 2.04 0.35
CA GLY A 38 -2.29 1.12 -0.32
C GLY A 38 -1.06 1.83 -0.86
N CYS A 39 0.08 1.15 -0.87
CA CYS A 39 1.32 1.73 -1.37
C CYS A 39 1.36 1.63 -2.89
N SER A 40 0.23 1.93 -3.51
CA SER A 40 0.07 1.74 -4.95
C SER A 40 0.84 2.79 -5.71
N GLY A 41 1.20 3.85 -5.00
CA GLY A 41 2.12 4.84 -5.57
C GLY A 41 3.54 4.33 -5.63
N THR A 42 3.72 3.04 -5.35
CA THR A 42 5.02 2.43 -5.44
C THR A 42 5.03 1.40 -6.57
N ALA A 43 5.95 1.54 -7.50
CA ALA A 43 6.01 0.66 -8.64
C ALA A 43 6.88 -0.54 -8.34
N CYS A 44 6.26 -1.69 -8.47
CA CYS A 44 6.91 -2.95 -8.28
C CYS A 44 7.13 -3.65 -9.59
N SER A 45 8.28 -4.25 -9.73
CA SER A 45 8.48 -5.26 -10.76
C SER A 45 8.12 -6.62 -10.14
N SER A 46 8.41 -6.77 -8.86
CA SER A 46 8.07 -7.99 -8.14
C SER A 46 7.02 -7.71 -7.06
N ASP A 47 6.13 -8.68 -6.85
CA ASP A 47 5.16 -8.61 -5.77
C ASP A 47 5.81 -8.70 -4.39
N ALA A 48 7.03 -9.22 -4.32
CA ALA A 48 7.65 -9.51 -3.06
C ALA A 48 7.90 -8.24 -2.25
N GLN A 49 8.11 -7.12 -2.94
CA GLN A 49 8.44 -5.88 -2.27
C GLN A 49 7.18 -5.18 -1.79
N CYS A 50 6.04 -5.50 -2.40
CA CYS A 50 4.78 -4.90 -1.99
C CYS A 50 4.23 -5.71 -0.84
N ARG A 51 4.37 -7.01 -0.99
CA ARG A 51 4.18 -7.95 0.09
C ARG A 51 5.00 -7.52 1.31
N ALA A 52 6.29 -7.23 1.07
CA ALA A 52 7.17 -6.73 2.13
C ALA A 52 6.73 -5.35 2.60
N ARG A 53 6.10 -4.59 1.71
CA ARG A 53 5.60 -3.26 2.06
C ARG A 53 4.34 -3.32 2.90
N GLY A 54 3.95 -4.52 3.33
CA GLY A 54 2.75 -4.67 4.14
C GLY A 54 1.50 -4.57 3.30
N CYS A 55 1.68 -4.18 2.04
CA CYS A 55 0.58 -4.09 1.11
C CYS A 55 0.03 -5.47 0.76
N ASP A 56 0.63 -6.20 -0.21
CA ASP A 56 0.14 -7.52 -0.56
C ASP A 56 0.92 -8.05 -1.75
N GLY A 57 0.86 -7.34 -2.86
CA GLY A 57 1.55 -7.79 -4.03
C GLY A 57 1.61 -6.76 -5.11
N CYS A 58 2.27 -7.14 -6.17
CA CYS A 58 2.36 -6.33 -7.36
C CYS A 58 1.13 -6.54 -8.21
N SER A 59 0.54 -5.46 -8.67
CA SER A 59 -0.57 -5.57 -9.61
C SER A 59 0.03 -5.65 -11.02
N THR A 60 -0.70 -6.25 -11.96
CA THR A 60 -0.17 -6.54 -13.29
C THR A 60 0.35 -5.31 -14.09
N SER A 61 0.30 -4.10 -13.53
CA SER A 61 0.80 -2.94 -14.22
C SER A 61 1.94 -2.28 -13.41
N GLY A 62 2.59 -3.06 -12.55
CA GLY A 62 3.72 -2.56 -11.81
C GLY A 62 3.37 -1.55 -10.74
N VAL A 63 2.39 -1.88 -9.90
CA VAL A 63 2.05 -1.03 -8.75
C VAL A 63 1.88 -1.90 -7.51
N CYS A 64 2.09 -1.32 -6.33
CA CYS A 64 2.20 -2.12 -5.10
C CYS A 64 0.92 -2.03 -4.29
N VAL A 65 0.17 -3.13 -4.25
CA VAL A 65 -1.24 -3.08 -3.89
C VAL A 65 -1.70 -4.40 -3.25
N LEU A 66 -3.01 -4.49 -2.98
CA LEU A 66 -3.67 -5.78 -2.83
C LEU A 66 -3.90 -6.30 -4.25
N SER A 67 -3.12 -7.31 -4.66
CA SER A 67 -3.09 -7.75 -6.06
C SER A 67 -4.53 -7.98 -6.59
N SER A 68 -4.87 -7.48 -7.79
CA SER A 68 -6.24 -7.58 -8.28
C SER A 68 -6.49 -8.96 -8.88
N LEU A 69 -6.49 -9.97 -8.02
CA LEU A 69 -6.66 -11.35 -8.46
C LEU A 69 -8.13 -11.75 -8.36
N HIS A 70 -8.55 -12.61 -9.26
CA HIS A 70 -9.94 -13.02 -9.32
C HIS A 70 -10.21 -14.16 -8.33
N HIS A 71 -10.54 -13.80 -7.11
CA HIS A 71 -10.86 -14.77 -6.08
C HIS A 71 -12.36 -15.04 -6.04
N HIS A 72 -12.89 -15.51 -7.16
CA HIS A 72 -14.31 -15.83 -7.26
C HIS A 72 -14.49 -17.33 -7.43
N HIS A 73 -15.75 -17.78 -7.28
CA HIS A 73 -16.11 -19.20 -7.43
C HIS A 73 -15.57 -20.04 -6.28
N HIS A 74 -14.94 -19.38 -5.32
CA HIS A 74 -14.36 -20.04 -4.15
C HIS A 74 -13.36 -21.13 -4.55
N HIS A 75 -12.51 -20.83 -5.51
CA HIS A 75 -11.56 -21.82 -6.00
C HIS A 75 -10.25 -21.74 -5.23
N MET A 1 14.71 -0.32 8.69
CA MET A 1 13.42 0.38 8.76
C MET A 1 12.37 -0.36 7.93
N CYS A 2 12.50 -0.28 6.60
CA CYS A 2 11.60 -0.97 5.67
C CYS A 2 10.13 -0.62 5.95
N GLU A 3 9.88 0.67 6.13
CA GLU A 3 8.53 1.19 6.32
C GLU A 3 8.59 2.71 6.46
N PHE A 4 7.89 3.39 5.57
CA PHE A 4 7.94 4.86 5.55
C PHE A 4 6.80 5.48 6.34
N ILE A 5 5.89 4.66 6.88
CA ILE A 5 4.81 5.19 7.73
C ILE A 5 5.30 5.49 9.15
N GLU A 6 6.58 5.28 9.43
CA GLU A 6 7.09 5.47 10.78
C GLU A 6 7.72 6.86 10.96
N ASP A 7 6.95 7.86 10.62
CA ASP A 7 7.34 9.26 10.82
C ASP A 7 6.34 9.95 11.72
N SER A 8 5.64 9.15 12.50
CA SER A 8 4.55 9.64 13.35
C SER A 8 5.09 10.31 14.61
N GLU A 9 6.42 10.28 14.78
CA GLU A 9 7.05 10.90 15.93
C GLU A 9 6.85 12.42 15.92
N ASP A 10 7.07 13.02 14.75
CA ASP A 10 6.99 14.47 14.58
C ASP A 10 7.96 15.20 15.51
N ILE A 11 8.98 14.49 15.99
CA ILE A 11 9.96 15.05 16.90
C ILE A 11 11.03 15.80 16.11
N GLN A 12 11.21 15.43 14.85
CA GLN A 12 12.22 16.05 14.01
C GLN A 12 11.80 17.47 13.64
N GLY A 13 10.55 17.80 13.96
CA GLY A 13 10.04 19.14 13.75
C GLY A 13 10.76 20.18 14.58
N LEU A 14 11.39 19.72 15.67
CA LEU A 14 12.19 20.59 16.53
C LEU A 14 11.34 21.69 17.16
N LYS A 15 10.24 21.30 17.78
CA LYS A 15 9.35 22.25 18.42
C LYS A 15 9.89 22.68 19.78
N SER A 16 11.09 22.21 20.10
CA SER A 16 11.75 22.61 21.34
C SER A 16 12.59 23.86 21.11
N LEU A 17 12.84 24.18 19.85
CA LEU A 17 13.62 25.35 19.50
C LEU A 17 12.80 26.28 18.61
N ARG A 18 12.08 25.69 17.69
CA ARG A 18 11.26 26.43 16.76
C ARG A 18 9.78 26.30 17.13
N LYS A 19 9.28 27.26 17.88
CA LYS A 19 7.91 27.19 18.39
C LYS A 19 6.99 28.16 17.64
N SER A 20 7.30 28.41 16.38
CA SER A 20 6.44 29.21 15.53
C SER A 20 5.65 28.33 14.57
N HIS A 21 6.27 27.23 14.12
CA HIS A 21 5.60 26.30 13.21
C HIS A 21 4.87 25.20 13.99
N THR A 22 4.82 25.35 15.31
CA THR A 22 4.13 24.38 16.19
C THR A 22 2.77 23.89 15.64
N SER A 23 1.96 24.76 15.05
CA SER A 23 0.68 24.32 14.48
C SER A 23 0.75 24.30 12.96
N LEU A 24 1.97 24.28 12.44
CA LEU A 24 2.21 24.31 11.01
C LEU A 24 3.08 23.12 10.61
N GLU A 25 2.45 22.05 10.14
CA GLU A 25 3.16 20.86 9.74
C GLU A 25 3.79 21.03 8.36
N ASP A 26 3.34 22.07 7.65
CA ASP A 26 3.87 22.45 6.35
C ASP A 26 3.34 21.53 5.25
N ASP A 27 3.35 22.04 4.03
CA ASP A 27 2.70 21.38 2.90
C ASP A 27 3.58 20.30 2.31
N ASP A 28 4.86 20.34 2.64
CA ASP A 28 5.80 19.38 2.11
C ASP A 28 5.90 18.15 2.99
N ASP A 29 5.80 18.37 4.28
CA ASP A 29 5.80 17.28 5.25
C ASP A 29 4.44 16.59 5.26
N GLY A 30 3.42 17.30 4.76
CA GLY A 30 2.09 16.73 4.67
C GLY A 30 1.94 15.84 3.45
N SER A 31 2.99 15.78 2.63
CA SER A 31 3.00 14.89 1.47
C SER A 31 3.33 13.47 1.92
N ARG A 32 3.63 13.32 3.20
CA ARG A 32 3.95 12.03 3.78
C ARG A 32 3.01 11.74 4.94
N GLY A 33 2.85 10.45 5.26
CA GLY A 33 2.04 10.06 6.39
C GLY A 33 0.55 10.07 6.07
N GLY A 34 0.21 9.76 4.82
CA GLY A 34 -1.18 9.75 4.43
C GLY A 34 -1.67 8.35 4.13
N ASP A 35 -1.31 7.83 2.96
CA ASP A 35 -1.65 6.45 2.61
C ASP A 35 -0.76 5.92 1.48
N CYS A 36 -0.13 6.84 0.75
CA CYS A 36 0.81 6.44 -0.28
C CYS A 36 2.22 6.70 0.22
N GLU A 37 2.78 5.71 0.89
CA GLU A 37 4.05 5.86 1.60
C GLU A 37 4.99 4.80 1.12
N GLY A 38 5.06 4.66 -0.19
CA GLY A 38 5.88 3.64 -0.79
C GLY A 38 5.12 2.35 -0.94
N CYS A 39 4.07 2.39 -1.75
CA CYS A 39 3.25 1.22 -2.00
C CYS A 39 2.35 1.48 -3.21
N SER A 40 1.17 2.02 -2.97
CA SER A 40 0.14 2.18 -4.01
C SER A 40 0.66 2.90 -5.24
N GLY A 41 1.08 4.14 -5.03
CA GLY A 41 1.62 4.91 -6.15
C GLY A 41 3.07 4.60 -6.38
N THR A 42 3.50 3.45 -5.87
CA THR A 42 4.88 3.04 -6.02
C THR A 42 4.98 1.81 -6.93
N ALA A 43 5.89 1.90 -7.89
CA ALA A 43 6.07 0.84 -8.86
C ALA A 43 6.85 -0.32 -8.30
N CYS A 44 6.24 -1.48 -8.40
CA CYS A 44 6.88 -2.73 -8.05
C CYS A 44 7.18 -3.51 -9.31
N SER A 45 8.41 -3.94 -9.45
CA SER A 45 8.73 -4.87 -10.50
C SER A 45 8.48 -6.28 -9.97
N SER A 46 8.65 -6.42 -8.66
CA SER A 46 8.42 -7.70 -8.01
C SER A 46 7.24 -7.63 -7.03
N ASP A 47 6.51 -8.74 -6.95
CA ASP A 47 5.44 -8.93 -5.98
C ASP A 47 5.94 -8.98 -4.55
N ALA A 48 7.11 -9.59 -4.31
CA ALA A 48 7.65 -9.73 -2.98
C ALA A 48 7.84 -8.38 -2.29
N GLN A 49 7.88 -7.32 -3.08
CA GLN A 49 8.05 -5.99 -2.55
C GLN A 49 6.79 -5.57 -1.84
N CYS A 50 5.64 -5.93 -2.41
CA CYS A 50 4.36 -5.60 -1.78
C CYS A 50 4.13 -6.52 -0.61
N ARG A 51 4.58 -7.74 -0.78
CA ARG A 51 4.50 -8.72 0.27
C ARG A 51 5.32 -8.26 1.48
N ALA A 52 6.52 -7.76 1.19
CA ALA A 52 7.40 -7.24 2.23
C ALA A 52 6.94 -5.86 2.71
N ARG A 53 6.19 -5.15 1.87
CA ARG A 53 5.71 -3.81 2.25
C ARG A 53 4.43 -3.90 3.06
N GLY A 54 4.03 -5.11 3.41
CA GLY A 54 2.81 -5.31 4.18
C GLY A 54 1.59 -4.86 3.42
N CYS A 55 1.75 -4.69 2.11
CA CYS A 55 0.65 -4.24 1.27
C CYS A 55 -0.23 -5.43 0.85
N ASP A 56 0.03 -6.04 -0.31
CA ASP A 56 -0.74 -7.22 -0.72
C ASP A 56 -0.20 -7.78 -2.01
N GLY A 57 -0.26 -7.01 -3.09
CA GLY A 57 0.12 -7.57 -4.36
C GLY A 57 0.60 -6.53 -5.34
N CYS A 58 1.62 -6.89 -6.10
CA CYS A 58 2.04 -6.09 -7.22
C CYS A 58 1.07 -6.31 -8.37
N SER A 59 0.62 -5.25 -9.00
CA SER A 59 -0.36 -5.36 -10.06
C SER A 59 0.36 -5.50 -11.41
N THR A 60 -0.32 -6.03 -12.43
CA THR A 60 0.29 -6.24 -13.74
C THR A 60 0.79 -4.96 -14.46
N SER A 61 0.71 -3.79 -13.82
CA SER A 61 1.28 -2.60 -14.41
C SER A 61 2.34 -1.99 -13.48
N GLY A 62 2.88 -2.83 -12.59
CA GLY A 62 3.90 -2.38 -11.68
C GLY A 62 3.43 -1.33 -10.68
N VAL A 63 2.33 -1.61 -10.01
CA VAL A 63 1.88 -0.76 -8.90
C VAL A 63 1.55 -1.64 -7.70
N CYS A 64 1.72 -1.10 -6.50
CA CYS A 64 1.63 -1.91 -5.30
C CYS A 64 0.32 -1.66 -4.58
N VAL A 65 -0.60 -2.62 -4.62
CA VAL A 65 -1.95 -2.38 -4.12
C VAL A 65 -2.53 -3.65 -3.52
N LEU A 66 -3.77 -3.58 -3.07
CA LEU A 66 -4.56 -4.76 -2.82
C LEU A 66 -5.00 -5.31 -4.19
N SER A 67 -4.14 -6.12 -4.79
CA SER A 67 -4.37 -6.58 -6.16
C SER A 67 -5.25 -7.84 -6.16
N SER A 68 -5.67 -8.29 -7.34
CA SER A 68 -6.63 -9.39 -7.44
C SER A 68 -5.92 -10.69 -7.79
N LEU A 69 -5.35 -11.33 -6.79
CA LEU A 69 -4.65 -12.60 -7.00
C LEU A 69 -5.64 -13.68 -7.42
N HIS A 70 -6.85 -13.62 -6.89
CA HIS A 70 -7.88 -14.59 -7.21
C HIS A 70 -8.73 -14.08 -8.37
N HIS A 71 -8.33 -14.44 -9.58
CA HIS A 71 -9.03 -14.00 -10.77
C HIS A 71 -9.48 -15.20 -11.61
N HIS A 72 -10.55 -15.83 -11.15
CA HIS A 72 -11.11 -16.99 -11.83
C HIS A 72 -12.16 -16.54 -12.83
N HIS A 73 -11.86 -16.65 -14.11
CA HIS A 73 -12.74 -16.14 -15.16
C HIS A 73 -13.70 -17.19 -15.68
N HIS A 74 -14.35 -17.90 -14.75
CA HIS A 74 -15.44 -18.82 -15.06
C HIS A 74 -15.04 -19.91 -16.06
N HIS A 75 -13.77 -20.30 -16.05
CA HIS A 75 -13.31 -21.37 -16.93
C HIS A 75 -12.43 -22.34 -16.15
N MET A 1 -18.14 -7.87 14.04
CA MET A 1 -18.63 -6.52 13.66
C MET A 1 -19.00 -5.71 14.91
N CYS A 2 -19.87 -6.27 15.74
CA CYS A 2 -20.34 -5.59 16.94
C CYS A 2 -19.39 -5.82 18.12
N GLU A 3 -18.11 -5.57 17.89
CA GLU A 3 -17.10 -5.66 18.91
C GLU A 3 -15.86 -4.92 18.44
N PHE A 4 -14.79 -4.97 19.21
CA PHE A 4 -13.54 -4.35 18.81
C PHE A 4 -12.56 -5.45 18.46
N ILE A 5 -12.19 -5.53 17.19
CA ILE A 5 -11.25 -6.54 16.73
C ILE A 5 -9.81 -6.20 17.15
N GLU A 6 -9.69 -5.50 18.27
CA GLU A 6 -8.39 -5.01 18.75
C GLU A 6 -7.72 -4.12 17.70
N ASP A 7 -8.50 -3.20 17.16
CA ASP A 7 -8.04 -2.23 16.15
C ASP A 7 -7.00 -1.24 16.72
N SER A 8 -6.44 -1.58 17.87
CA SER A 8 -5.35 -0.84 18.49
C SER A 8 -4.02 -1.25 17.83
N GLU A 9 -4.16 -2.05 16.78
CA GLU A 9 -3.08 -2.72 16.02
C GLU A 9 -1.76 -1.93 15.87
N ASP A 10 -1.79 -0.62 16.01
CA ASP A 10 -0.58 0.17 15.81
C ASP A 10 0.36 0.09 17.01
N ILE A 11 1.06 -1.03 17.16
CA ILE A 11 2.03 -1.17 18.24
C ILE A 11 3.26 -0.29 18.00
N GLN A 12 3.63 -0.12 16.74
CA GLN A 12 4.74 0.77 16.40
C GLN A 12 4.38 2.20 16.74
N GLY A 13 3.09 2.45 16.86
CA GLY A 13 2.61 3.75 17.28
C GLY A 13 2.00 3.70 18.66
N LEU A 14 2.42 2.70 19.45
CA LEU A 14 1.96 2.54 20.83
C LEU A 14 0.52 2.05 20.85
N LYS A 15 0.37 0.74 21.03
CA LYS A 15 -0.95 0.09 20.94
C LYS A 15 -1.96 0.72 21.91
N SER A 16 -1.52 1.02 23.12
CA SER A 16 -2.37 1.72 24.06
C SER A 16 -1.62 2.90 24.66
N LEU A 17 -0.55 2.59 25.37
CA LEU A 17 0.36 3.60 25.85
C LEU A 17 1.79 3.16 25.55
N ARG A 18 2.01 1.89 25.76
CA ARG A 18 3.28 1.24 25.44
C ARG A 18 2.99 -0.11 24.80
N LYS A 19 4.00 -0.73 24.22
CA LYS A 19 3.81 -2.06 23.63
C LYS A 19 4.71 -3.07 24.33
N SER A 20 5.03 -2.79 25.59
CA SER A 20 5.88 -3.65 26.38
C SER A 20 5.04 -4.75 27.06
N HIS A 21 3.73 -4.53 27.16
CA HIS A 21 2.82 -5.51 27.74
C HIS A 21 2.60 -6.71 26.82
N THR A 22 3.37 -6.75 25.73
CA THR A 22 3.20 -7.79 24.69
C THR A 22 3.57 -9.22 25.13
N SER A 23 3.71 -9.48 26.44
CA SER A 23 4.03 -10.81 26.90
C SER A 23 2.83 -11.72 26.77
N LEU A 24 1.65 -11.11 26.84
CA LEU A 24 0.39 -11.80 26.65
C LEU A 24 -0.44 -11.07 25.61
N GLU A 25 0.15 -10.83 24.46
CA GLU A 25 -0.50 -10.12 23.37
C GLU A 25 0.30 -10.34 22.09
N ASP A 26 -0.06 -11.40 21.40
CA ASP A 26 0.62 -11.80 20.18
C ASP A 26 0.53 -10.71 19.12
N ASP A 27 1.60 -10.60 18.33
CA ASP A 27 1.71 -9.57 17.30
C ASP A 27 0.88 -9.97 16.09
N ASP A 28 0.56 -11.25 16.03
CA ASP A 28 -0.21 -11.82 14.94
C ASP A 28 -1.57 -11.17 14.81
N ASP A 29 -2.41 -11.46 15.78
CA ASP A 29 -3.76 -10.92 15.82
C ASP A 29 -3.79 -9.51 16.42
N GLY A 30 -2.68 -9.13 17.04
CA GLY A 30 -2.59 -7.81 17.64
C GLY A 30 -2.35 -6.72 16.61
N SER A 31 -2.09 -7.13 15.37
CA SER A 31 -1.86 -6.19 14.29
C SER A 31 -3.01 -6.20 13.28
N ARG A 32 -4.19 -6.59 13.76
CA ARG A 32 -5.36 -6.67 12.88
C ARG A 32 -6.34 -5.55 13.21
N GLY A 33 -7.27 -5.32 12.30
CA GLY A 33 -8.24 -4.26 12.46
C GLY A 33 -8.49 -3.57 11.13
N GLY A 34 -7.78 -2.48 10.91
CA GLY A 34 -7.82 -1.81 9.64
C GLY A 34 -6.50 -1.97 8.93
N ASP A 35 -6.07 -3.22 8.81
CA ASP A 35 -4.75 -3.57 8.32
C ASP A 35 -4.65 -3.46 6.79
N CYS A 36 -5.24 -2.42 6.25
CA CYS A 36 -5.18 -2.16 4.82
C CYS A 36 -4.32 -0.92 4.56
N GLU A 37 -3.03 -1.14 4.41
CA GLU A 37 -2.09 -0.07 4.11
C GLU A 37 -1.45 -0.31 2.75
N GLY A 38 -2.25 -0.24 1.71
CA GLY A 38 -1.74 -0.41 0.37
C GLY A 38 -0.85 0.75 -0.04
N CYS A 39 0.33 0.44 -0.56
CA CYS A 39 1.30 1.46 -0.91
C CYS A 39 1.12 1.88 -2.36
N SER A 40 -0.11 2.24 -2.69
CA SER A 40 -0.45 2.54 -4.06
C SER A 40 0.19 3.84 -4.50
N GLY A 41 0.59 3.87 -5.75
CA GLY A 41 1.49 4.93 -6.20
C GLY A 41 2.91 4.41 -6.29
N THR A 42 3.22 3.36 -5.52
CA THR A 42 4.53 2.75 -5.60
C THR A 42 4.55 1.69 -6.69
N ALA A 43 5.64 1.64 -7.44
CA ALA A 43 5.75 0.70 -8.53
C ALA A 43 6.55 -0.51 -8.14
N CYS A 44 5.99 -1.65 -8.45
CA CYS A 44 6.64 -2.92 -8.26
C CYS A 44 7.08 -3.51 -9.59
N SER A 45 8.28 -3.99 -9.62
CA SER A 45 8.68 -4.92 -10.64
C SER A 45 8.49 -6.33 -10.11
N SER A 46 8.60 -6.47 -8.78
CA SER A 46 8.40 -7.76 -8.14
C SER A 46 7.16 -7.75 -7.25
N ASP A 47 6.48 -8.88 -7.18
CA ASP A 47 5.34 -9.04 -6.28
C ASP A 47 5.74 -8.95 -4.81
N ALA A 48 6.78 -9.70 -4.42
CA ALA A 48 7.16 -9.82 -3.03
C ALA A 48 7.55 -8.49 -2.39
N GLN A 49 7.92 -7.50 -3.19
CA GLN A 49 8.48 -6.28 -2.64
C GLN A 49 7.39 -5.38 -2.06
N CYS A 50 6.17 -5.50 -2.57
CA CYS A 50 5.06 -4.75 -1.99
C CYS A 50 4.36 -5.62 -0.97
N ARG A 51 4.09 -6.86 -1.39
CA ARG A 51 3.51 -7.87 -0.54
C ARG A 51 4.27 -8.02 0.77
N ALA A 52 5.59 -8.22 0.71
CA ALA A 52 6.38 -8.41 1.91
C ALA A 52 6.70 -7.07 2.56
N ARG A 53 6.34 -5.99 1.87
CA ARG A 53 6.44 -4.67 2.47
C ARG A 53 5.20 -4.38 3.30
N GLY A 54 4.32 -5.37 3.37
CA GLY A 54 3.10 -5.22 4.12
C GLY A 54 2.02 -4.53 3.31
N CYS A 55 2.45 -3.85 2.24
CA CYS A 55 1.52 -3.14 1.36
C CYS A 55 0.33 -4.02 0.96
N ASP A 56 0.58 -5.15 0.25
CA ASP A 56 -0.45 -6.16 -0.04
C ASP A 56 0.09 -6.99 -1.18
N GLY A 57 0.38 -6.33 -2.30
CA GLY A 57 1.00 -7.02 -3.37
C GLY A 57 1.32 -6.14 -4.55
N CYS A 58 1.67 -6.80 -5.61
CA CYS A 58 1.98 -6.18 -6.87
C CYS A 58 0.91 -6.53 -7.89
N SER A 59 0.44 -5.55 -8.62
CA SER A 59 -0.51 -5.81 -9.67
C SER A 59 0.25 -5.96 -10.99
N THR A 60 -0.29 -6.74 -11.93
CA THR A 60 0.39 -7.01 -13.21
C THR A 60 0.72 -5.77 -14.06
N SER A 61 0.49 -4.57 -13.53
CA SER A 61 0.79 -3.35 -14.25
C SER A 61 1.96 -2.61 -13.59
N GLY A 62 2.72 -3.33 -12.77
CA GLY A 62 3.89 -2.74 -12.14
C GLY A 62 3.55 -1.71 -11.08
N VAL A 63 2.53 -1.98 -10.28
CA VAL A 63 2.15 -1.08 -9.19
C VAL A 63 1.91 -1.86 -7.89
N CYS A 64 2.15 -1.19 -6.78
CA CYS A 64 2.12 -1.82 -5.46
C CYS A 64 0.81 -1.47 -4.79
N VAL A 65 -0.04 -2.46 -4.66
CA VAL A 65 -1.46 -2.24 -4.40
C VAL A 65 -2.03 -3.42 -3.64
N LEU A 66 -3.35 -3.42 -3.46
CA LEU A 66 -4.03 -4.64 -3.07
C LEU A 66 -4.03 -5.58 -4.28
N SER A 67 -3.31 -6.69 -4.16
CA SER A 67 -2.93 -7.52 -5.31
C SER A 67 -4.12 -7.85 -6.23
N SER A 68 -3.86 -8.13 -7.51
CA SER A 68 -4.92 -8.42 -8.46
C SER A 68 -5.04 -9.91 -8.68
N LEU A 69 -5.94 -10.54 -7.94
CA LEU A 69 -6.12 -11.98 -8.01
C LEU A 69 -7.09 -12.34 -9.12
N HIS A 70 -7.27 -13.64 -9.33
CA HIS A 70 -8.20 -14.16 -10.35
C HIS A 70 -7.72 -13.78 -11.76
N HIS A 71 -6.88 -14.61 -12.36
CA HIS A 71 -6.48 -14.38 -13.74
C HIS A 71 -7.66 -14.68 -14.65
N HIS A 72 -8.54 -15.55 -14.17
CA HIS A 72 -9.78 -15.84 -14.86
C HIS A 72 -10.89 -14.99 -14.24
N HIS A 73 -11.59 -14.23 -15.07
CA HIS A 73 -12.52 -13.21 -14.60
C HIS A 73 -11.75 -12.10 -13.89
N HIS A 74 -10.68 -11.66 -14.55
CA HIS A 74 -9.81 -10.62 -14.01
C HIS A 74 -10.39 -9.24 -14.27
N HIS A 75 -9.74 -8.22 -13.73
CA HIS A 75 -10.11 -6.85 -13.99
C HIS A 75 -9.48 -6.40 -15.30
N MET A 1 -14.81 -6.22 -10.92
CA MET A 1 -14.14 -5.99 -9.62
C MET A 1 -13.81 -4.52 -9.42
N CYS A 2 -14.86 -3.72 -9.23
CA CYS A 2 -14.70 -2.32 -8.91
C CYS A 2 -14.79 -2.13 -7.40
N GLU A 3 -14.68 -3.24 -6.70
CA GLU A 3 -14.83 -3.27 -5.25
C GLU A 3 -13.51 -2.89 -4.59
N PHE A 4 -13.42 -1.63 -4.17
CA PHE A 4 -12.21 -1.12 -3.54
C PHE A 4 -12.46 -0.88 -2.06
N ILE A 5 -11.71 -1.63 -1.23
CA ILE A 5 -11.84 -1.57 0.25
C ILE A 5 -13.32 -1.57 0.66
N GLU A 6 -14.06 -2.50 0.07
CA GLU A 6 -15.49 -2.59 0.28
C GLU A 6 -15.79 -3.46 1.49
N ASP A 7 -14.84 -4.31 1.84
CA ASP A 7 -15.05 -5.31 2.88
C ASP A 7 -14.95 -4.72 4.29
N SER A 8 -14.99 -3.41 4.38
CA SER A 8 -15.05 -2.74 5.66
C SER A 8 -16.51 -2.66 6.12
N GLU A 9 -17.36 -2.12 5.25
CA GLU A 9 -18.77 -1.98 5.56
C GLU A 9 -19.56 -3.20 5.09
N ASP A 10 -18.98 -3.97 4.18
CA ASP A 10 -19.65 -5.14 3.65
C ASP A 10 -19.28 -6.38 4.45
N ILE A 11 -20.18 -6.77 5.35
CA ILE A 11 -19.98 -7.93 6.21
C ILE A 11 -19.87 -9.23 5.40
N GLN A 12 -20.51 -9.24 4.23
CA GLN A 12 -20.52 -10.39 3.36
C GLN A 12 -19.10 -10.76 2.92
N GLY A 13 -18.27 -9.75 2.71
CA GLY A 13 -16.91 -9.97 2.30
C GLY A 13 -16.14 -10.85 3.26
N LEU A 14 -16.34 -10.61 4.55
CA LEU A 14 -15.67 -11.40 5.58
C LEU A 14 -16.30 -12.80 5.64
N LYS A 15 -17.56 -12.88 5.25
CA LYS A 15 -18.27 -14.17 5.23
C LYS A 15 -17.89 -14.98 3.99
N SER A 16 -17.19 -14.34 3.05
CA SER A 16 -16.82 -14.99 1.80
C SER A 16 -15.50 -15.73 1.95
N LEU A 17 -15.07 -15.93 3.20
CA LEU A 17 -13.89 -16.72 3.50
C LEU A 17 -14.33 -18.07 4.06
N ARG A 18 -15.55 -18.44 3.73
CA ARG A 18 -16.14 -19.71 4.15
C ARG A 18 -15.31 -20.89 3.66
N LYS A 19 -14.88 -21.71 4.61
CA LYS A 19 -14.11 -22.93 4.32
C LYS A 19 -12.75 -22.62 3.73
N SER A 20 -12.28 -21.39 3.93
CA SER A 20 -10.95 -21.01 3.50
C SER A 20 -10.21 -20.27 4.61
N HIS A 21 -10.95 -19.53 5.46
CA HIS A 21 -10.31 -18.78 6.54
C HIS A 21 -9.70 -19.71 7.58
N THR A 22 -10.03 -20.99 7.51
CA THR A 22 -9.38 -21.99 8.37
C THR A 22 -7.85 -22.02 8.21
N SER A 23 -7.34 -22.30 7.01
CA SER A 23 -5.90 -22.27 6.79
C SER A 23 -5.40 -20.84 6.59
N LEU A 24 -6.26 -20.01 6.02
CA LEU A 24 -5.94 -18.59 5.82
C LEU A 24 -6.39 -17.76 7.02
N GLU A 25 -6.21 -18.31 8.21
CA GLU A 25 -6.59 -17.61 9.42
C GLU A 25 -5.43 -16.74 9.89
N ASP A 26 -5.30 -15.59 9.27
CA ASP A 26 -4.21 -14.67 9.58
C ASP A 26 -4.60 -13.25 9.20
N ASP A 27 -3.86 -12.29 9.72
CA ASP A 27 -4.14 -10.89 9.49
C ASP A 27 -3.66 -10.47 8.11
N ASP A 28 -3.01 -11.42 7.44
CA ASP A 28 -2.50 -11.20 6.09
C ASP A 28 -3.64 -10.94 5.13
N ASP A 29 -4.66 -11.77 5.24
CA ASP A 29 -5.86 -11.64 4.41
C ASP A 29 -6.75 -10.52 4.91
N GLY A 30 -6.46 -10.04 6.11
CA GLY A 30 -7.20 -8.94 6.68
C GLY A 30 -6.90 -7.65 5.96
N SER A 31 -5.67 -7.49 5.51
CA SER A 31 -5.25 -6.31 4.77
C SER A 31 -5.65 -6.41 3.30
N ARG A 32 -6.48 -7.40 2.98
CA ARG A 32 -7.02 -7.55 1.64
C ARG A 32 -8.52 -7.34 1.67
N GLY A 33 -8.99 -6.28 1.01
CA GLY A 33 -10.41 -5.99 0.99
C GLY A 33 -10.87 -5.21 2.21
N GLY A 34 -10.69 -5.81 3.39
CA GLY A 34 -11.12 -5.18 4.62
C GLY A 34 -10.30 -3.94 4.97
N ASP A 35 -8.99 -4.10 5.01
CA ASP A 35 -8.10 -2.99 5.32
C ASP A 35 -7.01 -2.87 4.26
N CYS A 36 -7.41 -2.96 3.01
CA CYS A 36 -6.48 -2.88 1.90
C CYS A 36 -6.03 -1.44 1.65
N GLU A 37 -4.88 -1.10 2.21
CA GLU A 37 -4.30 0.19 1.98
C GLU A 37 -2.93 0.02 1.34
N GLY A 38 -2.95 -0.39 0.08
CA GLY A 38 -1.71 -0.52 -0.66
C GLY A 38 -1.11 0.84 -0.93
N CYS A 39 0.19 0.96 -0.72
CA CYS A 39 0.94 2.16 -1.04
C CYS A 39 0.57 2.70 -2.43
N SER A 40 0.29 1.78 -3.36
CA SER A 40 -0.31 2.07 -4.66
C SER A 40 0.61 2.82 -5.61
N GLY A 41 1.07 4.00 -5.20
CA GLY A 41 2.03 4.74 -6.02
C GLY A 41 3.42 4.13 -5.94
N THR A 42 3.49 2.91 -5.43
CA THR A 42 4.76 2.19 -5.35
C THR A 42 4.82 1.13 -6.45
N ALA A 43 5.70 1.34 -7.41
CA ALA A 43 5.87 0.40 -8.51
C ALA A 43 6.81 -0.72 -8.13
N CYS A 44 6.32 -1.92 -8.32
CA CYS A 44 7.07 -3.13 -8.07
C CYS A 44 6.81 -4.12 -9.19
N SER A 45 7.88 -4.61 -9.78
CA SER A 45 7.75 -5.59 -10.85
C SER A 45 7.62 -6.97 -10.22
N SER A 46 8.12 -7.10 -9.00
CA SER A 46 7.93 -8.32 -8.25
C SER A 46 7.04 -8.02 -7.05
N ASP A 47 6.14 -8.96 -6.75
CA ASP A 47 5.24 -8.84 -5.61
C ASP A 47 5.97 -8.93 -4.27
N ALA A 48 7.20 -9.44 -4.25
CA ALA A 48 7.95 -9.52 -3.02
C ALA A 48 8.18 -8.13 -2.42
N GLN A 49 8.09 -7.12 -3.27
CA GLN A 49 8.28 -5.74 -2.84
C GLN A 49 7.11 -5.31 -1.98
N CYS A 50 5.90 -5.69 -2.40
CA CYS A 50 4.71 -5.38 -1.61
C CYS A 50 4.63 -6.27 -0.42
N ARG A 51 4.94 -7.53 -0.65
CA ARG A 51 4.93 -8.50 0.42
C ARG A 51 5.86 -8.06 1.55
N ALA A 52 7.02 -7.57 1.18
CA ALA A 52 7.95 -7.03 2.16
C ALA A 52 7.56 -5.62 2.57
N ARG A 53 6.74 -4.96 1.75
CA ARG A 53 6.30 -3.60 2.03
C ARG A 53 5.24 -3.58 3.12
N GLY A 54 4.63 -4.72 3.37
CA GLY A 54 3.49 -4.75 4.26
C GLY A 54 2.27 -4.15 3.58
N CYS A 55 2.43 -3.86 2.29
CA CYS A 55 1.32 -3.31 1.51
C CYS A 55 0.33 -4.42 1.14
N ASP A 56 0.61 -5.21 0.10
CA ASP A 56 -0.16 -6.42 -0.15
C ASP A 56 0.40 -7.13 -1.36
N GLY A 57 0.22 -6.53 -2.53
CA GLY A 57 0.58 -7.25 -3.73
C GLY A 57 0.86 -6.36 -4.91
N CYS A 58 1.79 -6.80 -5.72
CA CYS A 58 2.10 -6.16 -6.98
C CYS A 58 1.21 -6.76 -8.06
N SER A 59 0.57 -5.92 -8.86
CA SER A 59 -0.43 -6.41 -9.77
C SER A 59 0.07 -6.39 -11.20
N THR A 60 -0.77 -6.81 -12.14
CA THR A 60 -0.45 -6.67 -13.58
C THR A 60 0.19 -5.29 -13.92
N SER A 61 -0.16 -4.24 -13.17
CA SER A 61 0.31 -2.91 -13.51
C SER A 61 1.62 -2.57 -12.80
N GLY A 62 2.20 -3.54 -12.11
CA GLY A 62 3.45 -3.32 -11.41
C GLY A 62 3.33 -2.24 -10.35
N VAL A 63 2.14 -2.11 -9.81
CA VAL A 63 1.86 -1.15 -8.75
C VAL A 63 1.54 -1.91 -7.48
N CYS A 64 1.66 -1.26 -6.33
CA CYS A 64 1.56 -1.97 -5.07
C CYS A 64 0.21 -1.72 -4.43
N VAL A 65 -0.66 -2.71 -4.50
CA VAL A 65 -2.06 -2.52 -4.16
C VAL A 65 -2.61 -3.76 -3.50
N LEU A 66 -3.91 -3.80 -3.30
CA LEU A 66 -4.56 -5.07 -3.08
C LEU A 66 -4.53 -5.83 -4.42
N SER A 67 -3.43 -6.56 -4.62
CA SER A 67 -3.15 -7.25 -5.89
C SER A 67 -4.36 -8.01 -6.43
N SER A 68 -4.98 -7.50 -7.50
CA SER A 68 -5.97 -8.25 -8.24
C SER A 68 -5.37 -8.70 -9.56
N LEU A 69 -5.08 -9.99 -9.68
CA LEU A 69 -4.50 -10.54 -10.89
C LEU A 69 -5.58 -10.88 -11.90
N HIS A 70 -6.80 -10.42 -11.62
CA HIS A 70 -7.89 -10.54 -12.57
C HIS A 70 -7.54 -9.78 -13.84
N HIS A 71 -7.68 -10.46 -14.97
CA HIS A 71 -7.30 -9.89 -16.26
C HIS A 71 -8.30 -8.83 -16.72
N HIS A 72 -8.22 -7.66 -16.13
CA HIS A 72 -9.01 -6.53 -16.57
C HIS A 72 -8.15 -5.58 -17.39
N HIS A 73 -6.89 -5.46 -16.99
CA HIS A 73 -5.90 -4.72 -17.76
C HIS A 73 -5.40 -5.59 -18.91
N HIS A 74 -5.99 -5.42 -20.08
CA HIS A 74 -5.59 -6.18 -21.25
C HIS A 74 -4.51 -5.42 -22.00
N HIS A 75 -4.92 -4.36 -22.68
CA HIS A 75 -4.01 -3.52 -23.44
C HIS A 75 -4.52 -2.10 -23.45
N MET A 1 -17.64 -2.61 18.34
CA MET A 1 -17.67 -3.58 19.47
C MET A 1 -16.57 -4.62 19.32
N CYS A 2 -16.36 -5.11 18.10
CA CYS A 2 -15.34 -6.12 17.86
C CYS A 2 -14.26 -5.59 16.94
N GLU A 3 -13.89 -4.33 17.13
CA GLU A 3 -12.89 -3.70 16.30
C GLU A 3 -11.99 -2.79 17.15
N PHE A 4 -10.84 -3.32 17.52
CA PHE A 4 -9.86 -2.57 18.30
C PHE A 4 -8.49 -2.72 17.66
N ILE A 5 -8.47 -2.61 16.33
CA ILE A 5 -7.23 -2.85 15.54
C ILE A 5 -6.85 -4.35 15.54
N GLU A 6 -7.47 -5.09 16.47
CA GLU A 6 -7.22 -6.52 16.64
C GLU A 6 -5.80 -6.76 17.13
N ASP A 7 -5.20 -5.67 17.60
CA ASP A 7 -3.85 -5.70 18.13
C ASP A 7 -3.89 -5.65 19.65
N SER A 8 -5.02 -5.20 20.16
CA SER A 8 -5.21 -5.01 21.59
C SER A 8 -5.56 -6.34 22.28
N GLU A 9 -5.70 -7.39 21.48
CA GLU A 9 -6.05 -8.70 22.01
C GLU A 9 -4.84 -9.41 22.61
N ASP A 10 -3.65 -9.05 22.11
CA ASP A 10 -2.38 -9.63 22.60
C ASP A 10 -2.21 -11.09 22.13
N ILE A 11 -3.30 -11.68 21.64
CA ILE A 11 -3.32 -13.07 21.21
C ILE A 11 -2.47 -13.28 19.95
N GLN A 12 -2.07 -12.19 19.30
CA GLN A 12 -1.23 -12.30 18.13
C GLN A 12 0.22 -12.60 18.51
N GLY A 13 0.62 -12.11 19.68
CA GLY A 13 1.96 -12.38 20.17
C GLY A 13 2.09 -13.78 20.71
N LEU A 14 0.97 -14.30 21.19
CA LEU A 14 0.89 -15.67 21.67
C LEU A 14 -0.14 -16.43 20.84
N LYS A 15 0.11 -16.54 19.54
CA LYS A 15 -0.87 -17.10 18.61
C LYS A 15 -0.96 -18.62 18.74
N SER A 16 -0.27 -19.17 19.71
CA SER A 16 -0.43 -20.57 20.07
C SER A 16 -1.70 -20.75 20.89
N LEU A 17 -2.19 -19.63 21.41
CA LEU A 17 -3.46 -19.58 22.14
C LEU A 17 -4.52 -18.91 21.29
N ARG A 18 -4.31 -18.99 19.98
CA ARG A 18 -5.23 -18.41 19.00
C ARG A 18 -6.69 -18.75 19.29
N LYS A 19 -7.41 -17.79 19.84
CA LYS A 19 -8.84 -17.96 20.13
C LYS A 19 -9.63 -16.85 19.44
N SER A 20 -8.92 -16.03 18.68
CA SER A 20 -9.49 -14.88 18.00
C SER A 20 -9.15 -14.95 16.50
N HIS A 21 -7.85 -14.90 16.21
CA HIS A 21 -7.35 -15.00 14.85
C HIS A 21 -7.30 -16.45 14.38
N THR A 22 -7.88 -17.34 15.18
CA THR A 22 -7.91 -18.79 14.89
C THR A 22 -8.17 -19.13 13.41
N SER A 23 -9.15 -18.48 12.76
CA SER A 23 -9.49 -18.82 11.39
C SER A 23 -8.87 -17.80 10.42
N LEU A 24 -7.90 -17.05 10.91
CA LEU A 24 -7.24 -16.03 10.12
C LEU A 24 -5.74 -16.32 10.01
N GLU A 25 -5.40 -17.59 9.83
CA GLU A 25 -4.01 -17.97 9.67
C GLU A 25 -3.66 -18.04 8.19
N ASP A 26 -3.52 -16.88 7.58
CA ASP A 26 -3.08 -16.78 6.21
C ASP A 26 -2.11 -15.62 6.08
N ASP A 27 -1.30 -15.64 5.04
CA ASP A 27 -0.20 -14.70 4.89
C ASP A 27 -0.70 -13.31 4.50
N ASP A 28 -2.00 -13.16 4.38
CA ASP A 28 -2.60 -11.87 4.06
C ASP A 28 -2.60 -10.99 5.28
N ASP A 29 -2.83 -11.60 6.43
CA ASP A 29 -2.93 -10.89 7.71
C ASP A 29 -3.68 -9.57 7.58
N GLY A 30 -4.83 -9.62 6.89
CA GLY A 30 -5.68 -8.45 6.79
C GLY A 30 -6.43 -8.21 8.08
N SER A 31 -6.53 -9.26 8.88
CA SER A 31 -7.16 -9.17 10.19
C SER A 31 -6.19 -8.59 11.21
N ARG A 32 -4.97 -8.34 10.77
CA ARG A 32 -3.97 -7.69 11.61
C ARG A 32 -3.97 -6.20 11.30
N GLY A 33 -4.66 -5.43 12.13
CA GLY A 33 -4.87 -4.03 11.85
C GLY A 33 -6.31 -3.77 11.48
N GLY A 34 -6.76 -4.45 10.42
CA GLY A 34 -8.14 -4.35 10.01
C GLY A 34 -8.47 -2.99 9.42
N ASP A 35 -7.54 -2.46 8.63
CA ASP A 35 -7.71 -1.14 8.05
C ASP A 35 -7.18 -1.13 6.62
N CYS A 36 -7.57 -0.13 5.84
CA CYS A 36 -7.12 -0.04 4.46
C CYS A 36 -6.13 1.11 4.32
N GLU A 37 -4.86 0.80 4.50
CA GLU A 37 -3.80 1.77 4.37
C GLU A 37 -2.50 1.06 4.05
N GLY A 38 -2.45 0.52 2.84
CA GLY A 38 -1.24 -0.14 2.38
C GLY A 38 -0.16 0.88 2.03
N CYS A 39 0.22 0.92 0.77
CA CYS A 39 1.23 1.88 0.31
C CYS A 39 1.23 1.91 -1.20
N SER A 40 0.20 2.54 -1.73
CA SER A 40 -0.08 2.46 -3.14
C SER A 40 0.47 3.67 -3.88
N GLY A 41 0.71 3.50 -5.17
CA GLY A 41 1.41 4.55 -5.92
C GLY A 41 2.84 4.14 -6.23
N THR A 42 3.42 3.33 -5.34
CA THR A 42 4.76 2.80 -5.57
C THR A 42 4.71 1.73 -6.66
N ALA A 43 5.86 1.43 -7.24
CA ALA A 43 5.94 0.46 -8.32
C ALA A 43 6.87 -0.69 -7.98
N CYS A 44 6.28 -1.86 -7.81
CA CYS A 44 7.03 -3.10 -7.71
C CYS A 44 6.86 -3.91 -8.97
N SER A 45 7.97 -4.31 -9.56
CA SER A 45 7.93 -5.16 -10.74
C SER A 45 7.77 -6.60 -10.27
N SER A 46 8.21 -6.85 -9.05
CA SER A 46 7.99 -8.13 -8.43
C SER A 46 7.04 -7.97 -7.25
N ASP A 47 6.18 -8.96 -7.08
CA ASP A 47 5.18 -9.01 -6.03
C ASP A 47 5.80 -9.00 -4.64
N ALA A 48 6.78 -9.87 -4.39
CA ALA A 48 7.41 -10.02 -3.09
C ALA A 48 7.92 -8.70 -2.51
N GLN A 49 8.07 -7.69 -3.36
CA GLN A 49 8.62 -6.43 -2.91
C GLN A 49 7.60 -5.64 -2.10
N CYS A 50 6.47 -5.33 -2.71
CA CYS A 50 5.49 -4.48 -2.05
C CYS A 50 4.48 -5.32 -1.29
N ARG A 51 4.21 -6.52 -1.80
CA ARG A 51 3.46 -7.53 -1.05
C ARG A 51 4.09 -7.72 0.33
N ALA A 52 5.42 -7.84 0.39
CA ALA A 52 6.09 -8.01 1.68
C ALA A 52 6.26 -6.66 2.37
N ARG A 53 6.14 -5.59 1.59
CA ARG A 53 6.27 -4.24 2.12
C ARG A 53 4.95 -3.74 2.70
N GLY A 54 4.04 -4.67 2.93
CA GLY A 54 2.78 -4.32 3.56
C GLY A 54 1.77 -3.77 2.58
N CYS A 55 2.24 -3.29 1.42
CA CYS A 55 1.33 -2.79 0.39
C CYS A 55 0.19 -3.78 0.09
N ASP A 56 0.53 -5.05 -0.27
CA ASP A 56 -0.38 -6.22 -0.25
C ASP A 56 -0.08 -7.09 -1.45
N GLY A 57 0.14 -6.47 -2.61
CA GLY A 57 0.56 -7.20 -3.76
C GLY A 57 1.01 -6.28 -4.87
N CYS A 58 1.49 -6.88 -5.92
CA CYS A 58 1.87 -6.14 -7.11
C CYS A 58 1.01 -6.58 -8.28
N SER A 59 0.46 -5.62 -8.99
CA SER A 59 -0.46 -5.94 -10.08
C SER A 59 0.26 -5.86 -11.41
N THR A 60 -0.36 -6.38 -12.48
CA THR A 60 0.28 -6.45 -13.81
C THR A 60 1.05 -5.18 -14.23
N SER A 61 0.59 -3.99 -13.83
CA SER A 61 1.22 -2.74 -14.25
C SER A 61 2.50 -2.47 -13.46
N GLY A 62 2.82 -3.36 -12.52
CA GLY A 62 4.01 -3.21 -11.72
C GLY A 62 3.86 -2.16 -10.65
N VAL A 63 2.69 -2.14 -10.03
CA VAL A 63 2.40 -1.15 -8.99
C VAL A 63 2.11 -1.85 -7.66
N CYS A 64 2.22 -1.10 -6.56
CA CYS A 64 2.09 -1.68 -5.23
C CYS A 64 0.71 -1.37 -4.69
N VAL A 65 -0.05 -2.43 -4.47
CA VAL A 65 -1.50 -2.33 -4.27
C VAL A 65 -2.01 -3.52 -3.48
N LEU A 66 -3.33 -3.65 -3.36
CA LEU A 66 -3.94 -4.94 -3.07
C LEU A 66 -3.97 -5.75 -4.37
N SER A 67 -3.18 -6.83 -4.44
CA SER A 67 -2.93 -7.53 -5.71
C SER A 67 -4.22 -8.07 -6.36
N SER A 68 -4.13 -8.48 -7.63
CA SER A 68 -5.27 -8.99 -8.35
C SER A 68 -5.24 -10.51 -8.34
N LEU A 69 -5.62 -11.10 -7.21
CA LEU A 69 -5.67 -12.56 -7.09
C LEU A 69 -6.69 -13.12 -8.08
N HIS A 70 -7.68 -12.31 -8.42
CA HIS A 70 -8.62 -12.65 -9.47
C HIS A 70 -8.71 -11.51 -10.48
N HIS A 71 -9.26 -10.39 -10.05
CA HIS A 71 -9.39 -9.21 -10.89
C HIS A 71 -9.76 -8.02 -10.03
N HIS A 72 -8.94 -6.99 -10.05
CA HIS A 72 -9.17 -5.80 -9.23
C HIS A 72 -10.28 -4.94 -9.82
N HIS A 73 -11.08 -4.34 -8.96
CA HIS A 73 -12.18 -3.47 -9.40
C HIS A 73 -12.14 -2.14 -8.66
N HIS A 74 -12.54 -1.08 -9.34
CA HIS A 74 -12.68 0.22 -8.72
C HIS A 74 -13.83 0.99 -9.35
N HIS A 75 -14.60 1.68 -8.52
CA HIS A 75 -15.76 2.42 -9.00
C HIS A 75 -15.59 3.91 -8.74
N MET A 1 13.78 9.65 -8.84
CA MET A 1 14.97 10.43 -9.27
C MET A 1 15.39 11.40 -8.18
N CYS A 2 16.69 11.69 -8.13
CA CYS A 2 17.26 12.67 -7.21
C CYS A 2 17.13 12.21 -5.75
N GLU A 3 17.65 12.99 -4.82
CA GLU A 3 17.51 12.70 -3.41
C GLU A 3 16.07 12.95 -2.99
N PHE A 4 15.63 14.19 -3.18
CA PHE A 4 14.25 14.56 -2.89
C PHE A 4 13.61 15.06 -4.16
N ILE A 5 12.60 14.34 -4.63
CA ILE A 5 11.88 14.75 -5.85
C ILE A 5 10.96 15.94 -5.55
N GLU A 6 11.55 16.96 -4.94
CA GLU A 6 10.82 18.13 -4.51
C GLU A 6 10.62 19.10 -5.69
N ASP A 7 9.99 18.59 -6.72
CA ASP A 7 9.66 19.39 -7.91
C ASP A 7 8.46 20.28 -7.64
N SER A 8 7.93 20.19 -6.42
CA SER A 8 6.81 21.03 -6.00
C SER A 8 7.16 22.52 -6.11
N GLU A 9 8.45 22.81 -6.01
CA GLU A 9 8.95 24.18 -6.06
C GLU A 9 9.29 24.62 -7.48
N ASP A 10 8.85 23.83 -8.45
CA ASP A 10 9.20 24.01 -9.87
C ASP A 10 9.01 25.47 -10.35
N ILE A 11 10.09 26.23 -10.23
CA ILE A 11 10.13 27.62 -10.69
C ILE A 11 9.80 27.70 -12.19
N GLN A 12 10.33 26.75 -12.95
CA GLN A 12 10.15 26.72 -14.38
C GLN A 12 8.70 26.46 -14.75
N GLY A 13 7.95 25.86 -13.85
CA GLY A 13 6.53 25.62 -14.08
C GLY A 13 5.68 26.80 -13.64
N LEU A 14 6.35 27.93 -13.42
CA LEU A 14 5.69 29.17 -12.99
C LEU A 14 5.06 28.98 -11.61
N LYS A 15 5.55 28.00 -10.88
CA LYS A 15 5.00 27.67 -9.56
C LYS A 15 5.37 28.75 -8.54
N SER A 16 6.38 29.55 -8.88
CA SER A 16 6.86 30.60 -7.99
C SER A 16 5.93 31.81 -8.02
N LEU A 17 4.92 31.77 -8.89
CA LEU A 17 3.96 32.86 -9.01
C LEU A 17 2.85 32.68 -7.99
N ARG A 18 2.65 31.44 -7.57
CA ARG A 18 1.59 31.12 -6.62
C ARG A 18 2.18 30.83 -5.25
N LYS A 19 1.81 31.63 -4.27
CA LYS A 19 2.30 31.45 -2.91
C LYS A 19 1.25 30.73 -2.07
N SER A 20 0.63 29.73 -2.67
CA SER A 20 -0.38 28.94 -1.98
C SER A 20 0.19 27.58 -1.55
N HIS A 21 1.04 27.00 -2.42
CA HIS A 21 1.63 25.68 -2.13
C HIS A 21 2.74 25.76 -1.09
N THR A 22 2.93 26.94 -0.52
CA THR A 22 4.00 27.16 0.46
C THR A 22 3.76 26.51 1.83
N SER A 23 2.80 25.58 1.96
CA SER A 23 2.54 24.95 3.24
C SER A 23 3.20 23.56 3.30
N LEU A 24 3.73 23.13 2.15
CA LEU A 24 4.48 21.86 2.04
C LEU A 24 3.56 20.64 2.10
N GLU A 25 2.31 20.86 2.48
CA GLU A 25 1.33 19.80 2.59
C GLU A 25 0.18 20.05 1.63
N ASP A 26 0.46 20.82 0.59
CA ASP A 26 -0.56 21.21 -0.36
C ASP A 26 -0.74 20.15 -1.43
N ASP A 27 -1.89 20.20 -2.08
CA ASP A 27 -2.29 19.20 -3.06
C ASP A 27 -1.82 19.58 -4.46
N ASP A 28 -1.09 20.70 -4.53
CA ASP A 28 -0.56 21.23 -5.80
C ASP A 28 -0.13 20.14 -6.76
N ASP A 29 0.96 19.48 -6.40
CA ASP A 29 1.49 18.34 -7.15
C ASP A 29 1.48 18.63 -8.67
N GLY A 30 1.96 19.82 -9.03
CA GLY A 30 2.01 20.21 -10.42
C GLY A 30 2.81 19.24 -11.25
N SER A 31 4.11 19.24 -11.04
CA SER A 31 4.99 18.29 -11.67
C SER A 31 5.08 17.03 -10.83
N ARG A 32 5.50 17.21 -9.59
CA ARG A 32 5.61 16.12 -8.65
C ARG A 32 5.79 16.66 -7.23
N GLY A 33 4.71 16.69 -6.47
CA GLY A 33 4.77 17.14 -5.09
C GLY A 33 4.98 15.98 -4.14
N GLY A 34 6.11 15.30 -4.30
CA GLY A 34 6.37 14.09 -3.55
C GLY A 34 5.90 12.87 -4.33
N ASP A 35 6.64 11.75 -4.28
CA ASP A 35 6.30 10.60 -5.12
C ASP A 35 6.20 9.32 -4.28
N CYS A 36 6.73 9.35 -3.07
CA CYS A 36 6.69 8.17 -2.20
C CYS A 36 5.31 8.04 -1.56
N GLU A 37 4.43 7.34 -2.25
CA GLU A 37 3.07 7.14 -1.77
C GLU A 37 3.06 6.00 -0.74
N GLY A 38 3.54 4.83 -1.14
CA GLY A 38 3.77 3.75 -0.18
C GLY A 38 3.00 2.48 -0.48
N CYS A 39 1.82 2.58 -1.09
CA CYS A 39 0.98 1.41 -1.31
C CYS A 39 -0.06 1.66 -2.40
N SER A 40 0.42 1.85 -3.64
CA SER A 40 -0.40 2.17 -4.81
C SER A 40 0.42 2.99 -5.76
N GLY A 41 0.93 4.09 -5.25
CA GLY A 41 1.83 4.92 -6.03
C GLY A 41 3.27 4.49 -5.85
N THR A 42 3.44 3.21 -5.55
CA THR A 42 4.76 2.61 -5.46
C THR A 42 4.87 1.47 -6.45
N ALA A 43 5.89 1.50 -7.28
CA ALA A 43 6.02 0.56 -8.38
C ALA A 43 6.84 -0.66 -7.99
N CYS A 44 6.23 -1.80 -8.20
CA CYS A 44 6.87 -3.08 -8.00
C CYS A 44 7.15 -3.75 -9.34
N SER A 45 8.35 -4.23 -9.50
CA SER A 45 8.62 -5.18 -10.55
C SER A 45 8.48 -6.57 -9.97
N SER A 46 8.72 -6.68 -8.66
CA SER A 46 8.60 -7.94 -7.98
C SER A 46 7.45 -7.90 -6.98
N ASP A 47 6.77 -9.02 -6.82
CA ASP A 47 5.74 -9.17 -5.81
C ASP A 47 6.27 -9.05 -4.39
N ALA A 48 7.47 -9.59 -4.12
CA ALA A 48 8.04 -9.56 -2.79
C ALA A 48 8.16 -8.14 -2.24
N GLN A 49 8.20 -7.17 -3.14
CA GLN A 49 8.36 -5.77 -2.75
C GLN A 49 7.10 -5.26 -2.10
N CYS A 50 5.96 -5.73 -2.58
CA CYS A 50 4.68 -5.36 -1.99
C CYS A 50 4.36 -6.28 -0.84
N ARG A 51 4.82 -7.53 -0.94
CA ARG A 51 4.68 -8.50 0.13
C ARG A 51 5.38 -7.98 1.37
N ALA A 52 6.62 -7.54 1.20
CA ALA A 52 7.39 -6.95 2.27
C ALA A 52 6.93 -5.52 2.54
N ARG A 53 6.19 -4.95 1.59
CA ARG A 53 5.68 -3.59 1.74
C ARG A 53 4.55 -3.54 2.76
N GLY A 54 4.04 -4.72 3.10
CA GLY A 54 2.86 -4.78 3.93
C GLY A 54 1.63 -4.50 3.11
N CYS A 55 1.86 -4.25 1.82
CA CYS A 55 0.77 -4.00 0.88
C CYS A 55 -0.05 -5.28 0.63
N ASP A 56 0.35 -6.13 -0.33
CA ASP A 56 -0.40 -7.33 -0.66
C ASP A 56 0.17 -8.01 -1.88
N GLY A 57 0.25 -7.30 -2.99
CA GLY A 57 0.75 -7.92 -4.19
C GLY A 57 1.08 -6.92 -5.27
N CYS A 58 1.91 -7.35 -6.20
CA CYS A 58 2.22 -6.54 -7.37
C CYS A 58 1.10 -6.70 -8.38
N SER A 59 0.55 -5.60 -8.86
CA SER A 59 -0.56 -5.68 -9.78
C SER A 59 -0.06 -5.98 -11.19
N THR A 60 -0.97 -6.24 -12.12
CA THR A 60 -0.59 -6.32 -13.52
C THR A 60 -0.01 -5.01 -14.10
N SER A 61 0.13 -3.95 -13.28
CA SER A 61 0.65 -2.69 -13.78
C SER A 61 1.91 -2.24 -13.03
N GLY A 62 2.59 -3.16 -12.35
CA GLY A 62 3.77 -2.82 -11.60
C GLY A 62 3.54 -1.77 -10.52
N VAL A 63 2.44 -1.91 -9.78
CA VAL A 63 2.19 -1.02 -8.65
C VAL A 63 1.94 -1.85 -7.39
N CYS A 64 2.12 -1.24 -6.24
CA CYS A 64 2.13 -2.00 -4.97
C CYS A 64 0.81 -1.81 -4.28
N VAL A 65 -0.03 -2.83 -4.32
CA VAL A 65 -1.42 -2.67 -3.95
C VAL A 65 -2.01 -3.96 -3.43
N LEU A 66 -3.29 -3.90 -3.10
CA LEU A 66 -4.09 -5.09 -3.04
C LEU A 66 -4.33 -5.53 -4.50
N SER A 67 -3.39 -6.32 -5.01
CA SER A 67 -3.36 -6.72 -6.44
C SER A 67 -4.70 -7.38 -6.84
N SER A 68 -5.03 -7.37 -8.13
CA SER A 68 -6.30 -7.94 -8.58
C SER A 68 -6.19 -9.44 -8.73
N LEU A 69 -5.99 -10.12 -7.60
CA LEU A 69 -5.78 -11.56 -7.60
C LEU A 69 -7.11 -12.29 -7.49
N HIS A 70 -7.66 -12.67 -8.63
CA HIS A 70 -8.83 -13.53 -8.65
C HIS A 70 -8.37 -14.97 -8.49
N HIS A 71 -7.90 -15.28 -7.29
CA HIS A 71 -7.19 -16.53 -7.01
C HIS A 71 -7.93 -17.74 -7.57
N HIS A 72 -7.33 -18.37 -8.58
CA HIS A 72 -7.87 -19.58 -9.16
C HIS A 72 -6.75 -20.54 -9.55
N HIS A 73 -5.60 -20.38 -8.92
CA HIS A 73 -4.48 -21.28 -9.15
C HIS A 73 -4.76 -22.62 -8.49
N HIS A 74 -4.71 -23.68 -9.27
CA HIS A 74 -4.97 -25.01 -8.75
C HIS A 74 -3.66 -25.76 -8.56
N HIS A 75 -2.60 -25.23 -9.15
CA HIS A 75 -1.27 -25.80 -9.03
C HIS A 75 -0.28 -24.72 -8.66
N MET A 1 -18.04 7.11 4.49
CA MET A 1 -17.26 5.94 4.05
C MET A 1 -16.65 6.20 2.68
N CYS A 2 -15.66 5.41 2.31
CA CYS A 2 -14.96 5.59 1.04
C CYS A 2 -15.20 4.39 0.14
N GLU A 3 -16.46 4.15 -0.21
CA GLU A 3 -16.82 3.03 -1.05
C GLU A 3 -16.62 3.37 -2.53
N PHE A 4 -16.79 4.64 -2.86
CA PHE A 4 -16.60 5.08 -4.23
C PHE A 4 -15.12 5.18 -4.59
N ILE A 5 -14.26 5.14 -3.57
CA ILE A 5 -12.81 5.22 -3.78
C ILE A 5 -12.23 3.86 -4.24
N GLU A 6 -13.10 2.91 -4.56
CA GLU A 6 -12.63 1.60 -5.02
C GLU A 6 -12.50 1.59 -6.53
N ASP A 7 -12.26 2.77 -7.08
CA ASP A 7 -12.18 2.97 -8.52
C ASP A 7 -10.73 2.81 -9.01
N SER A 8 -9.93 2.11 -8.21
CA SER A 8 -8.50 1.93 -8.49
C SER A 8 -8.28 1.38 -9.90
N GLU A 9 -9.08 0.40 -10.29
CA GLU A 9 -8.92 -0.27 -11.58
C GLU A 9 -9.19 0.68 -12.75
N ASP A 10 -10.16 1.58 -12.58
CA ASP A 10 -10.53 2.48 -13.66
C ASP A 10 -9.86 3.84 -13.53
N ILE A 11 -8.99 3.99 -12.54
CA ILE A 11 -8.10 5.15 -12.48
C ILE A 11 -7.15 5.10 -13.66
N GLN A 12 -6.68 3.89 -13.95
CA GLN A 12 -5.79 3.62 -15.05
C GLN A 12 -6.49 3.91 -16.39
N GLY A 13 -7.82 3.92 -16.36
CA GLY A 13 -8.59 4.23 -17.54
C GLY A 13 -8.69 5.73 -17.79
N LEU A 14 -7.90 6.48 -17.01
CA LEU A 14 -7.79 7.94 -17.18
C LEU A 14 -9.09 8.64 -16.81
N LYS A 15 -9.78 8.12 -15.78
CA LYS A 15 -10.99 8.78 -15.28
C LYS A 15 -10.63 10.12 -14.66
N SER A 16 -9.38 10.27 -14.26
CA SER A 16 -8.90 11.50 -13.65
C SER A 16 -8.68 12.57 -14.74
N LEU A 17 -8.70 12.14 -15.99
CA LEU A 17 -8.59 13.06 -17.12
C LEU A 17 -9.97 13.64 -17.43
N ARG A 18 -10.98 13.10 -16.77
CA ARG A 18 -12.35 13.52 -16.99
C ARG A 18 -12.78 14.54 -15.95
N LYS A 19 -12.69 15.82 -16.32
CA LYS A 19 -13.17 16.93 -15.49
C LYS A 19 -12.46 16.99 -14.14
N SER A 20 -11.26 16.44 -14.05
CA SER A 20 -10.55 16.41 -12.78
C SER A 20 -9.26 17.23 -12.85
N HIS A 21 -8.19 16.64 -13.37
CA HIS A 21 -6.93 17.37 -13.47
C HIS A 21 -6.81 18.02 -14.85
N THR A 22 -7.82 17.80 -15.67
CA THR A 22 -7.86 18.37 -17.02
C THR A 22 -7.65 19.91 -17.03
N SER A 23 -8.36 20.67 -16.19
CA SER A 23 -8.20 22.12 -16.17
C SER A 23 -8.25 22.68 -14.74
N LEU A 24 -8.74 21.89 -13.79
CA LEU A 24 -8.87 22.36 -12.42
C LEU A 24 -7.76 21.83 -11.51
N GLU A 25 -7.55 20.51 -11.53
CA GLU A 25 -6.53 19.88 -10.69
C GLU A 25 -6.79 20.17 -9.21
N ASP A 26 -7.64 19.35 -8.60
CA ASP A 26 -8.02 19.53 -7.20
C ASP A 26 -7.34 18.46 -6.35
N ASP A 27 -7.42 18.60 -5.04
CA ASP A 27 -6.77 17.67 -4.14
C ASP A 27 -7.58 16.39 -4.01
N ASP A 28 -8.77 16.39 -4.57
CA ASP A 28 -9.61 15.19 -4.59
C ASP A 28 -9.05 14.18 -5.57
N ASP A 29 -8.92 14.62 -6.81
CA ASP A 29 -8.37 13.78 -7.86
C ASP A 29 -6.86 13.66 -7.69
N GLY A 30 -6.29 14.58 -6.93
CA GLY A 30 -4.89 14.49 -6.55
C GLY A 30 -4.67 13.38 -5.55
N SER A 31 -5.62 13.20 -4.65
CA SER A 31 -5.53 12.14 -3.64
C SER A 31 -6.21 10.87 -4.15
N ARG A 32 -6.34 10.77 -5.47
CA ARG A 32 -6.97 9.62 -6.12
C ARG A 32 -6.36 8.32 -5.62
N GLY A 33 -7.19 7.32 -5.39
CA GLY A 33 -6.73 6.06 -4.85
C GLY A 33 -7.07 5.93 -3.38
N GLY A 34 -6.71 6.94 -2.60
CA GLY A 34 -7.06 6.96 -1.19
C GLY A 34 -6.03 6.28 -0.31
N ASP A 35 -5.13 5.51 -0.91
CA ASP A 35 -4.11 4.80 -0.17
C ASP A 35 -2.75 4.91 -0.84
N CYS A 36 -2.53 6.03 -1.53
CA CYS A 36 -1.26 6.22 -2.25
C CYS A 36 -0.21 6.81 -1.32
N GLU A 37 0.49 5.93 -0.63
CA GLU A 37 1.60 6.33 0.23
C GLU A 37 2.34 5.07 0.69
N GLY A 38 2.95 4.36 -0.25
CA GLY A 38 3.65 3.14 0.08
C GLY A 38 3.02 1.98 -0.67
N CYS A 39 1.77 2.19 -1.02
CA CYS A 39 1.02 1.27 -1.82
C CYS A 39 0.36 2.07 -2.92
N SER A 40 0.37 1.52 -4.11
CA SER A 40 -0.34 2.04 -5.28
C SER A 40 0.46 3.15 -5.93
N GLY A 41 0.95 4.08 -5.13
CA GLY A 41 1.91 5.04 -5.63
C GLY A 41 3.34 4.54 -5.50
N THR A 42 3.49 3.23 -5.32
CA THR A 42 4.80 2.62 -5.25
C THR A 42 4.88 1.51 -6.28
N ALA A 43 5.85 1.61 -7.17
CA ALA A 43 5.98 0.69 -8.27
C ALA A 43 6.74 -0.56 -7.87
N CYS A 44 6.12 -1.68 -8.15
CA CYS A 44 6.74 -2.97 -7.97
C CYS A 44 7.08 -3.59 -9.31
N SER A 45 8.30 -4.03 -9.43
CA SER A 45 8.65 -4.94 -10.51
C SER A 45 8.50 -6.36 -10.02
N SER A 46 8.63 -6.53 -8.70
CA SER A 46 8.49 -7.84 -8.09
C SER A 46 7.26 -7.88 -7.17
N ASP A 47 6.61 -9.03 -7.11
CA ASP A 47 5.50 -9.25 -6.18
C ASP A 47 5.95 -9.26 -4.71
N ALA A 48 7.09 -9.89 -4.42
CA ALA A 48 7.54 -10.08 -3.06
C ALA A 48 7.83 -8.76 -2.36
N GLN A 49 8.03 -7.69 -3.13
CA GLN A 49 8.37 -6.42 -2.54
C GLN A 49 7.11 -5.70 -2.04
N CYS A 50 5.95 -5.98 -2.63
CA CYS A 50 4.71 -5.43 -2.08
C CYS A 50 4.33 -6.25 -0.87
N ARG A 51 4.68 -7.53 -0.92
CA ARG A 51 4.60 -8.40 0.24
C ARG A 51 5.44 -7.79 1.36
N ALA A 52 6.65 -7.39 1.00
CA ALA A 52 7.55 -6.76 1.95
C ALA A 52 7.05 -5.37 2.33
N ARG A 53 6.29 -4.75 1.43
CA ARG A 53 5.73 -3.43 1.70
C ARG A 53 4.59 -3.52 2.69
N GLY A 54 4.12 -4.74 2.93
CA GLY A 54 2.95 -4.94 3.75
C GLY A 54 1.71 -4.56 2.98
N CYS A 55 1.92 -4.09 1.76
CA CYS A 55 0.83 -3.68 0.87
C CYS A 55 -0.13 -4.84 0.60
N ASP A 56 0.26 -5.80 -0.24
CA ASP A 56 -0.57 -6.99 -0.48
C ASP A 56 0.00 -7.78 -1.64
N GLY A 57 0.14 -7.15 -2.80
CA GLY A 57 0.69 -7.83 -3.94
C GLY A 57 1.09 -6.86 -5.01
N CYS A 58 1.87 -7.33 -5.95
CA CYS A 58 2.27 -6.51 -7.08
C CYS A 58 1.29 -6.67 -8.22
N SER A 59 0.76 -5.57 -8.71
CA SER A 59 -0.17 -5.63 -9.83
C SER A 59 0.64 -5.58 -11.14
N THR A 60 0.17 -6.26 -12.19
CA THR A 60 0.90 -6.27 -13.47
C THR A 60 1.08 -4.89 -14.12
N SER A 61 0.68 -3.80 -13.45
CA SER A 61 0.89 -2.47 -13.96
C SER A 61 2.07 -1.81 -13.24
N GLY A 62 2.79 -2.59 -12.43
CA GLY A 62 3.91 -2.06 -11.70
C GLY A 62 3.48 -1.16 -10.56
N VAL A 63 2.50 -1.58 -9.78
CA VAL A 63 2.05 -0.82 -8.62
C VAL A 63 1.83 -1.75 -7.43
N CYS A 64 1.94 -1.21 -6.23
CA CYS A 64 1.93 -2.05 -5.01
C CYS A 64 0.58 -1.94 -4.34
N VAL A 65 -0.26 -2.96 -4.48
CA VAL A 65 -1.67 -2.84 -4.17
C VAL A 65 -2.25 -4.16 -3.69
N LEU A 66 -3.56 -4.18 -3.49
CA LEU A 66 -4.28 -5.43 -3.43
C LEU A 66 -4.32 -6.00 -4.86
N SER A 67 -3.28 -6.75 -5.21
CA SER A 67 -3.11 -7.25 -6.59
C SER A 67 -4.25 -8.22 -7.00
N SER A 68 -5.16 -7.78 -7.88
CA SER A 68 -6.08 -8.68 -8.58
C SER A 68 -6.96 -9.51 -7.66
N LEU A 69 -6.57 -10.76 -7.40
CA LEU A 69 -7.44 -11.72 -6.73
C LEU A 69 -7.25 -11.69 -5.22
N HIS A 70 -7.86 -10.69 -4.58
CA HIS A 70 -7.89 -10.58 -3.13
C HIS A 70 -9.10 -9.75 -2.72
N HIS A 71 -9.50 -9.85 -1.46
CA HIS A 71 -10.67 -9.15 -0.97
C HIS A 71 -10.28 -8.07 0.03
N HIS A 72 -9.33 -8.39 0.90
CA HIS A 72 -8.88 -7.45 1.91
C HIS A 72 -7.57 -7.93 2.54
N HIS A 73 -6.66 -7.01 2.79
CA HIS A 73 -5.36 -7.35 3.37
C HIS A 73 -5.45 -7.32 4.89
N HIS A 74 -6.22 -8.24 5.45
CA HIS A 74 -6.40 -8.32 6.88
C HIS A 74 -7.13 -9.62 7.22
N HIS A 75 -6.84 -10.20 8.37
CA HIS A 75 -7.53 -11.42 8.78
C HIS A 75 -8.03 -11.28 10.22
N MET A 1 -18.86 -0.10 17.89
CA MET A 1 -17.59 -0.72 17.45
C MET A 1 -16.44 0.27 17.62
N CYS A 2 -16.14 0.65 18.85
CA CYS A 2 -15.06 1.57 19.13
C CYS A 2 -13.72 0.92 18.83
N GLU A 3 -13.00 1.47 17.85
CA GLU A 3 -11.73 0.94 17.41
C GLU A 3 -11.87 -0.50 16.92
N PHE A 4 -12.52 -0.68 15.78
CA PHE A 4 -12.77 -2.00 15.24
C PHE A 4 -12.09 -2.17 13.88
N ILE A 5 -11.05 -1.37 13.63
CA ILE A 5 -10.36 -1.38 12.34
C ILE A 5 -8.90 -0.92 12.49
N GLU A 6 -8.69 0.39 12.63
CA GLU A 6 -7.37 0.95 12.84
C GLU A 6 -7.45 2.47 12.84
N ASP A 7 -8.10 3.00 11.82
CA ASP A 7 -8.25 4.45 11.67
C ASP A 7 -9.63 4.87 12.12
N SER A 8 -10.21 4.08 13.02
CA SER A 8 -11.59 4.25 13.44
C SER A 8 -11.79 5.61 14.12
N GLU A 9 -10.77 6.07 14.83
CA GLU A 9 -10.85 7.33 15.55
C GLU A 9 -11.09 8.49 14.58
N ASP A 10 -10.40 8.46 13.45
CA ASP A 10 -10.51 9.52 12.47
C ASP A 10 -11.75 9.32 11.59
N ILE A 11 -12.02 8.07 11.25
CA ILE A 11 -13.14 7.73 10.38
C ILE A 11 -14.48 8.01 11.06
N GLN A 12 -14.57 7.73 12.35
CA GLN A 12 -15.81 7.95 13.09
C GLN A 12 -15.98 9.41 13.49
N GLY A 13 -14.96 10.20 13.23
CA GLY A 13 -15.01 11.61 13.52
C GLY A 13 -14.74 12.46 12.31
N LEU A 14 -15.03 11.94 11.13
CA LEU A 14 -14.72 12.64 9.88
C LEU A 14 -15.58 13.89 9.70
N LYS A 15 -16.67 13.99 10.45
CA LYS A 15 -17.52 15.17 10.37
C LYS A 15 -16.92 16.34 11.15
N SER A 16 -15.79 16.10 11.81
CA SER A 16 -15.12 17.14 12.56
C SER A 16 -13.63 17.20 12.20
N LEU A 17 -13.02 16.03 12.02
CA LEU A 17 -11.61 15.95 11.71
C LEU A 17 -11.36 16.24 10.23
N ARG A 18 -12.43 16.18 9.45
CA ARG A 18 -12.44 16.64 8.05
C ARG A 18 -11.48 15.86 7.14
N LYS A 19 -11.01 14.71 7.63
CA LYS A 19 -10.15 13.82 6.84
C LYS A 19 -8.90 14.55 6.35
N SER A 20 -8.25 15.29 7.25
CA SER A 20 -7.14 16.15 6.87
C SER A 20 -5.82 15.37 6.80
N HIS A 21 -5.69 14.32 7.62
CA HIS A 21 -4.42 13.59 7.69
C HIS A 21 -4.04 12.99 6.34
N THR A 22 -5.04 12.48 5.61
CA THR A 22 -4.80 11.87 4.28
C THR A 22 -4.34 12.88 3.20
N SER A 23 -3.97 14.10 3.58
CA SER A 23 -3.50 15.08 2.62
C SER A 23 -2.15 15.63 3.06
N LEU A 24 -1.82 15.42 4.32
CA LEU A 24 -0.53 15.82 4.86
C LEU A 24 0.41 14.62 4.92
N GLU A 25 -0.09 13.48 4.44
CA GLU A 25 0.68 12.24 4.32
C GLU A 25 0.99 11.62 5.68
N ASP A 26 0.18 10.64 6.06
CA ASP A 26 0.47 9.83 7.24
C ASP A 26 0.79 8.41 6.82
N ASP A 27 1.58 7.73 7.61
CA ASP A 27 2.10 6.42 7.24
C ASP A 27 1.17 5.29 7.72
N ASP A 28 0.09 5.68 8.36
CA ASP A 28 -0.89 4.71 8.83
C ASP A 28 -1.90 4.42 7.74
N ASP A 29 -2.25 5.50 7.05
CA ASP A 29 -3.26 5.50 5.99
C ASP A 29 -4.67 5.41 6.59
N GLY A 30 -5.57 6.32 6.18
CA GLY A 30 -6.92 6.32 6.71
C GLY A 30 -7.83 5.32 6.00
N SER A 31 -7.28 4.60 5.03
CA SER A 31 -8.05 3.62 4.29
C SER A 31 -8.03 2.28 5.02
N ARG A 32 -7.78 2.33 6.32
CA ARG A 32 -7.69 1.12 7.14
C ARG A 32 -9.07 0.77 7.69
N GLY A 33 -9.74 -0.16 7.04
CA GLY A 33 -11.06 -0.56 7.48
C GLY A 33 -11.96 -0.93 6.31
N GLY A 34 -11.43 -1.72 5.39
CA GLY A 34 -12.23 -2.17 4.26
C GLY A 34 -11.70 -1.68 2.93
N ASP A 35 -10.64 -0.87 2.97
CA ASP A 35 -10.06 -0.34 1.75
C ASP A 35 -8.56 -0.60 1.74
N CYS A 36 -7.90 -0.35 0.61
CA CYS A 36 -6.47 -0.61 0.50
C CYS A 36 -5.80 0.45 -0.36
N GLU A 37 -5.26 1.49 0.29
CA GLU A 37 -4.55 2.56 -0.42
C GLU A 37 -3.29 2.97 0.33
N GLY A 38 -2.49 1.99 0.73
CA GLY A 38 -1.27 2.29 1.45
C GLY A 38 -0.13 2.67 0.53
N CYS A 39 0.49 1.66 -0.07
CA CYS A 39 1.62 1.85 -0.94
C CYS A 39 1.19 2.39 -2.31
N SER A 40 0.59 1.51 -3.13
CA SER A 40 -0.07 1.85 -4.40
C SER A 40 0.84 2.56 -5.39
N GLY A 41 1.10 3.83 -5.13
CA GLY A 41 2.03 4.59 -5.98
C GLY A 41 3.42 3.99 -6.01
N THR A 42 3.68 3.01 -5.15
CA THR A 42 4.98 2.37 -5.12
C THR A 42 5.03 1.23 -6.14
N ALA A 43 5.79 1.42 -7.19
CA ALA A 43 5.90 0.43 -8.26
C ALA A 43 6.91 -0.63 -7.93
N CYS A 44 6.46 -1.86 -8.01
CA CYS A 44 7.29 -3.02 -7.82
C CYS A 44 7.13 -3.96 -9.00
N SER A 45 8.25 -4.32 -9.61
CA SER A 45 8.21 -5.27 -10.71
C SER A 45 8.25 -6.67 -10.14
N SER A 46 8.64 -6.75 -8.87
CA SER A 46 8.55 -7.99 -8.16
C SER A 46 7.49 -7.87 -7.08
N ASP A 47 6.73 -8.94 -6.91
CA ASP A 47 5.66 -9.01 -5.91
C ASP A 47 6.19 -8.94 -4.48
N ALA A 48 7.38 -9.49 -4.22
CA ALA A 48 7.96 -9.47 -2.90
C ALA A 48 8.17 -8.05 -2.39
N GLN A 49 8.20 -7.09 -3.30
CA GLN A 49 8.47 -5.70 -2.95
C GLN A 49 7.21 -5.05 -2.40
N CYS A 50 6.06 -5.59 -2.77
CA CYS A 50 4.80 -5.12 -2.18
C CYS A 50 4.50 -5.94 -0.92
N ARG A 51 4.82 -7.22 -0.99
CA ARG A 51 4.75 -8.09 0.18
C ARG A 51 5.57 -7.48 1.32
N ALA A 52 6.81 -7.12 1.02
CA ALA A 52 7.69 -6.53 2.00
C ALA A 52 7.39 -5.05 2.19
N ARG A 53 6.51 -4.53 1.34
CA ARG A 53 6.07 -3.15 1.49
C ARG A 53 4.94 -3.08 2.51
N GLY A 54 4.44 -4.24 2.89
CA GLY A 54 3.41 -4.31 3.91
C GLY A 54 2.01 -4.19 3.33
N CYS A 55 1.93 -4.04 2.03
CA CYS A 55 0.61 -3.90 1.38
C CYS A 55 -0.03 -5.24 1.03
N ASP A 56 0.18 -5.78 -0.18
CA ASP A 56 -0.45 -7.04 -0.53
C ASP A 56 0.23 -7.67 -1.72
N GLY A 57 0.23 -6.99 -2.84
CA GLY A 57 0.85 -7.57 -4.00
C GLY A 57 1.09 -6.58 -5.11
N CYS A 58 1.99 -6.95 -5.99
CA CYS A 58 2.33 -6.15 -7.14
C CYS A 58 1.55 -6.62 -8.34
N SER A 59 0.63 -5.80 -8.82
CA SER A 59 -0.33 -6.24 -9.82
C SER A 59 0.28 -6.19 -11.22
N THR A 60 -0.50 -6.58 -12.22
CA THR A 60 -0.06 -6.52 -13.62
C THR A 60 0.60 -5.17 -14.01
N SER A 61 0.25 -4.06 -13.34
CA SER A 61 0.80 -2.77 -13.70
C SER A 61 2.05 -2.43 -12.88
N GLY A 62 2.51 -3.39 -12.09
CA GLY A 62 3.72 -3.22 -11.31
C GLY A 62 3.57 -2.18 -10.22
N VAL A 63 2.44 -2.22 -9.51
CA VAL A 63 2.18 -1.30 -8.41
C VAL A 63 1.88 -2.11 -7.14
N CYS A 64 1.90 -1.45 -5.98
CA CYS A 64 1.70 -2.18 -4.72
C CYS A 64 0.28 -1.96 -4.25
N VAL A 65 -0.55 -2.97 -4.41
CA VAL A 65 -1.97 -2.81 -4.21
C VAL A 65 -2.58 -4.06 -3.64
N LEU A 66 -3.88 -4.03 -3.41
CA LEU A 66 -4.63 -5.23 -3.24
C LEU A 66 -4.76 -5.91 -4.61
N SER A 67 -3.77 -6.76 -4.92
CA SER A 67 -3.71 -7.48 -6.20
C SER A 67 -5.10 -8.03 -6.58
N SER A 68 -5.77 -7.47 -7.59
CA SER A 68 -7.10 -7.92 -7.92
C SER A 68 -7.07 -8.86 -9.12
N LEU A 69 -6.65 -10.09 -8.87
CA LEU A 69 -6.62 -11.12 -9.90
C LEU A 69 -6.87 -12.49 -9.27
N HIS A 70 -7.93 -12.57 -8.47
CA HIS A 70 -8.26 -13.80 -7.75
C HIS A 70 -9.05 -14.77 -8.64
N HIS A 71 -8.49 -15.06 -9.80
CA HIS A 71 -9.11 -16.00 -10.74
C HIS A 71 -8.03 -16.93 -11.27
N HIS A 72 -8.18 -17.38 -12.52
CA HIS A 72 -7.14 -18.20 -13.14
C HIS A 72 -5.89 -17.37 -13.34
N HIS A 73 -4.76 -17.89 -12.90
CA HIS A 73 -3.49 -17.17 -13.00
C HIS A 73 -2.75 -17.57 -14.27
N HIS A 74 -2.55 -16.61 -15.16
CA HIS A 74 -1.77 -16.87 -16.37
C HIS A 74 -0.29 -16.78 -16.03
N HIS A 75 0.00 -16.05 -14.97
CA HIS A 75 1.36 -15.95 -14.45
C HIS A 75 1.43 -16.58 -13.07
N MET A 1 6.58 10.23 -8.10
CA MET A 1 7.28 11.43 -7.60
C MET A 1 6.76 12.69 -8.28
N CYS A 2 5.52 12.63 -8.74
CA CYS A 2 4.86 13.76 -9.37
C CYS A 2 3.36 13.55 -9.26
N GLU A 3 2.94 13.21 -8.05
CA GLU A 3 1.60 12.73 -7.80
C GLU A 3 0.57 13.85 -7.91
N PHE A 4 -0.08 13.91 -9.06
CA PHE A 4 -1.15 14.87 -9.30
C PHE A 4 -2.45 14.40 -8.66
N ILE A 5 -2.42 13.20 -8.11
CA ILE A 5 -3.57 12.66 -7.36
C ILE A 5 -3.76 13.38 -6.01
N GLU A 6 -2.89 14.36 -5.74
CA GLU A 6 -2.90 15.03 -4.45
C GLU A 6 -3.65 16.34 -4.51
N ASP A 7 -4.95 16.27 -4.70
CA ASP A 7 -5.79 17.46 -4.73
C ASP A 7 -6.20 17.82 -3.32
N SER A 8 -6.15 16.84 -2.44
CA SER A 8 -6.45 17.05 -1.02
C SER A 8 -5.31 17.81 -0.35
N GLU A 9 -4.10 17.60 -0.86
CA GLU A 9 -2.93 18.30 -0.34
C GLU A 9 -2.71 19.60 -1.11
N ASP A 10 -2.55 19.50 -2.42
CA ASP A 10 -2.29 20.66 -3.25
C ASP A 10 -3.59 21.37 -3.59
N ILE A 11 -3.98 22.29 -2.72
CA ILE A 11 -5.24 23.02 -2.88
C ILE A 11 -5.06 24.15 -3.91
N GLN A 12 -3.89 24.22 -4.51
CA GLN A 12 -3.61 25.23 -5.51
C GLN A 12 -4.21 24.82 -6.85
N GLY A 13 -4.55 23.54 -6.98
CA GLY A 13 -5.06 23.05 -8.25
C GLY A 13 -6.11 21.97 -8.07
N LEU A 14 -7.30 22.38 -7.66
CA LEU A 14 -8.45 21.46 -7.59
C LEU A 14 -9.00 21.21 -9.00
N LYS A 15 -8.10 20.85 -9.91
CA LYS A 15 -8.46 20.64 -11.31
C LYS A 15 -8.86 19.20 -11.58
N SER A 16 -9.04 18.44 -10.50
CA SER A 16 -9.42 17.04 -10.61
C SER A 16 -10.93 16.89 -10.62
N LEU A 17 -11.63 18.02 -10.58
CA LEU A 17 -13.08 18.02 -10.56
C LEU A 17 -13.59 17.88 -12.00
N ARG A 18 -12.83 18.43 -12.92
CA ARG A 18 -13.12 18.30 -14.33
C ARG A 18 -12.63 16.95 -14.83
N LYS A 19 -13.34 16.38 -15.79
CA LYS A 19 -13.02 15.07 -16.33
C LYS A 19 -13.15 14.02 -15.23
N SER A 20 -14.27 14.04 -14.53
CA SER A 20 -14.48 13.13 -13.42
C SER A 20 -15.87 12.48 -13.53
N HIS A 21 -16.90 13.29 -13.70
CA HIS A 21 -18.25 12.77 -13.82
C HIS A 21 -18.58 12.44 -15.28
N THR A 22 -17.56 12.56 -16.14
CA THR A 22 -17.73 12.28 -17.58
C THR A 22 -18.31 10.88 -17.86
N SER A 23 -17.60 9.81 -17.47
CA SER A 23 -18.14 8.47 -17.63
C SER A 23 -18.29 7.80 -16.27
N LEU A 24 -18.29 8.63 -15.23
CA LEU A 24 -18.47 8.20 -13.82
C LEU A 24 -17.25 7.44 -13.29
N GLU A 25 -16.71 6.54 -14.10
CA GLU A 25 -15.53 5.78 -13.74
C GLU A 25 -14.33 6.71 -13.54
N ASP A 26 -14.38 7.86 -14.20
CA ASP A 26 -13.31 8.84 -14.12
C ASP A 26 -13.22 9.43 -12.73
N ASP A 27 -14.34 9.43 -12.07
CA ASP A 27 -14.47 10.02 -10.74
C ASP A 27 -13.78 9.15 -9.70
N ASP A 28 -13.61 7.89 -10.04
CA ASP A 28 -12.94 6.94 -9.15
C ASP A 28 -11.48 7.29 -8.99
N ASP A 29 -10.95 7.94 -10.01
CA ASP A 29 -9.56 8.39 -10.01
C ASP A 29 -9.39 9.62 -9.13
N GLY A 30 -10.46 10.41 -9.01
CA GLY A 30 -10.41 11.60 -8.20
C GLY A 30 -10.82 11.37 -6.76
N SER A 31 -11.54 10.28 -6.49
CA SER A 31 -12.05 9.99 -5.16
C SER A 31 -10.98 9.40 -4.26
N ARG A 32 -9.72 9.66 -4.57
CA ARG A 32 -8.61 9.15 -3.80
C ARG A 32 -7.42 10.07 -3.93
N GLY A 33 -6.39 9.78 -3.18
CA GLY A 33 -5.30 10.71 -3.01
C GLY A 33 -4.99 10.90 -1.55
N GLY A 34 -3.75 11.12 -1.24
CA GLY A 34 -3.31 11.15 0.14
C GLY A 34 -3.23 9.75 0.72
N ASP A 35 -3.30 8.77 -0.16
CA ASP A 35 -3.31 7.37 0.24
C ASP A 35 -2.03 6.69 -0.18
N CYS A 36 -1.22 7.37 -0.97
CA CYS A 36 0.04 6.80 -1.45
C CYS A 36 1.05 6.74 -0.31
N GLU A 37 1.05 5.61 0.40
CA GLU A 37 1.88 5.44 1.56
C GLU A 37 2.74 4.19 1.39
N GLY A 38 3.19 3.94 0.17
CA GLY A 38 3.97 2.76 -0.10
C GLY A 38 3.20 1.69 -0.88
N CYS A 39 1.90 1.64 -0.68
CA CYS A 39 1.07 0.60 -1.27
C CYS A 39 0.08 1.16 -2.30
N SER A 40 0.53 2.12 -3.11
CA SER A 40 -0.35 2.79 -4.07
C SER A 40 0.39 3.89 -4.78
N GLY A 41 0.28 3.91 -6.11
CA GLY A 41 1.07 4.87 -6.89
C GLY A 41 2.51 4.40 -7.01
N THR A 42 2.94 3.60 -6.05
CA THR A 42 4.29 3.07 -6.03
C THR A 42 4.45 1.98 -7.07
N ALA A 43 5.69 1.74 -7.49
CA ALA A 43 5.97 0.77 -8.53
C ALA A 43 6.95 -0.28 -8.06
N CYS A 44 6.47 -1.50 -8.04
CA CYS A 44 7.28 -2.67 -7.72
C CYS A 44 7.27 -3.61 -8.91
N SER A 45 8.45 -4.00 -9.34
CA SER A 45 8.57 -4.91 -10.47
C SER A 45 8.41 -6.33 -9.99
N SER A 46 8.64 -6.51 -8.69
CA SER A 46 8.36 -7.78 -8.08
C SER A 46 7.23 -7.61 -7.05
N ASP A 47 6.35 -8.59 -7.02
CA ASP A 47 5.29 -8.69 -6.03
C ASP A 47 5.83 -8.89 -4.62
N ALA A 48 6.96 -9.59 -4.48
CA ALA A 48 7.53 -9.86 -3.18
C ALA A 48 7.89 -8.58 -2.43
N GLN A 49 8.03 -7.48 -3.16
CA GLN A 49 8.44 -6.23 -2.57
C GLN A 49 7.30 -5.64 -1.77
N CYS A 50 6.10 -5.69 -2.32
CA CYS A 50 4.94 -5.18 -1.59
C CYS A 50 4.43 -6.22 -0.62
N ARG A 51 4.60 -7.48 -0.98
CA ARG A 51 4.38 -8.56 -0.02
C ARG A 51 5.22 -8.35 1.23
N ALA A 52 6.52 -8.25 1.05
CA ALA A 52 7.43 -8.04 2.17
C ALA A 52 7.19 -6.68 2.82
N ARG A 53 6.59 -5.77 2.05
CA ARG A 53 6.34 -4.43 2.57
C ARG A 53 5.12 -4.42 3.49
N GLY A 54 4.33 -5.48 3.44
CA GLY A 54 3.10 -5.50 4.21
C GLY A 54 1.98 -4.78 3.49
N CYS A 55 2.21 -4.53 2.21
CA CYS A 55 1.20 -3.86 1.38
C CYS A 55 0.10 -4.85 0.96
N ASP A 56 0.26 -5.56 -0.16
CA ASP A 56 -0.66 -6.63 -0.51
C ASP A 56 -0.20 -7.30 -1.79
N GLY A 57 0.00 -6.54 -2.86
CA GLY A 57 0.56 -7.14 -4.05
C GLY A 57 0.96 -6.14 -5.09
N CYS A 58 1.70 -6.62 -6.06
CA CYS A 58 2.10 -5.82 -7.19
C CYS A 58 1.35 -6.28 -8.42
N SER A 59 0.60 -5.38 -9.02
CA SER A 59 -0.35 -5.75 -10.05
C SER A 59 0.34 -5.86 -11.41
N THR A 60 -0.37 -6.35 -12.41
CA THR A 60 0.18 -6.49 -13.78
C THR A 60 1.02 -5.26 -14.23
N SER A 61 0.64 -4.05 -13.81
CA SER A 61 1.28 -2.84 -14.29
C SER A 61 2.52 -2.48 -13.46
N GLY A 62 2.89 -3.34 -12.53
CA GLY A 62 4.08 -3.11 -11.72
C GLY A 62 3.90 -2.01 -10.71
N VAL A 63 2.73 -1.95 -10.12
CA VAL A 63 2.41 -0.93 -9.12
C VAL A 63 2.06 -1.60 -7.78
N CYS A 64 1.99 -0.83 -6.69
CA CYS A 64 1.72 -1.42 -5.39
C CYS A 64 0.26 -1.20 -5.06
N VAL A 65 -0.42 -2.27 -4.71
CA VAL A 65 -1.87 -2.28 -4.60
C VAL A 65 -2.34 -3.44 -3.73
N LEU A 66 -3.65 -3.54 -3.57
CA LEU A 66 -4.28 -4.80 -3.23
C LEU A 66 -4.33 -5.62 -4.53
N SER A 67 -3.43 -6.60 -4.67
CA SER A 67 -3.23 -7.27 -5.96
C SER A 67 -4.54 -7.88 -6.48
N SER A 68 -4.63 -8.13 -7.80
CA SER A 68 -5.88 -8.56 -8.39
C SER A 68 -6.02 -10.08 -8.33
N LEU A 69 -6.20 -10.60 -7.13
CA LEU A 69 -6.43 -12.03 -6.94
C LEU A 69 -7.60 -12.25 -5.99
N HIS A 70 -8.28 -13.38 -6.15
CA HIS A 70 -9.37 -13.74 -5.24
C HIS A 70 -9.06 -15.04 -4.52
N HIS A 71 -7.81 -15.47 -4.60
CA HIS A 71 -7.34 -16.65 -3.87
C HIS A 71 -5.83 -16.71 -3.89
N HIS A 72 -5.27 -16.93 -5.08
CA HIS A 72 -3.82 -16.96 -5.26
C HIS A 72 -3.50 -17.12 -6.74
N HIS A 73 -3.90 -18.25 -7.30
CA HIS A 73 -3.70 -18.52 -8.71
C HIS A 73 -4.70 -19.56 -9.19
N HIS A 74 -5.96 -19.17 -9.24
CA HIS A 74 -7.04 -20.08 -9.58
C HIS A 74 -8.23 -19.31 -10.13
N HIS A 75 -8.79 -19.78 -11.24
CA HIS A 75 -9.95 -19.15 -11.84
C HIS A 75 -11.22 -19.84 -11.39
N MET A 1 -8.45 11.87 15.36
CA MET A 1 -7.02 12.15 15.60
C MET A 1 -6.23 10.87 15.80
N CYS A 2 -6.83 9.88 16.45
CA CYS A 2 -6.15 8.63 16.75
C CYS A 2 -7.10 7.45 16.59
N GLU A 3 -6.58 6.35 16.05
CA GLU A 3 -7.36 5.14 15.90
C GLU A 3 -6.96 4.12 16.96
N PHE A 4 -5.67 3.86 17.05
CA PHE A 4 -5.14 2.97 18.06
C PHE A 4 -3.82 3.54 18.56
N ILE A 5 -3.78 3.91 19.84
CA ILE A 5 -2.64 4.66 20.40
C ILE A 5 -1.41 3.77 20.65
N GLU A 6 -1.24 2.77 19.80
CA GLU A 6 -0.13 1.84 19.91
C GLU A 6 1.10 2.44 19.23
N ASP A 7 0.84 3.43 18.40
CA ASP A 7 1.86 4.09 17.58
C ASP A 7 2.86 4.89 18.42
N SER A 8 2.48 5.17 19.66
CA SER A 8 3.29 6.01 20.55
C SER A 8 4.63 5.36 20.87
N GLU A 9 4.73 4.05 20.68
CA GLU A 9 5.95 3.32 20.97
C GLU A 9 7.05 3.66 19.96
N ASP A 10 6.65 3.82 18.70
CA ASP A 10 7.60 4.14 17.65
C ASP A 10 7.63 5.66 17.46
N ILE A 11 8.60 6.30 18.09
CA ILE A 11 8.68 7.77 18.08
C ILE A 11 8.98 8.29 16.67
N GLN A 12 9.72 7.52 15.88
CA GLN A 12 10.08 7.95 14.53
C GLN A 12 8.86 7.97 13.62
N GLY A 13 7.98 6.98 13.79
CA GLY A 13 6.78 6.93 13.00
C GLY A 13 5.64 7.74 13.63
N LEU A 14 5.83 8.12 14.89
CA LEU A 14 4.80 8.84 15.64
C LEU A 14 4.47 10.16 14.94
N LYS A 15 5.49 10.90 14.54
CA LYS A 15 5.28 12.17 13.85
C LYS A 15 5.16 11.94 12.35
N SER A 16 4.94 10.69 11.96
CA SER A 16 4.82 10.35 10.55
C SER A 16 3.51 9.60 10.33
N LEU A 17 2.62 9.69 11.31
CA LEU A 17 1.34 8.99 11.22
C LEU A 17 0.23 9.96 10.84
N ARG A 18 0.46 11.24 11.05
CA ARG A 18 -0.55 12.26 10.76
C ARG A 18 -0.87 12.28 9.27
N LYS A 19 0.15 12.44 8.46
CA LYS A 19 -0.02 12.52 7.02
C LYS A 19 -0.38 11.15 6.44
N SER A 20 -0.20 10.12 7.24
CA SER A 20 -0.43 8.76 6.80
C SER A 20 -1.84 8.28 7.17
N HIS A 21 -2.41 8.80 8.26
CA HIS A 21 -3.73 8.35 8.68
C HIS A 21 -4.84 9.06 7.93
N THR A 22 -4.46 9.91 6.98
CA THR A 22 -5.43 10.54 6.05
C THR A 22 -6.50 9.54 5.54
N SER A 23 -6.11 8.30 5.27
CA SER A 23 -7.07 7.27 4.86
C SER A 23 -7.79 6.67 6.08
N LEU A 24 -8.58 7.48 6.76
CA LEU A 24 -9.27 7.03 7.96
C LEU A 24 -10.76 6.87 7.71
N GLU A 25 -11.20 7.22 6.50
CA GLU A 25 -12.61 7.11 6.15
C GLU A 25 -12.91 5.70 5.64
N ASP A 26 -11.87 4.98 5.24
CA ASP A 26 -12.04 3.65 4.69
C ASP A 26 -11.52 2.59 5.65
N ASP A 27 -12.11 1.42 5.58
CA ASP A 27 -11.77 0.31 6.46
C ASP A 27 -10.68 -0.55 5.84
N ASP A 28 -10.33 -0.24 4.60
CA ASP A 28 -9.32 -1.01 3.87
C ASP A 28 -7.93 -0.64 4.37
N ASP A 29 -7.83 0.57 4.86
CA ASP A 29 -6.59 1.04 5.47
C ASP A 29 -6.82 1.25 6.96
N GLY A 30 -7.46 0.27 7.58
CA GLY A 30 -7.79 0.35 8.99
C GLY A 30 -6.64 -0.12 9.87
N SER A 31 -5.51 -0.42 9.25
CA SER A 31 -4.33 -0.89 9.97
C SER A 31 -3.63 0.27 10.70
N ARG A 32 -4.27 1.44 10.68
CA ARG A 32 -3.74 2.64 11.32
C ARG A 32 -3.55 2.44 12.82
N GLY A 33 -2.29 2.45 13.28
CA GLY A 33 -2.02 2.26 14.69
C GLY A 33 -0.77 1.45 14.93
N GLY A 34 -0.32 0.72 13.91
CA GLY A 34 0.88 -0.09 14.07
C GLY A 34 1.19 -0.92 12.85
N ASP A 35 0.21 -1.17 12.01
CA ASP A 35 0.42 -1.99 10.82
C ASP A 35 0.05 -1.22 9.56
N CYS A 36 0.04 0.10 9.68
CA CYS A 36 -0.29 0.96 8.56
C CYS A 36 0.95 1.24 7.72
N GLU A 37 1.18 0.39 6.72
CA GLU A 37 2.32 0.52 5.85
C GLU A 37 1.88 0.35 4.40
N GLY A 38 0.93 1.17 3.97
CA GLY A 38 0.45 1.08 2.61
C GLY A 38 1.31 1.88 1.66
N CYS A 39 2.16 1.19 0.91
CA CYS A 39 3.08 1.84 0.00
C CYS A 39 2.45 2.06 -1.39
N SER A 40 1.14 2.24 -1.44
CA SER A 40 0.45 2.26 -2.71
C SER A 40 0.82 3.49 -3.50
N GLY A 41 0.69 3.38 -4.80
CA GLY A 41 1.24 4.41 -5.67
C GLY A 41 2.65 4.06 -6.13
N THR A 42 3.32 3.13 -5.44
CA THR A 42 4.68 2.77 -5.84
C THR A 42 4.65 1.61 -6.82
N ALA A 43 5.71 1.50 -7.60
CA ALA A 43 5.78 0.52 -8.67
C ALA A 43 6.61 -0.68 -8.28
N CYS A 44 6.00 -1.82 -8.46
CA CYS A 44 6.65 -3.10 -8.28
C CYS A 44 6.91 -3.75 -9.61
N SER A 45 8.03 -4.41 -9.70
CA SER A 45 8.22 -5.43 -10.69
C SER A 45 7.89 -6.79 -10.06
N SER A 46 8.17 -6.91 -8.76
CA SER A 46 7.88 -8.14 -8.03
C SER A 46 6.78 -7.93 -7.00
N ASP A 47 5.96 -8.95 -6.81
CA ASP A 47 4.94 -8.96 -5.77
C ASP A 47 5.51 -9.02 -4.35
N ALA A 48 6.68 -9.66 -4.18
CA ALA A 48 7.24 -9.84 -2.86
C ALA A 48 7.53 -8.51 -2.19
N GLN A 49 7.90 -7.51 -2.97
CA GLN A 49 8.35 -6.25 -2.41
C GLN A 49 7.17 -5.39 -1.98
N CYS A 50 5.98 -5.69 -2.48
CA CYS A 50 4.79 -4.93 -2.07
C CYS A 50 4.14 -5.64 -0.91
N ARG A 51 4.03 -6.95 -1.06
CA ARG A 51 3.58 -7.82 0.01
C ARG A 51 4.39 -7.58 1.28
N ALA A 52 5.71 -7.54 1.13
CA ALA A 52 6.57 -7.30 2.27
C ALA A 52 6.53 -5.83 2.68
N ARG A 53 6.18 -4.96 1.73
CA ARG A 53 6.14 -3.53 2.02
C ARG A 53 4.77 -3.09 2.51
N GLY A 54 4.03 -4.01 3.12
CA GLY A 54 2.77 -3.65 3.74
C GLY A 54 1.66 -3.44 2.74
N CYS A 55 2.02 -3.23 1.49
CA CYS A 55 1.03 -3.06 0.42
C CYS A 55 0.14 -4.30 0.31
N ASP A 56 0.61 -5.35 -0.40
CA ASP A 56 -0.11 -6.63 -0.47
C ASP A 56 0.45 -7.44 -1.63
N GLY A 57 0.49 -6.86 -2.83
CA GLY A 57 1.09 -7.54 -3.94
C GLY A 57 1.30 -6.64 -5.13
N CYS A 58 1.91 -7.19 -6.14
CA CYS A 58 2.10 -6.49 -7.39
C CYS A 58 0.91 -6.77 -8.29
N SER A 59 0.33 -5.74 -8.87
CA SER A 59 -0.80 -5.93 -9.75
C SER A 59 -0.32 -6.22 -11.15
N THR A 60 -1.23 -6.52 -12.06
CA THR A 60 -0.86 -6.67 -13.47
C THR A 60 -0.36 -5.35 -14.12
N SER A 61 -0.20 -4.27 -13.34
CA SER A 61 0.21 -3.01 -13.91
C SER A 61 1.49 -2.47 -13.25
N GLY A 62 2.28 -3.36 -12.65
CA GLY A 62 3.52 -2.96 -12.03
C GLY A 62 3.37 -1.89 -10.95
N VAL A 63 2.35 -2.02 -10.11
CA VAL A 63 2.15 -1.11 -8.98
C VAL A 63 1.85 -1.92 -7.72
N CYS A 64 2.10 -1.31 -6.56
CA CYS A 64 2.05 -2.04 -5.28
C CYS A 64 0.72 -1.80 -4.59
N VAL A 65 -0.08 -2.87 -4.55
CA VAL A 65 -1.51 -2.78 -4.29
C VAL A 65 -2.00 -4.03 -3.57
N LEU A 66 -3.33 -4.17 -3.43
CA LEU A 66 -3.93 -5.46 -3.16
C LEU A 66 -3.85 -6.31 -4.44
N SER A 67 -3.08 -7.41 -4.38
CA SER A 67 -2.63 -8.13 -5.59
C SER A 67 -3.77 -8.33 -6.62
N SER A 68 -3.74 -7.60 -7.76
CA SER A 68 -4.75 -7.80 -8.79
C SER A 68 -4.55 -9.10 -9.57
N LEU A 69 -4.53 -10.22 -8.85
CA LEU A 69 -4.51 -11.53 -9.47
C LEU A 69 -5.86 -12.17 -9.26
N HIS A 70 -6.63 -11.55 -8.38
CA HIS A 70 -8.01 -11.92 -8.16
C HIS A 70 -8.86 -11.30 -9.27
N HIS A 71 -10.12 -11.70 -9.35
CA HIS A 71 -11.03 -11.20 -10.39
C HIS A 71 -10.44 -11.51 -11.77
N HIS A 72 -9.89 -12.70 -11.92
CA HIS A 72 -9.20 -13.07 -13.15
C HIS A 72 -10.20 -13.48 -14.23
N HIS A 73 -11.48 -13.46 -13.88
CA HIS A 73 -12.54 -13.69 -14.86
C HIS A 73 -13.25 -12.37 -15.13
N HIS A 74 -12.65 -11.30 -14.66
CA HIS A 74 -13.19 -9.96 -14.84
C HIS A 74 -12.06 -8.99 -15.18
N HIS A 75 -12.01 -8.57 -16.43
CA HIS A 75 -10.97 -7.66 -16.89
C HIS A 75 -11.40 -6.21 -16.68
N MET A 1 21.31 14.17 -12.75
CA MET A 1 20.98 15.60 -12.60
C MET A 1 21.33 16.07 -11.19
N CYS A 2 21.57 17.36 -11.04
CA CYS A 2 21.98 17.93 -9.76
C CYS A 2 20.78 18.15 -8.85
N GLU A 3 20.14 17.06 -8.43
CA GLU A 3 19.00 17.13 -7.54
C GLU A 3 19.18 16.16 -6.38
N PHE A 4 18.17 16.08 -5.52
CA PHE A 4 18.24 15.23 -4.34
C PHE A 4 16.98 14.39 -4.23
N ILE A 5 16.51 13.89 -5.37
CA ILE A 5 15.38 12.96 -5.39
C ILE A 5 15.83 11.56 -4.94
N GLU A 6 17.01 11.51 -4.37
CA GLU A 6 17.65 10.24 -4.04
C GLU A 6 17.29 9.79 -2.63
N ASP A 7 16.06 9.31 -2.49
CA ASP A 7 15.54 8.83 -1.21
C ASP A 7 16.22 7.52 -0.81
N SER A 8 16.80 6.86 -1.79
CA SER A 8 17.48 5.59 -1.57
C SER A 8 18.77 5.78 -0.76
N GLU A 9 19.35 6.96 -0.88
CA GLU A 9 20.58 7.30 -0.18
C GLU A 9 20.29 7.64 1.28
N ASP A 10 19.00 7.89 1.56
CA ASP A 10 18.50 8.15 2.91
C ASP A 10 18.91 9.52 3.44
N ILE A 11 20.19 9.70 3.77
CA ILE A 11 20.66 10.95 4.35
C ILE A 11 20.65 12.06 3.30
N GLN A 12 21.09 11.73 2.10
CA GLN A 12 21.08 12.66 1.00
C GLN A 12 19.65 12.98 0.58
N GLY A 13 18.75 12.06 0.89
CA GLY A 13 17.35 12.24 0.56
C GLY A 13 16.49 12.47 1.78
N LEU A 14 16.99 13.28 2.72
CA LEU A 14 16.23 13.63 3.92
C LEU A 14 15.08 14.58 3.58
N LYS A 15 14.92 14.88 2.30
CA LYS A 15 13.78 15.66 1.81
C LYS A 15 12.49 14.90 2.07
N SER A 16 12.63 13.60 2.33
CA SER A 16 11.50 12.75 2.64
C SER A 16 10.88 13.12 3.98
N LEU A 17 11.57 13.98 4.73
CA LEU A 17 11.07 14.44 6.02
C LEU A 17 10.15 15.65 5.85
N ARG A 18 10.14 16.20 4.63
CA ARG A 18 9.31 17.32 4.29
C ARG A 18 8.95 17.24 2.81
N LYS A 19 8.33 16.13 2.46
CA LYS A 19 8.17 15.75 1.06
C LYS A 19 6.78 16.12 0.54
N SER A 20 6.52 17.41 0.41
CA SER A 20 5.30 17.89 -0.21
C SER A 20 5.56 19.23 -0.93
N HIS A 21 6.14 20.18 -0.21
CA HIS A 21 6.48 21.49 -0.79
C HIS A 21 7.47 21.32 -1.93
N THR A 22 8.24 20.24 -1.86
CA THR A 22 9.29 19.93 -2.85
C THR A 22 8.74 19.51 -4.22
N SER A 23 7.46 19.79 -4.51
CA SER A 23 6.75 19.20 -5.67
C SER A 23 6.97 17.69 -5.75
N LEU A 24 7.03 17.08 -4.56
CA LEU A 24 7.25 15.65 -4.44
C LEU A 24 6.14 15.03 -3.60
N GLU A 25 4.93 15.59 -3.70
CA GLU A 25 3.78 15.07 -2.99
C GLU A 25 3.12 13.98 -3.81
N ASP A 26 3.63 13.80 -5.02
CA ASP A 26 3.13 12.77 -5.93
C ASP A 26 3.81 11.45 -5.67
N ASP A 27 3.19 10.38 -6.14
CA ASP A 27 3.74 9.03 -6.00
C ASP A 27 4.62 8.69 -7.19
N ASP A 28 4.80 9.68 -8.07
CA ASP A 28 5.57 9.52 -9.30
C ASP A 28 6.97 8.95 -9.04
N ASP A 29 7.53 9.33 -7.91
CA ASP A 29 8.89 8.92 -7.55
C ASP A 29 8.89 7.51 -6.96
N GLY A 30 7.71 6.92 -6.84
CA GLY A 30 7.57 5.58 -6.30
C GLY A 30 8.21 4.53 -7.20
N SER A 31 8.58 4.93 -8.41
CA SER A 31 9.30 4.06 -9.32
C SER A 31 10.78 4.02 -8.97
N ARG A 32 11.19 4.94 -8.10
CA ARG A 32 12.58 5.04 -7.67
C ARG A 32 12.70 4.72 -6.19
N GLY A 33 13.92 4.75 -5.68
CA GLY A 33 14.14 4.53 -4.27
C GLY A 33 14.40 3.07 -3.97
N GLY A 34 13.35 2.34 -3.68
CA GLY A 34 13.48 0.93 -3.37
C GLY A 34 12.76 0.54 -2.10
N ASP A 35 12.45 1.52 -1.27
CA ASP A 35 11.74 1.26 -0.02
C ASP A 35 10.54 2.17 0.15
N CYS A 36 9.96 2.58 -0.96
CA CYS A 36 8.73 3.37 -0.93
C CYS A 36 7.59 2.50 -0.42
N GLU A 37 6.81 3.04 0.50
CA GLU A 37 5.75 2.28 1.15
C GLU A 37 4.41 2.74 0.62
N GLY A 38 4.39 3.08 -0.65
CA GLY A 38 3.17 3.54 -1.28
C GLY A 38 2.37 2.38 -1.83
N CYS A 39 1.44 1.89 -1.03
CA CYS A 39 0.59 0.77 -1.40
C CYS A 39 -0.47 1.20 -2.39
N SER A 40 -0.01 1.87 -3.45
CA SER A 40 -0.87 2.30 -4.53
C SER A 40 -0.05 3.02 -5.59
N GLY A 41 0.74 3.98 -5.16
CA GLY A 41 1.57 4.73 -6.12
C GLY A 41 3.00 4.22 -6.25
N THR A 42 3.38 3.18 -5.51
CA THR A 42 4.75 2.66 -5.62
C THR A 42 4.80 1.58 -6.70
N ALA A 43 5.84 1.60 -7.51
CA ALA A 43 5.95 0.68 -8.62
C ALA A 43 6.72 -0.56 -8.22
N CYS A 44 6.08 -1.67 -8.45
CA CYS A 44 6.63 -2.97 -8.19
C CYS A 44 7.00 -3.67 -9.49
N SER A 45 8.17 -4.27 -9.50
CA SER A 45 8.49 -5.23 -10.53
C SER A 45 8.17 -6.64 -10.01
N SER A 46 8.43 -6.83 -8.72
CA SER A 46 8.16 -8.09 -8.07
C SER A 46 7.05 -7.92 -7.05
N ASP A 47 6.24 -8.95 -6.87
CA ASP A 47 5.25 -8.98 -5.81
C ASP A 47 5.89 -9.06 -4.43
N ALA A 48 7.12 -9.59 -4.32
CA ALA A 48 7.72 -9.81 -3.04
C ALA A 48 8.01 -8.50 -2.31
N GLN A 49 8.16 -7.41 -3.06
CA GLN A 49 8.54 -6.13 -2.47
C GLN A 49 7.32 -5.41 -1.94
N CYS A 50 6.14 -5.71 -2.47
CA CYS A 50 4.91 -5.17 -1.91
C CYS A 50 4.44 -6.08 -0.79
N ARG A 51 4.64 -7.39 -0.98
CA ARG A 51 4.43 -8.36 0.09
C ARG A 51 5.22 -8.00 1.33
N ALA A 52 6.52 -7.78 1.14
CA ALA A 52 7.40 -7.43 2.23
C ALA A 52 7.18 -5.99 2.64
N ARG A 53 6.41 -5.26 1.84
CA ARG A 53 6.09 -3.88 2.16
C ARG A 53 4.86 -3.82 3.04
N GLY A 54 4.24 -4.98 3.26
CA GLY A 54 3.01 -5.02 4.01
C GLY A 54 1.86 -4.50 3.19
N CYS A 55 2.17 -4.03 1.99
CA CYS A 55 1.16 -3.54 1.06
C CYS A 55 0.11 -4.62 0.74
N ASP A 56 0.47 -5.64 -0.07
CA ASP A 56 -0.44 -6.76 -0.37
C ASP A 56 0.14 -7.56 -1.51
N GLY A 57 0.47 -6.89 -2.61
CA GLY A 57 1.15 -7.56 -3.67
C GLY A 57 1.47 -6.63 -4.80
N CYS A 58 2.14 -7.16 -5.79
CA CYS A 58 2.43 -6.42 -6.99
C CYS A 58 1.41 -6.77 -8.05
N SER A 59 0.75 -5.77 -8.62
CA SER A 59 -0.30 -6.05 -9.57
C SER A 59 0.31 -6.18 -10.97
N THR A 60 -0.49 -6.64 -11.92
CA THR A 60 -0.02 -6.76 -13.30
C THR A 60 0.30 -5.40 -13.97
N SER A 61 0.26 -4.28 -13.23
CA SER A 61 0.50 -2.98 -13.84
C SER A 61 1.68 -2.25 -13.19
N GLY A 62 2.57 -3.02 -12.55
CA GLY A 62 3.75 -2.43 -11.94
C GLY A 62 3.45 -1.44 -10.83
N VAL A 63 2.47 -1.76 -9.99
CA VAL A 63 2.17 -0.93 -8.82
C VAL A 63 1.98 -1.82 -7.59
N CYS A 64 2.19 -1.24 -6.42
CA CYS A 64 2.20 -2.01 -5.17
C CYS A 64 0.87 -1.78 -4.49
N VAL A 65 0.02 -2.79 -4.51
CA VAL A 65 -1.38 -2.61 -4.14
C VAL A 65 -1.97 -3.88 -3.58
N LEU A 66 -3.22 -3.81 -3.21
CA LEU A 66 -4.03 -5.00 -3.09
C LEU A 66 -4.30 -5.49 -4.51
N SER A 67 -3.36 -6.27 -5.05
CA SER A 67 -3.42 -6.73 -6.44
C SER A 67 -4.76 -7.44 -6.73
N SER A 68 -5.54 -6.99 -7.72
CA SER A 68 -6.75 -7.71 -8.09
C SER A 68 -6.41 -8.96 -8.90
N LEU A 69 -5.65 -9.86 -8.27
CA LEU A 69 -5.19 -11.08 -8.91
C LEU A 69 -5.63 -12.28 -8.09
N HIS A 70 -5.25 -13.46 -8.54
CA HIS A 70 -5.64 -14.68 -7.87
C HIS A 70 -4.45 -15.29 -7.15
N HIS A 71 -4.11 -14.73 -5.98
CA HIS A 71 -2.99 -15.23 -5.21
C HIS A 71 -3.20 -16.69 -4.81
N HIS A 72 -2.18 -17.51 -5.04
CA HIS A 72 -2.24 -18.95 -4.73
C HIS A 72 -3.32 -19.64 -5.55
N HIS A 73 -3.41 -19.30 -6.82
CA HIS A 73 -4.34 -19.96 -7.72
C HIS A 73 -3.87 -21.38 -8.02
N HIS A 74 -4.77 -22.34 -7.84
CA HIS A 74 -4.41 -23.74 -7.95
C HIS A 74 -4.82 -24.32 -9.31
N HIS A 75 -4.08 -25.31 -9.76
CA HIS A 75 -4.38 -26.00 -11.00
C HIS A 75 -4.39 -27.49 -10.77
N MET A 1 9.34 5.44 6.58
CA MET A 1 8.22 4.49 6.57
C MET A 1 6.89 5.22 6.67
N CYS A 2 6.01 4.93 5.71
CA CYS A 2 4.64 5.45 5.70
C CYS A 2 4.58 6.94 5.34
N GLU A 3 5.75 7.58 5.21
CA GLU A 3 5.84 8.98 4.84
C GLU A 3 5.23 9.88 5.93
N PHE A 4 5.26 11.19 5.74
CA PHE A 4 4.69 12.12 6.72
C PHE A 4 3.59 12.95 6.08
N ILE A 5 2.56 12.23 5.65
CA ILE A 5 1.37 12.79 4.94
C ILE A 5 0.39 11.68 4.61
N GLU A 6 0.83 10.72 3.81
CA GLU A 6 0.04 9.53 3.49
C GLU A 6 -0.29 8.73 4.76
N ASP A 7 0.52 8.94 5.79
CA ASP A 7 0.39 8.20 7.05
C ASP A 7 -0.83 8.66 7.83
N SER A 8 -1.47 9.73 7.36
CA SER A 8 -2.64 10.29 8.05
C SER A 8 -3.87 9.43 7.84
N GLU A 9 -3.72 8.38 7.04
CA GLU A 9 -4.82 7.50 6.67
C GLU A 9 -5.33 6.68 7.86
N ASP A 10 -4.64 6.77 8.99
CA ASP A 10 -4.98 5.98 10.18
C ASP A 10 -6.44 6.16 10.57
N ILE A 11 -7.28 5.24 10.11
CA ILE A 11 -8.72 5.28 10.36
C ILE A 11 -9.03 5.20 11.85
N GLN A 12 -8.35 4.31 12.55
CA GLN A 12 -8.62 4.10 13.97
C GLN A 12 -7.96 5.18 14.84
N GLY A 13 -7.50 6.25 14.19
CA GLY A 13 -7.02 7.41 14.91
C GLY A 13 -8.15 8.38 15.22
N LEU A 14 -9.37 8.03 14.76
CA LEU A 14 -10.57 8.82 15.00
C LEU A 14 -10.50 10.16 14.28
N LYS A 15 -10.38 10.12 12.96
CA LYS A 15 -10.49 11.32 12.14
C LYS A 15 -11.73 11.22 11.26
N SER A 16 -12.73 10.48 11.75
CA SER A 16 -13.97 10.27 11.03
C SER A 16 -14.77 11.57 10.93
N LEU A 17 -14.45 12.52 11.80
CA LEU A 17 -15.09 13.81 11.81
C LEU A 17 -14.56 14.68 10.67
N ARG A 18 -13.39 14.31 10.18
CA ARG A 18 -12.77 15.00 9.06
C ARG A 18 -13.40 14.49 7.77
N LYS A 19 -14.66 14.83 7.59
CA LYS A 19 -15.43 14.35 6.46
C LYS A 19 -16.59 15.33 6.17
N SER A 20 -16.46 16.54 6.70
CA SER A 20 -17.50 17.54 6.51
C SER A 20 -16.86 18.90 6.17
N HIS A 21 -16.69 19.77 7.19
CA HIS A 21 -16.16 21.10 6.94
C HIS A 21 -14.77 21.27 7.55
N THR A 22 -14.32 20.26 8.28
CA THR A 22 -12.97 20.26 8.91
C THR A 22 -11.87 20.73 7.93
N SER A 23 -11.84 20.18 6.71
CA SER A 23 -10.83 20.57 5.73
C SER A 23 -11.51 20.90 4.41
N LEU A 24 -12.24 19.92 3.89
CA LEU A 24 -12.97 20.06 2.65
C LEU A 24 -12.03 20.44 1.51
N GLU A 25 -11.11 19.54 1.22
CA GLU A 25 -10.15 19.69 0.13
C GLU A 25 -10.58 18.82 -1.04
N ASP A 26 -11.90 18.74 -1.24
CA ASP A 26 -12.50 17.84 -2.21
C ASP A 26 -12.20 16.39 -1.82
N ASP A 27 -12.50 15.45 -2.69
CA ASP A 27 -12.23 14.05 -2.41
C ASP A 27 -10.86 13.66 -2.92
N ASP A 28 -10.16 14.63 -3.50
CA ASP A 28 -8.84 14.39 -4.05
C ASP A 28 -7.80 14.48 -2.95
N ASP A 29 -7.89 15.52 -2.17
CA ASP A 29 -6.96 15.76 -1.06
C ASP A 29 -5.50 15.73 -1.52
N GLY A 30 -5.13 16.72 -2.32
CA GLY A 30 -3.79 16.77 -2.85
C GLY A 30 -2.76 17.16 -1.82
N SER A 31 -3.20 17.64 -0.67
CA SER A 31 -2.29 18.08 0.38
C SER A 31 -2.02 16.94 1.37
N ARG A 32 -2.35 15.72 0.96
CA ARG A 32 -2.12 14.53 1.80
C ARG A 32 -2.16 13.28 0.93
N GLY A 33 -1.85 12.14 1.51
CA GLY A 33 -1.82 10.91 0.76
C GLY A 33 -3.08 10.09 0.95
N GLY A 34 -3.87 9.99 -0.11
CA GLY A 34 -5.12 9.25 -0.05
C GLY A 34 -5.00 7.87 -0.65
N ASP A 35 -3.77 7.46 -0.96
CA ASP A 35 -3.53 6.12 -1.51
C ASP A 35 -3.56 5.08 -0.40
N CYS A 36 -4.73 4.87 0.17
CA CYS A 36 -4.90 3.97 1.30
C CYS A 36 -5.19 2.54 0.83
N GLU A 37 -4.13 1.79 0.63
CA GLU A 37 -4.22 0.38 0.26
C GLU A 37 -2.85 -0.25 0.45
N GLY A 38 -2.44 -0.34 1.71
CA GLY A 38 -1.12 -0.85 2.03
C GLY A 38 -0.07 0.24 1.94
N CYS A 39 0.32 0.55 0.72
CA CYS A 39 1.24 1.64 0.43
C CYS A 39 1.28 1.88 -1.07
N SER A 40 0.19 2.41 -1.60
CA SER A 40 -0.01 2.41 -3.03
C SER A 40 0.67 3.60 -3.69
N GLY A 41 0.71 3.58 -5.02
CA GLY A 41 1.46 4.62 -5.74
C GLY A 41 2.81 4.11 -6.20
N THR A 42 3.41 3.24 -5.40
CA THR A 42 4.69 2.65 -5.74
C THR A 42 4.52 1.60 -6.84
N ALA A 43 5.60 1.30 -7.54
CA ALA A 43 5.59 0.31 -8.60
C ALA A 43 6.59 -0.80 -8.31
N CYS A 44 6.06 -1.97 -8.02
CA CYS A 44 6.88 -3.16 -7.83
C CYS A 44 6.76 -4.09 -9.02
N SER A 45 7.91 -4.47 -9.56
CA SER A 45 7.95 -5.42 -10.64
C SER A 45 7.92 -6.81 -10.05
N SER A 46 8.29 -6.89 -8.77
CA SER A 46 8.20 -8.14 -8.06
C SER A 46 7.14 -8.02 -6.99
N ASP A 47 6.39 -9.08 -6.81
CA ASP A 47 5.30 -9.14 -5.83
C ASP A 47 5.79 -8.92 -4.41
N ALA A 48 6.78 -9.72 -3.99
CA ALA A 48 7.21 -9.76 -2.62
C ALA A 48 7.70 -8.40 -2.11
N GLN A 49 8.26 -7.59 -2.99
CA GLN A 49 8.95 -6.39 -2.56
C GLN A 49 7.99 -5.34 -2.00
N CYS A 50 6.78 -5.22 -2.56
CA CYS A 50 5.81 -4.28 -2.02
C CYS A 50 4.86 -4.99 -1.08
N ARG A 51 4.39 -6.14 -1.51
CA ARG A 51 3.62 -7.03 -0.69
C ARG A 51 4.22 -7.18 0.71
N ALA A 52 5.48 -7.65 0.79
CA ALA A 52 6.12 -7.88 2.08
C ALA A 52 6.55 -6.55 2.68
N ARG A 53 6.52 -5.51 1.85
CA ARG A 53 6.79 -4.15 2.34
C ARG A 53 5.61 -3.63 3.14
N GLY A 54 4.49 -4.32 3.04
CA GLY A 54 3.30 -3.89 3.73
C GLY A 54 2.19 -3.46 2.80
N CYS A 55 2.48 -3.39 1.50
CA CYS A 55 1.45 -3.05 0.52
C CYS A 55 0.39 -4.17 0.44
N ASP A 56 0.62 -5.21 -0.37
CA ASP A 56 -0.24 -6.40 -0.43
C ASP A 56 0.16 -7.28 -1.60
N GLY A 57 0.28 -6.70 -2.80
CA GLY A 57 0.72 -7.46 -3.93
C GLY A 57 0.95 -6.57 -5.12
N CYS A 58 1.62 -7.11 -6.12
CA CYS A 58 1.92 -6.36 -7.32
C CYS A 58 1.07 -6.87 -8.46
N SER A 59 0.27 -5.97 -9.03
CA SER A 59 -0.69 -6.38 -10.03
C SER A 59 -0.11 -6.23 -11.43
N THR A 60 -0.85 -6.67 -12.45
CA THR A 60 -0.38 -6.66 -13.85
C THR A 60 0.38 -5.38 -14.27
N SER A 61 0.00 -4.22 -13.75
CA SER A 61 0.63 -2.96 -14.15
C SER A 61 1.97 -2.74 -13.45
N GLY A 62 2.31 -3.63 -12.53
CA GLY A 62 3.55 -3.49 -11.80
C GLY A 62 3.47 -2.43 -10.73
N VAL A 63 2.31 -2.36 -10.07
CA VAL A 63 2.08 -1.37 -9.03
C VAL A 63 1.88 -2.06 -7.68
N CYS A 64 2.04 -1.31 -6.59
CA CYS A 64 2.00 -1.89 -5.26
C CYS A 64 0.65 -1.61 -4.63
N VAL A 65 -0.16 -2.65 -4.50
CA VAL A 65 -1.60 -2.51 -4.26
C VAL A 65 -2.14 -3.73 -3.51
N LEU A 66 -3.47 -3.79 -3.37
CA LEU A 66 -4.14 -5.03 -3.04
C LEU A 66 -4.13 -5.93 -4.28
N SER A 67 -3.45 -7.07 -4.20
CA SER A 67 -3.17 -7.92 -5.38
C SER A 67 -4.46 -8.18 -6.20
N SER A 68 -4.59 -7.58 -7.39
CA SER A 68 -5.76 -7.87 -8.23
C SER A 68 -5.33 -8.78 -9.38
N LEU A 69 -5.12 -10.03 -9.05
CA LEU A 69 -4.65 -11.04 -9.98
C LEU A 69 -5.17 -12.40 -9.56
N HIS A 70 -5.12 -13.37 -10.46
CA HIS A 70 -5.60 -14.71 -10.14
C HIS A 70 -4.47 -15.54 -9.52
N HIS A 71 -3.84 -14.96 -8.50
CA HIS A 71 -2.81 -15.65 -7.74
C HIS A 71 -3.02 -15.38 -6.26
N HIS A 72 -3.99 -16.06 -5.68
CA HIS A 72 -4.38 -15.80 -4.30
C HIS A 72 -3.35 -16.34 -3.31
N HIS A 73 -2.63 -17.39 -3.70
CA HIS A 73 -1.67 -18.00 -2.81
C HIS A 73 -0.26 -17.79 -3.35
N HIS A 74 -0.04 -16.59 -3.90
CA HIS A 74 1.24 -16.20 -4.50
C HIS A 74 1.51 -17.01 -5.77
N HIS A 75 1.99 -18.23 -5.61
CA HIS A 75 2.30 -19.07 -6.76
C HIS A 75 2.52 -20.51 -6.31
N MET A 1 -3.09 9.03 13.57
CA MET A 1 -4.50 8.85 13.97
C MET A 1 -4.96 7.45 13.59
N CYS A 2 -5.14 7.22 12.30
CA CYS A 2 -5.53 5.92 11.77
C CYS A 2 -5.30 5.91 10.26
N GLU A 3 -4.03 5.86 9.89
CA GLU A 3 -3.64 6.04 8.50
C GLU A 3 -3.84 4.76 7.68
N PHE A 4 -4.82 3.95 8.08
CA PHE A 4 -5.12 2.73 7.35
C PHE A 4 -6.46 2.87 6.61
N ILE A 5 -6.86 4.12 6.40
CA ILE A 5 -8.16 4.43 5.79
C ILE A 5 -8.15 5.76 5.06
N GLU A 6 -8.12 6.85 5.80
CA GLU A 6 -8.05 8.19 5.21
C GLU A 6 -6.85 8.31 4.29
N ASP A 7 -5.78 7.66 4.71
CA ASP A 7 -4.53 7.68 3.95
C ASP A 7 -4.66 6.81 2.71
N SER A 8 -5.46 5.77 2.83
CA SER A 8 -5.63 4.80 1.77
C SER A 8 -6.51 5.37 0.65
N GLU A 9 -7.46 6.21 1.03
CA GLU A 9 -8.41 6.78 0.07
C GLU A 9 -7.82 7.99 -0.63
N ASP A 10 -6.82 8.62 0.02
CA ASP A 10 -6.12 9.77 -0.54
C ASP A 10 -7.08 10.95 -0.78
N ILE A 11 -7.62 11.05 -1.98
CA ILE A 11 -8.55 12.13 -2.30
C ILE A 11 -9.99 11.69 -2.02
N GLN A 12 -10.22 10.40 -2.07
CA GLN A 12 -11.56 9.85 -1.89
C GLN A 12 -11.98 9.98 -0.43
N GLY A 13 -11.01 10.12 0.46
CA GLY A 13 -11.30 10.30 1.86
C GLY A 13 -11.25 11.75 2.27
N LEU A 14 -11.04 12.63 1.30
CA LEU A 14 -10.95 14.06 1.56
C LEU A 14 -11.97 14.81 0.71
N LYS A 15 -13.23 14.73 1.09
CA LYS A 15 -14.31 15.24 0.25
C LYS A 15 -14.56 16.74 0.49
N SER A 16 -13.80 17.33 1.38
CA SER A 16 -13.83 18.77 1.54
C SER A 16 -12.87 19.40 0.53
N LEU A 17 -11.93 18.59 0.06
CA LEU A 17 -10.95 19.04 -0.92
C LEU A 17 -11.47 18.79 -2.32
N ARG A 18 -12.42 17.86 -2.41
CA ARG A 18 -13.08 17.48 -3.66
C ARG A 18 -12.10 16.78 -4.59
N LYS A 19 -11.18 17.52 -5.17
CA LYS A 19 -10.13 16.95 -6.00
C LYS A 19 -8.75 17.18 -5.36
N SER A 20 -8.61 18.30 -4.64
CA SER A 20 -7.37 18.64 -3.96
C SER A 20 -7.41 20.08 -3.46
N HIS A 21 -7.10 21.03 -4.34
CA HIS A 21 -7.08 22.44 -3.97
C HIS A 21 -8.21 23.18 -4.66
N THR A 22 -9.05 22.41 -5.34
CA THR A 22 -10.16 22.96 -6.15
C THR A 22 -10.94 24.09 -5.47
N SER A 23 -11.53 23.83 -4.31
CA SER A 23 -12.24 24.85 -3.58
C SER A 23 -11.90 24.77 -2.11
N LEU A 24 -10.66 24.43 -1.83
CA LEU A 24 -10.19 24.24 -0.47
C LEU A 24 -8.88 24.99 -0.27
N GLU A 25 -8.98 26.22 0.18
CA GLU A 25 -7.81 27.03 0.48
C GLU A 25 -7.57 27.05 1.99
N ASP A 26 -6.93 26.01 2.50
CA ASP A 26 -6.68 25.90 3.92
C ASP A 26 -5.38 25.13 4.16
N ASP A 27 -4.86 25.25 5.36
CA ASP A 27 -3.57 24.65 5.69
C ASP A 27 -3.74 23.24 6.23
N ASP A 28 -4.98 22.78 6.25
CA ASP A 28 -5.31 21.42 6.70
C ASP A 28 -4.37 20.39 6.11
N ASP A 29 -4.39 20.31 4.79
CA ASP A 29 -3.49 19.43 4.05
C ASP A 29 -3.58 17.99 4.56
N GLY A 30 -4.77 17.43 4.48
CA GLY A 30 -5.01 16.09 4.98
C GLY A 30 -4.55 15.00 4.03
N SER A 31 -3.91 15.40 2.93
CA SER A 31 -3.47 14.48 1.90
C SER A 31 -2.22 13.70 2.33
N ARG A 32 -2.03 13.56 3.63
CA ARG A 32 -0.87 12.88 4.18
C ARG A 32 -1.32 11.67 4.99
N GLY A 33 -0.40 10.76 5.26
CA GLY A 33 -0.74 9.58 6.04
C GLY A 33 0.48 8.84 6.53
N GLY A 34 0.49 7.53 6.33
CA GLY A 34 1.58 6.71 6.81
C GLY A 34 2.28 5.99 5.69
N ASP A 35 1.50 5.40 4.80
CA ASP A 35 2.05 4.70 3.66
C ASP A 35 1.82 5.50 2.39
N CYS A 36 1.51 6.78 2.57
CA CYS A 36 1.34 7.70 1.45
C CYS A 36 2.61 7.76 0.62
N GLU A 37 2.49 7.40 -0.66
CA GLU A 37 3.63 7.32 -1.57
C GLU A 37 4.59 6.28 -1.04
N GLY A 38 4.03 5.13 -0.73
CA GLY A 38 4.75 4.08 -0.06
C GLY A 38 4.02 2.79 -0.26
N CYS A 39 3.03 2.87 -1.12
CA CYS A 39 2.15 1.80 -1.44
C CYS A 39 1.27 2.35 -2.54
N SER A 40 0.31 1.58 -2.95
CA SER A 40 -0.66 1.95 -3.97
C SER A 40 -0.01 2.38 -5.29
N GLY A 41 0.37 3.64 -5.41
CA GLY A 41 1.04 4.11 -6.63
C GLY A 41 2.53 3.78 -6.64
N THR A 42 3.00 3.00 -5.68
CA THR A 42 4.39 2.55 -5.66
C THR A 42 4.57 1.41 -6.63
N ALA A 43 5.64 1.45 -7.38
CA ALA A 43 5.86 0.48 -8.45
C ALA A 43 6.70 -0.69 -7.99
N CYS A 44 6.17 -1.85 -8.28
CA CYS A 44 6.83 -3.11 -8.04
C CYS A 44 7.01 -3.85 -9.34
N SER A 45 8.20 -4.32 -9.57
CA SER A 45 8.40 -5.29 -10.64
C SER A 45 8.25 -6.68 -10.04
N SER A 46 8.57 -6.79 -8.75
CA SER A 46 8.42 -8.04 -8.04
C SER A 46 7.36 -7.93 -6.94
N ASP A 47 6.68 -9.04 -6.70
CA ASP A 47 5.68 -9.14 -5.64
C ASP A 47 6.26 -8.93 -4.26
N ALA A 48 7.50 -9.40 -4.02
CA ALA A 48 8.09 -9.32 -2.70
C ALA A 48 8.22 -7.86 -2.23
N GLN A 49 8.19 -6.93 -3.17
CA GLN A 49 8.33 -5.52 -2.84
C GLN A 49 7.05 -5.01 -2.21
N CYS A 50 5.93 -5.63 -2.55
CA CYS A 50 4.67 -5.31 -1.90
C CYS A 50 4.46 -6.18 -0.68
N ARG A 51 4.85 -7.45 -0.81
CA ARG A 51 4.78 -8.39 0.30
C ARG A 51 5.57 -7.87 1.48
N ALA A 52 6.81 -7.48 1.22
CA ALA A 52 7.68 -6.95 2.26
C ALA A 52 7.27 -5.53 2.60
N ARG A 53 6.46 -4.94 1.75
CA ARG A 53 5.96 -3.59 2.01
C ARG A 53 4.79 -3.62 2.95
N GLY A 54 4.27 -4.81 3.18
CA GLY A 54 3.06 -4.95 3.97
C GLY A 54 1.85 -4.57 3.16
N CYS A 55 2.11 -4.13 1.92
CA CYS A 55 1.03 -3.77 1.01
C CYS A 55 0.07 -4.94 0.77
N ASP A 56 0.45 -5.93 -0.05
CA ASP A 56 -0.39 -7.11 -0.29
C ASP A 56 0.14 -7.88 -1.50
N GLY A 57 0.18 -7.22 -2.65
CA GLY A 57 0.64 -7.89 -3.84
C GLY A 57 0.94 -6.93 -4.96
N CYS A 58 1.76 -7.38 -5.88
CA CYS A 58 2.10 -6.57 -7.04
C CYS A 58 1.09 -6.83 -8.14
N SER A 59 0.45 -5.78 -8.64
CA SER A 59 -0.55 -5.99 -9.67
C SER A 59 0.09 -5.90 -11.05
N THR A 60 -0.55 -6.50 -12.06
CA THR A 60 0.03 -6.58 -13.42
C THR A 60 0.70 -5.27 -13.90
N SER A 61 0.15 -4.11 -13.53
CA SER A 61 0.68 -2.83 -13.98
C SER A 61 1.93 -2.40 -13.21
N GLY A 62 2.48 -3.30 -12.40
CA GLY A 62 3.65 -2.99 -11.62
C GLY A 62 3.36 -1.97 -10.52
N VAL A 63 2.26 -2.16 -9.82
CA VAL A 63 1.88 -1.27 -8.72
C VAL A 63 1.73 -2.07 -7.43
N CYS A 64 1.96 -1.41 -6.31
CA CYS A 64 2.04 -2.10 -5.01
C CYS A 64 0.75 -1.84 -4.27
N VAL A 65 -0.11 -2.83 -4.21
CA VAL A 65 -1.48 -2.60 -3.80
C VAL A 65 -2.07 -3.82 -3.13
N LEU A 66 -3.34 -3.69 -2.75
CA LEU A 66 -4.18 -4.86 -2.57
C LEU A 66 -4.46 -5.39 -3.99
N SER A 67 -3.58 -6.26 -4.48
CA SER A 67 -3.58 -6.69 -5.90
C SER A 67 -4.93 -7.31 -6.28
N SER A 68 -5.22 -7.42 -7.57
CA SER A 68 -6.46 -8.00 -8.03
C SER A 68 -6.23 -8.73 -9.35
N LEU A 69 -5.95 -10.03 -9.27
CA LEU A 69 -5.60 -10.79 -10.44
C LEU A 69 -6.83 -11.43 -11.06
N HIS A 70 -7.33 -10.83 -12.13
CA HIS A 70 -8.42 -11.41 -12.89
C HIS A 70 -7.90 -12.56 -13.73
N HIS A 71 -6.59 -12.54 -13.96
CA HIS A 71 -5.93 -13.59 -14.72
C HIS A 71 -5.02 -14.39 -13.79
N HIS A 72 -5.43 -15.60 -13.50
CA HIS A 72 -4.70 -16.46 -12.56
C HIS A 72 -3.32 -16.83 -13.12
N HIS A 73 -3.28 -17.14 -14.41
CA HIS A 73 -2.04 -17.58 -15.07
C HIS A 73 -1.56 -18.92 -14.54
N HIS A 74 -1.55 -19.91 -15.43
CA HIS A 74 -1.07 -21.26 -15.14
C HIS A 74 -2.03 -22.01 -14.21
N HIS A 75 -2.33 -23.26 -14.56
CA HIS A 75 -3.20 -24.08 -13.75
C HIS A 75 -2.37 -24.90 -12.77
N MET A 1 -0.57 -6.95 11.06
CA MET A 1 -1.11 -8.31 11.29
C MET A 1 -0.51 -9.30 10.29
N CYS A 2 0.01 -10.42 10.82
CA CYS A 2 0.59 -11.49 10.01
C CYS A 2 1.65 -10.96 9.04
N GLU A 3 1.31 -10.87 7.76
CA GLU A 3 2.25 -10.41 6.75
C GLU A 3 2.09 -8.90 6.55
N PHE A 4 2.23 -8.18 7.64
CA PHE A 4 2.13 -6.73 7.65
C PHE A 4 2.84 -6.27 8.90
N ILE A 5 4.17 -6.27 8.83
CA ILE A 5 5.01 -6.01 9.98
C ILE A 5 5.08 -4.52 10.22
N GLU A 6 3.92 -3.95 10.45
CA GLU A 6 3.79 -2.52 10.76
C GLU A 6 3.22 -2.34 12.15
N ASP A 7 3.38 -3.37 12.98
CA ASP A 7 2.82 -3.37 14.34
C ASP A 7 3.77 -2.66 15.30
N SER A 8 4.95 -2.32 14.80
CA SER A 8 5.98 -1.67 15.60
C SER A 8 5.57 -0.26 16.04
N GLU A 9 4.39 0.18 15.57
CA GLU A 9 3.85 1.48 15.97
C GLU A 9 3.67 1.56 17.48
N ASP A 10 3.33 0.40 18.08
CA ASP A 10 3.28 0.23 19.54
C ASP A 10 2.17 1.05 20.19
N ILE A 11 1.32 1.66 19.37
CA ILE A 11 0.25 2.51 19.86
C ILE A 11 -0.77 1.68 20.64
N GLN A 12 -0.96 0.45 20.21
CA GLN A 12 -1.84 -0.47 20.89
C GLN A 12 -1.28 -0.88 22.24
N GLY A 13 0.05 -0.81 22.37
CA GLY A 13 0.70 -1.22 23.60
C GLY A 13 0.94 -0.07 24.55
N LEU A 14 0.31 1.08 24.26
CA LEU A 14 0.43 2.28 25.09
C LEU A 14 1.86 2.80 25.13
N LYS A 15 2.15 3.80 24.31
CA LYS A 15 3.49 4.37 24.26
C LYS A 15 3.69 5.38 25.37
N SER A 16 2.75 5.41 26.30
CA SER A 16 2.90 6.17 27.52
C SER A 16 3.88 5.45 28.43
N LEU A 17 4.29 4.25 28.00
CA LEU A 17 5.30 3.46 28.68
C LEU A 17 6.66 3.79 28.09
N ARG A 18 6.76 4.99 27.53
CA ARG A 18 7.95 5.50 26.87
C ARG A 18 9.23 5.19 27.65
N LYS A 19 10.13 4.46 27.00
CA LYS A 19 11.39 4.07 27.61
C LYS A 19 12.50 4.98 27.11
N SER A 20 13.40 5.37 28.00
CA SER A 20 14.39 6.40 27.68
C SER A 20 15.63 5.79 27.01
N HIS A 21 15.77 4.46 27.05
CA HIS A 21 16.94 3.80 26.45
C HIS A 21 16.79 3.72 24.92
N THR A 22 15.74 4.35 24.39
CA THR A 22 15.43 4.28 22.95
C THR A 22 16.46 4.98 22.02
N SER A 23 17.64 5.33 22.52
CA SER A 23 18.61 6.02 21.69
C SER A 23 19.55 5.03 21.03
N LEU A 24 19.69 3.87 21.64
CA LEU A 24 20.50 2.80 21.07
C LEU A 24 19.61 1.69 20.53
N GLU A 25 18.70 1.22 21.37
CA GLU A 25 17.81 0.14 21.00
C GLU A 25 16.36 0.61 21.01
N ASP A 26 15.90 1.12 19.88
CA ASP A 26 14.51 1.53 19.75
C ASP A 26 13.66 0.38 19.28
N ASP A 27 12.47 0.29 19.82
CA ASP A 27 11.53 -0.75 19.45
C ASP A 27 10.60 -0.28 18.34
N ASP A 28 10.84 0.95 17.90
CA ASP A 28 9.97 1.57 16.90
C ASP A 28 10.37 1.16 15.50
N ASP A 29 11.62 1.40 15.17
CA ASP A 29 12.15 1.20 13.81
C ASP A 29 11.43 2.14 12.82
N GLY A 30 12.07 3.25 12.46
CA GLY A 30 11.45 4.22 11.56
C GLY A 30 11.19 3.66 10.17
N SER A 31 11.69 2.47 9.90
CA SER A 31 11.49 1.82 8.61
C SER A 31 10.04 1.33 8.48
N ARG A 32 9.29 1.44 9.56
CA ARG A 32 7.92 0.92 9.59
C ARG A 32 7.12 1.59 10.70
N GLY A 33 5.82 1.34 10.70
CA GLY A 33 4.97 1.85 11.75
C GLY A 33 3.86 2.73 11.21
N GLY A 34 3.16 2.24 10.20
CA GLY A 34 2.06 2.99 9.65
C GLY A 34 0.95 2.07 9.15
N ASP A 35 -0.20 2.64 8.79
CA ASP A 35 -1.33 1.85 8.30
C ASP A 35 -1.41 1.92 6.79
N CYS A 36 -0.28 1.66 6.13
CA CYS A 36 -0.20 1.75 4.68
C CYS A 36 -1.00 0.62 4.01
N GLU A 37 -2.21 0.95 3.58
CA GLU A 37 -3.05 -0.01 2.89
C GLU A 37 -3.41 0.54 1.53
N GLY A 38 -2.49 1.30 0.94
CA GLY A 38 -2.76 1.97 -0.29
C GLY A 38 -1.52 2.58 -0.90
N CYS A 39 -0.40 1.88 -0.80
CA CYS A 39 0.87 2.38 -1.28
C CYS A 39 1.08 2.01 -2.74
N SER A 40 0.03 2.20 -3.54
CA SER A 40 0.04 1.83 -4.94
C SER A 40 0.69 2.90 -5.78
N GLY A 41 1.03 3.99 -5.12
CA GLY A 41 1.86 5.02 -5.75
C GLY A 41 3.31 4.57 -5.85
N THR A 42 3.57 3.33 -5.47
CA THR A 42 4.88 2.74 -5.59
C THR A 42 4.79 1.62 -6.61
N ALA A 43 5.86 1.41 -7.36
CA ALA A 43 5.84 0.40 -8.40
C ALA A 43 6.78 -0.73 -8.08
N CYS A 44 6.20 -1.88 -7.81
CA CYS A 44 6.97 -3.10 -7.71
C CYS A 44 6.70 -3.97 -8.91
N SER A 45 7.77 -4.38 -9.58
CA SER A 45 7.66 -5.30 -10.69
C SER A 45 7.65 -6.70 -10.13
N SER A 46 8.16 -6.84 -8.92
CA SER A 46 8.08 -8.09 -8.22
C SER A 46 7.13 -7.95 -7.04
N ASP A 47 6.34 -8.97 -6.85
CA ASP A 47 5.29 -9.00 -5.83
C ASP A 47 5.85 -8.94 -4.41
N ALA A 48 6.85 -9.75 -4.12
CA ALA A 48 7.34 -9.92 -2.77
C ALA A 48 7.80 -8.63 -2.12
N GLN A 49 8.30 -7.70 -2.91
CA GLN A 49 8.99 -6.55 -2.36
C GLN A 49 8.02 -5.53 -1.77
N CYS A 50 6.85 -5.37 -2.38
CA CYS A 50 5.86 -4.46 -1.80
C CYS A 50 4.89 -5.23 -0.93
N ARG A 51 4.53 -6.41 -1.38
CA ARG A 51 3.75 -7.34 -0.56
C ARG A 51 4.35 -7.48 0.83
N ALA A 52 5.62 -7.87 0.91
CA ALA A 52 6.26 -8.06 2.20
C ALA A 52 6.56 -6.73 2.82
N ARG A 53 6.43 -5.68 2.02
CA ARG A 53 6.59 -4.33 2.52
C ARG A 53 5.25 -3.75 2.96
N GLY A 54 4.32 -4.63 3.26
CA GLY A 54 3.07 -4.20 3.85
C GLY A 54 2.03 -3.84 2.82
N CYS A 55 2.47 -3.40 1.64
CA CYS A 55 1.53 -3.01 0.59
C CYS A 55 0.44 -4.08 0.36
N ASP A 56 0.83 -5.32 -0.06
CA ASP A 56 -0.08 -6.50 -0.14
C ASP A 56 0.40 -7.38 -1.26
N GLY A 57 0.63 -6.75 -2.41
CA GLY A 57 1.12 -7.44 -3.56
C GLY A 57 1.47 -6.47 -4.65
N CYS A 58 1.77 -7.02 -5.79
CA CYS A 58 1.99 -6.24 -6.99
C CYS A 58 1.09 -6.74 -8.08
N SER A 59 0.39 -5.83 -8.75
CA SER A 59 -0.63 -6.26 -9.69
C SER A 59 -0.19 -6.01 -11.13
N THR A 60 -1.06 -6.33 -12.08
CA THR A 60 -0.77 -6.17 -13.51
C THR A 60 -0.10 -4.82 -13.88
N SER A 61 -0.40 -3.74 -13.15
CA SER A 61 0.14 -2.43 -13.50
C SER A 61 1.51 -2.20 -12.88
N GLY A 62 2.04 -3.23 -12.20
CA GLY A 62 3.36 -3.13 -11.61
C GLY A 62 3.41 -2.14 -10.48
N VAL A 63 2.29 -1.99 -9.79
CA VAL A 63 2.17 -1.05 -8.67
C VAL A 63 2.01 -1.85 -7.38
N CYS A 64 2.13 -1.18 -6.25
CA CYS A 64 2.12 -1.87 -4.97
C CYS A 64 0.75 -1.75 -4.32
N VAL A 65 0.02 -2.84 -4.35
CA VAL A 65 -1.43 -2.80 -4.20
C VAL A 65 -1.93 -4.19 -3.81
N LEU A 66 -3.17 -4.31 -3.33
CA LEU A 66 -3.73 -5.63 -3.10
C LEU A 66 -3.89 -6.35 -4.45
N SER A 67 -3.13 -7.43 -4.63
CA SER A 67 -2.97 -8.08 -5.94
C SER A 67 -4.33 -8.39 -6.60
N SER A 68 -4.69 -7.69 -7.67
CA SER A 68 -5.85 -8.05 -8.44
C SER A 68 -5.52 -9.25 -9.33
N LEU A 69 -5.51 -10.43 -8.72
CA LEU A 69 -5.16 -11.66 -9.42
C LEU A 69 -6.29 -12.12 -10.33
N HIS A 70 -6.47 -11.39 -11.42
CA HIS A 70 -7.50 -11.72 -12.39
C HIS A 70 -6.91 -11.76 -13.80
N HIS A 71 -5.58 -11.72 -13.85
CA HIS A 71 -4.87 -11.76 -15.13
C HIS A 71 -5.17 -13.06 -15.88
N HIS A 72 -5.59 -12.94 -17.12
CA HIS A 72 -5.98 -14.09 -17.92
C HIS A 72 -4.77 -14.71 -18.59
N HIS A 73 -4.16 -15.66 -17.90
CA HIS A 73 -3.01 -16.40 -18.42
C HIS A 73 -3.40 -17.15 -19.68
N HIS A 74 -2.54 -17.08 -20.70
CA HIS A 74 -2.79 -17.72 -22.00
C HIS A 74 -3.99 -17.07 -22.68
N HIS A 75 -3.72 -16.03 -23.45
CA HIS A 75 -4.77 -15.31 -24.16
C HIS A 75 -5.22 -16.08 -25.39
N MET A 1 -20.99 -2.02 4.97
CA MET A 1 -19.90 -1.03 5.18
C MET A 1 -18.71 -1.67 5.88
N CYS A 2 -18.97 -2.66 6.73
CA CYS A 2 -17.89 -3.37 7.41
C CYS A 2 -17.54 -4.62 6.59
N GLU A 3 -17.15 -4.39 5.34
CA GLU A 3 -16.89 -5.47 4.41
C GLU A 3 -15.46 -5.95 4.55
N PHE A 4 -15.14 -7.12 3.98
CA PHE A 4 -13.79 -7.64 4.05
C PHE A 4 -13.39 -8.29 2.72
N ILE A 5 -12.72 -7.49 1.88
CA ILE A 5 -12.15 -7.96 0.57
C ILE A 5 -13.14 -8.86 -0.19
N GLU A 6 -14.41 -8.49 -0.12
CA GLU A 6 -15.45 -9.30 -0.71
C GLU A 6 -15.77 -8.81 -2.12
N ASP A 7 -15.46 -7.54 -2.36
CA ASP A 7 -15.78 -6.90 -3.65
C ASP A 7 -14.87 -7.40 -4.76
N SER A 8 -13.98 -8.32 -4.42
CA SER A 8 -13.10 -8.93 -5.40
C SER A 8 -13.92 -9.78 -6.37
N GLU A 9 -14.58 -10.80 -5.84
CA GLU A 9 -15.38 -11.70 -6.66
C GLU A 9 -16.84 -11.25 -6.71
N ASP A 10 -17.28 -10.50 -5.70
CA ASP A 10 -18.67 -10.07 -5.62
C ASP A 10 -18.97 -8.95 -6.61
N ILE A 11 -19.53 -9.31 -7.74
CA ILE A 11 -19.90 -8.33 -8.75
C ILE A 11 -21.40 -8.00 -8.62
N GLN A 12 -22.03 -8.60 -7.62
CA GLN A 12 -23.46 -8.38 -7.39
C GLN A 12 -23.70 -7.02 -6.75
N GLY A 13 -22.76 -6.59 -5.92
CA GLY A 13 -22.88 -5.30 -5.27
C GLY A 13 -22.34 -4.18 -6.12
N LEU A 14 -22.28 -4.38 -7.43
CA LEU A 14 -21.80 -3.37 -8.35
C LEU A 14 -22.70 -2.15 -8.30
N LYS A 15 -23.93 -2.34 -7.84
CA LYS A 15 -24.90 -1.27 -7.69
C LYS A 15 -24.44 -0.24 -6.65
N SER A 16 -23.46 -0.63 -5.84
CA SER A 16 -22.91 0.28 -4.83
C SER A 16 -21.60 0.85 -5.34
N LEU A 17 -20.84 0.01 -6.03
CA LEU A 17 -19.53 0.38 -6.54
C LEU A 17 -19.66 1.28 -7.77
N ARG A 18 -20.87 1.36 -8.30
CA ARG A 18 -21.16 2.19 -9.46
C ARG A 18 -20.98 3.67 -9.15
N LYS A 19 -21.10 4.03 -7.89
CA LYS A 19 -21.06 5.44 -7.49
C LYS A 19 -19.65 5.88 -7.12
N SER A 20 -18.66 5.28 -7.77
CA SER A 20 -17.27 5.64 -7.56
C SER A 20 -16.79 6.62 -8.64
N HIS A 21 -17.59 6.77 -9.71
CA HIS A 21 -17.24 7.73 -10.76
C HIS A 21 -18.05 9.01 -10.60
N THR A 22 -18.94 9.03 -9.60
CA THR A 22 -19.81 10.19 -9.35
C THR A 22 -19.05 11.53 -9.37
N SER A 23 -17.90 11.62 -8.70
CA SER A 23 -17.11 12.83 -8.73
C SER A 23 -15.75 12.56 -9.36
N LEU A 24 -15.12 11.50 -8.88
CA LEU A 24 -13.80 11.10 -9.34
C LEU A 24 -13.38 9.81 -8.63
N GLU A 25 -13.65 9.78 -7.34
CA GLU A 25 -13.34 8.62 -6.51
C GLU A 25 -14.50 8.31 -5.57
N ASP A 26 -14.95 9.32 -4.83
CA ASP A 26 -16.14 9.24 -3.96
C ASP A 26 -16.02 8.20 -2.85
N ASP A 27 -16.57 8.55 -1.71
CA ASP A 27 -16.57 7.68 -0.55
C ASP A 27 -17.85 6.86 -0.49
N ASP A 28 -18.72 7.08 -1.46
CA ASP A 28 -20.04 6.44 -1.49
C ASP A 28 -19.93 4.93 -1.47
N ASP A 29 -18.89 4.43 -2.11
CA ASP A 29 -18.63 3.00 -2.14
C ASP A 29 -17.28 2.70 -1.47
N GLY A 30 -16.99 3.45 -0.41
CA GLY A 30 -15.76 3.25 0.34
C GLY A 30 -15.68 1.87 0.96
N SER A 31 -16.82 1.19 1.01
CA SER A 31 -16.89 -0.18 1.49
C SER A 31 -16.24 -1.14 0.51
N ARG A 32 -15.86 -0.63 -0.67
CA ARG A 32 -15.17 -1.44 -1.68
C ARG A 32 -13.94 -2.13 -1.07
N GLY A 33 -14.00 -3.46 -0.98
CA GLY A 33 -12.87 -4.22 -0.48
C GLY A 33 -12.70 -4.12 1.02
N GLY A 34 -13.55 -3.34 1.68
CA GLY A 34 -13.44 -3.14 3.10
C GLY A 34 -12.46 -2.03 3.45
N ASP A 35 -11.18 -2.28 3.21
CA ASP A 35 -10.13 -1.31 3.53
C ASP A 35 -9.07 -1.27 2.44
N CYS A 36 -9.41 -0.74 1.28
CA CYS A 36 -8.44 -0.62 0.20
C CYS A 36 -7.46 0.51 0.45
N GLU A 37 -6.38 0.20 1.15
CA GLU A 37 -5.32 1.16 1.41
C GLU A 37 -4.10 0.78 0.57
N GLY A 38 -4.26 0.84 -0.74
CA GLY A 38 -3.20 0.44 -1.64
C GLY A 38 -2.05 1.43 -1.67
N CYS A 39 -0.83 0.93 -1.73
CA CYS A 39 0.35 1.78 -1.82
C CYS A 39 0.65 2.00 -3.29
N SER A 40 -0.38 2.39 -4.02
CA SER A 40 -0.36 2.40 -5.47
C SER A 40 0.60 3.43 -6.03
N GLY A 41 1.01 4.34 -5.17
CA GLY A 41 2.10 5.26 -5.56
C GLY A 41 3.45 4.58 -5.54
N THR A 42 3.45 3.25 -5.44
CA THR A 42 4.69 2.50 -5.42
C THR A 42 4.70 1.49 -6.57
N ALA A 43 5.78 1.49 -7.33
CA ALA A 43 5.90 0.58 -8.47
C ALA A 43 6.69 -0.66 -8.10
N CYS A 44 6.05 -1.78 -8.33
CA CYS A 44 6.65 -3.08 -8.07
C CYS A 44 6.99 -3.77 -9.36
N SER A 45 8.23 -4.19 -9.47
CA SER A 45 8.60 -5.10 -10.53
C SER A 45 8.54 -6.51 -9.99
N SER A 46 8.64 -6.64 -8.68
CA SER A 46 8.57 -7.93 -8.04
C SER A 46 7.32 -8.05 -7.17
N ASP A 47 6.76 -9.25 -7.16
CA ASP A 47 5.61 -9.56 -6.33
C ASP A 47 5.91 -9.54 -4.83
N ALA A 48 7.01 -10.17 -4.40
CA ALA A 48 7.31 -10.31 -3.00
C ALA A 48 7.60 -8.97 -2.33
N GLN A 49 7.99 -7.96 -3.11
CA GLN A 49 8.40 -6.70 -2.55
C GLN A 49 7.19 -5.91 -2.09
N CYS A 50 6.01 -6.32 -2.55
CA CYS A 50 4.77 -5.72 -2.08
C CYS A 50 4.26 -6.43 -0.84
N ARG A 51 4.56 -7.71 -0.71
CA ARG A 51 4.26 -8.42 0.52
C ARG A 51 5.28 -8.02 1.58
N ALA A 52 6.51 -7.82 1.14
CA ALA A 52 7.58 -7.35 2.01
C ALA A 52 7.42 -5.86 2.26
N ARG A 53 6.56 -5.23 1.46
CA ARG A 53 6.23 -3.83 1.65
C ARG A 53 5.22 -3.69 2.78
N GLY A 54 4.63 -4.82 3.17
CA GLY A 54 3.55 -4.80 4.13
C GLY A 54 2.25 -4.38 3.50
N CYS A 55 2.36 -3.89 2.27
CA CYS A 55 1.20 -3.44 1.50
C CYS A 55 0.23 -4.60 1.19
N ASP A 56 0.52 -5.45 0.19
CA ASP A 56 -0.34 -6.60 -0.10
C ASP A 56 0.22 -7.36 -1.28
N GLY A 57 0.22 -6.70 -2.45
CA GLY A 57 0.62 -7.42 -3.64
C GLY A 57 0.91 -6.51 -4.80
N CYS A 58 1.70 -7.02 -5.72
CA CYS A 58 2.03 -6.32 -6.94
C CYS A 58 0.91 -6.51 -7.96
N SER A 59 0.42 -5.41 -8.51
CA SER A 59 -0.59 -5.49 -9.56
C SER A 59 0.11 -5.70 -10.90
N THR A 60 -0.58 -6.32 -11.87
CA THR A 60 0.00 -6.60 -13.19
C THR A 60 0.43 -5.34 -13.98
N SER A 61 0.36 -4.16 -13.38
CA SER A 61 0.77 -2.93 -14.06
C SER A 61 1.92 -2.25 -13.30
N GLY A 62 2.64 -3.03 -12.50
CA GLY A 62 3.78 -2.48 -11.77
C GLY A 62 3.39 -1.44 -10.74
N VAL A 63 2.28 -1.66 -10.03
CA VAL A 63 1.87 -0.78 -8.94
C VAL A 63 1.56 -1.62 -7.70
N CYS A 64 1.68 -1.03 -6.52
CA CYS A 64 1.62 -1.82 -5.28
C CYS A 64 0.28 -1.62 -4.61
N VAL A 65 -0.55 -2.65 -4.61
CA VAL A 65 -1.94 -2.50 -4.21
C VAL A 65 -2.42 -3.73 -3.48
N LEU A 66 -3.72 -3.76 -3.16
CA LEU A 66 -4.36 -5.01 -2.84
C LEU A 66 -4.49 -5.76 -4.17
N SER A 67 -3.42 -6.50 -4.51
CA SER A 67 -3.28 -7.14 -5.82
C SER A 67 -4.56 -7.89 -6.26
N SER A 68 -5.29 -7.36 -7.27
CA SER A 68 -6.38 -8.12 -7.88
C SER A 68 -5.80 -9.11 -8.89
N LEU A 69 -5.03 -10.07 -8.39
CA LEU A 69 -4.30 -10.99 -9.24
C LEU A 69 -4.30 -12.37 -8.60
N HIS A 70 -4.27 -13.41 -9.42
CA HIS A 70 -4.27 -14.77 -8.92
C HIS A 70 -2.86 -15.22 -8.58
N HIS A 71 -2.71 -15.88 -7.45
CA HIS A 71 -1.42 -16.36 -6.98
C HIS A 71 -1.53 -17.81 -6.56
N HIS A 72 -0.68 -18.65 -7.13
CA HIS A 72 -0.73 -20.08 -6.84
C HIS A 72 0.68 -20.66 -6.76
N HIS A 73 1.36 -20.69 -7.90
CA HIS A 73 2.69 -21.27 -8.01
C HIS A 73 3.13 -21.18 -9.47
N HIS A 74 4.42 -20.90 -9.69
CA HIS A 74 4.94 -20.67 -11.05
C HIS A 74 4.22 -19.49 -11.70
N HIS A 75 4.35 -18.32 -11.09
CA HIS A 75 3.71 -17.13 -11.60
C HIS A 75 4.69 -16.34 -12.45
N MET A 1 9.21 -13.68 15.78
CA MET A 1 9.92 -12.51 15.21
C MET A 1 9.15 -11.95 14.01
N CYS A 2 7.95 -11.45 14.28
CA CYS A 2 7.10 -10.92 13.22
C CYS A 2 7.32 -9.41 13.07
N GLU A 3 6.45 -8.76 12.30
CA GLU A 3 6.55 -7.34 12.07
C GLU A 3 6.16 -6.54 13.31
N PHE A 4 6.75 -5.37 13.46
CA PHE A 4 6.44 -4.47 14.55
C PHE A 4 6.18 -3.08 13.98
N ILE A 5 5.41 -2.28 14.69
CA ILE A 5 5.01 -0.97 14.19
C ILE A 5 6.12 0.03 14.47
N GLU A 6 7.22 -0.17 13.79
CA GLU A 6 8.36 0.72 13.86
C GLU A 6 8.85 0.98 12.45
N ASP A 7 7.89 0.98 11.53
CA ASP A 7 8.18 1.10 10.11
C ASP A 7 8.11 2.56 9.64
N SER A 8 8.29 3.48 10.58
CA SER A 8 8.23 4.90 10.27
C SER A 8 9.60 5.41 9.81
N GLU A 9 10.59 4.53 9.80
CA GLU A 9 11.96 4.91 9.41
C GLU A 9 12.03 5.22 7.92
N ASP A 10 10.95 4.96 7.19
CA ASP A 10 10.89 5.30 5.78
C ASP A 10 10.83 6.82 5.63
N ILE A 11 10.17 7.47 6.58
CA ILE A 11 10.09 8.93 6.60
C ILE A 11 11.47 9.51 6.90
N GLN A 12 12.23 8.80 7.71
CA GLN A 12 13.59 9.19 8.03
C GLN A 12 14.45 9.23 6.77
N GLY A 13 14.21 8.27 5.89
CA GLY A 13 14.96 8.16 4.65
C GLY A 13 14.76 9.35 3.72
N LEU A 14 13.72 10.14 3.96
CA LEU A 14 13.46 11.31 3.14
C LEU A 14 14.55 12.36 3.33
N LYS A 15 15.08 12.43 4.55
CA LYS A 15 16.08 13.43 4.89
C LYS A 15 17.33 12.76 5.47
N SER A 16 17.60 11.55 5.02
CA SER A 16 18.70 10.75 5.56
C SER A 16 20.06 11.21 5.04
N LEU A 17 20.18 12.50 4.76
CA LEU A 17 21.46 13.08 4.35
C LEU A 17 22.26 13.42 5.60
N ARG A 18 21.56 13.91 6.60
CA ARG A 18 22.17 14.27 7.87
C ARG A 18 21.89 13.18 8.91
N LYS A 19 22.78 12.21 8.99
CA LYS A 19 22.64 11.10 9.93
C LYS A 19 23.97 10.37 10.06
N SER A 20 24.30 9.97 11.29
CA SER A 20 25.55 9.28 11.54
C SER A 20 25.29 7.86 12.04
N HIS A 21 24.74 7.72 13.23
CA HIS A 21 24.37 6.41 13.74
C HIS A 21 22.87 6.21 13.65
N THR A 22 22.16 7.29 13.34
CA THR A 22 20.69 7.24 13.14
C THR A 22 20.24 6.07 12.23
N SER A 23 20.94 5.85 11.11
CA SER A 23 20.61 4.74 10.23
C SER A 23 21.88 4.25 9.53
N LEU A 24 22.23 2.99 9.78
CA LEU A 24 23.41 2.41 9.16
C LEU A 24 23.06 1.79 7.81
N GLU A 25 21.78 1.89 7.46
CA GLU A 25 21.26 1.50 6.14
C GLU A 25 21.43 0.01 5.87
N ASP A 26 21.22 -0.80 6.88
CA ASP A 26 21.17 -2.25 6.72
C ASP A 26 19.87 -2.78 7.31
N ASP A 27 19.55 -2.28 8.48
CA ASP A 27 18.30 -2.59 9.15
C ASP A 27 17.26 -1.52 8.80
N ASP A 28 17.70 -0.57 7.99
CA ASP A 28 16.89 0.59 7.63
C ASP A 28 15.64 0.18 6.87
N ASP A 29 15.84 -0.68 5.90
CA ASP A 29 14.76 -1.16 5.05
C ASP A 29 13.86 -2.13 5.83
N GLY A 30 14.43 -2.74 6.87
CA GLY A 30 13.66 -3.62 7.73
C GLY A 30 12.60 -2.86 8.49
N SER A 31 12.99 -1.71 9.05
CA SER A 31 12.07 -0.83 9.73
C SER A 31 11.43 0.14 8.74
N ARG A 32 11.42 -0.25 7.48
CA ARG A 32 10.82 0.55 6.42
C ARG A 32 9.55 -0.11 5.92
N GLY A 33 8.40 0.45 6.26
CA GLY A 33 7.15 -0.12 5.83
C GLY A 33 6.26 0.90 5.14
N GLY A 34 5.43 1.57 5.92
CA GLY A 34 4.49 2.49 5.34
C GLY A 34 3.24 1.79 4.88
N ASP A 35 2.53 1.17 5.84
CA ASP A 35 1.31 0.40 5.54
C ASP A 35 0.34 1.22 4.69
N CYS A 36 0.24 2.50 5.01
CA CYS A 36 -0.43 3.43 4.13
C CYS A 36 0.46 4.63 3.91
N GLU A 37 1.37 4.44 2.97
CA GLU A 37 2.30 5.46 2.52
C GLU A 37 3.35 4.78 1.63
N GLY A 38 2.91 4.33 0.47
CA GLY A 38 3.79 3.59 -0.40
C GLY A 38 3.19 2.26 -0.83
N CYS A 39 1.88 2.15 -0.73
CA CYS A 39 1.17 0.95 -1.10
C CYS A 39 -0.01 1.26 -2.02
N SER A 40 0.28 1.87 -3.17
CA SER A 40 -0.76 2.14 -4.17
C SER A 40 -0.15 2.71 -5.44
N GLY A 41 0.39 3.90 -5.32
CA GLY A 41 1.05 4.54 -6.47
C GLY A 41 2.51 4.20 -6.51
N THR A 42 2.89 3.14 -5.81
CA THR A 42 4.27 2.69 -5.81
C THR A 42 4.48 1.63 -6.88
N ALA A 43 5.70 1.48 -7.34
CA ALA A 43 5.99 0.56 -8.43
C ALA A 43 6.81 -0.62 -7.96
N CYS A 44 6.24 -1.80 -8.13
CA CYS A 44 6.92 -3.05 -7.90
C CYS A 44 7.21 -3.74 -9.23
N SER A 45 8.42 -4.19 -9.40
CA SER A 45 8.69 -5.11 -10.47
C SER A 45 8.43 -6.51 -9.95
N SER A 46 8.66 -6.69 -8.65
CA SER A 46 8.45 -7.97 -8.00
C SER A 46 7.30 -7.88 -6.98
N ASP A 47 6.56 -8.97 -6.85
CA ASP A 47 5.56 -9.10 -5.79
C ASP A 47 6.16 -9.04 -4.39
N ALA A 48 7.41 -9.51 -4.23
CA ALA A 48 8.02 -9.58 -2.93
C ALA A 48 8.19 -8.19 -2.30
N GLN A 49 8.16 -7.16 -3.14
CA GLN A 49 8.38 -5.81 -2.67
C GLN A 49 7.13 -5.28 -2.01
N CYS A 50 5.98 -5.66 -2.55
CA CYS A 50 4.72 -5.25 -1.97
C CYS A 50 4.43 -6.14 -0.76
N ARG A 51 4.76 -7.41 -0.91
CA ARG A 51 4.62 -8.37 0.16
C ARG A 51 5.46 -7.99 1.36
N ALA A 52 6.76 -7.78 1.13
CA ALA A 52 7.67 -7.45 2.22
C ALA A 52 7.41 -6.06 2.75
N ARG A 53 6.70 -5.24 1.98
CA ARG A 53 6.39 -3.88 2.43
C ARG A 53 5.07 -3.85 3.20
N GLY A 54 4.34 -4.94 3.14
CA GLY A 54 3.05 -4.98 3.82
C GLY A 54 1.95 -4.37 2.98
N CYS A 55 2.28 -4.08 1.72
CA CYS A 55 1.31 -3.55 0.79
C CYS A 55 0.18 -4.56 0.53
N ASP A 56 0.38 -5.53 -0.38
CA ASP A 56 -0.52 -6.67 -0.54
C ASP A 56 -0.07 -7.50 -1.72
N GLY A 57 0.05 -6.89 -2.89
CA GLY A 57 0.59 -7.61 -4.01
C GLY A 57 0.94 -6.69 -5.16
N CYS A 58 1.74 -7.19 -6.06
CA CYS A 58 2.13 -6.42 -7.23
C CYS A 58 1.09 -6.60 -8.33
N SER A 59 0.53 -5.49 -8.80
CA SER A 59 -0.47 -5.57 -9.83
C SER A 59 0.18 -5.62 -11.20
N THR A 60 -0.56 -6.08 -12.22
CA THR A 60 -0.02 -6.30 -13.57
C THR A 60 0.94 -5.21 -14.08
N SER A 61 0.64 -3.94 -13.80
CA SER A 61 1.42 -2.85 -14.37
C SER A 61 2.50 -2.33 -13.42
N GLY A 62 2.91 -3.17 -12.48
CA GLY A 62 3.99 -2.80 -11.59
C GLY A 62 3.61 -1.73 -10.60
N VAL A 63 2.59 -1.99 -9.79
CA VAL A 63 2.20 -1.09 -8.71
C VAL A 63 1.94 -1.90 -7.44
N CYS A 64 2.08 -1.25 -6.30
CA CYS A 64 2.02 -1.96 -5.00
C CYS A 64 0.66 -1.73 -4.42
N VAL A 65 -0.15 -2.76 -4.43
CA VAL A 65 -1.59 -2.60 -4.25
C VAL A 65 -2.21 -3.80 -3.57
N LEU A 66 -3.52 -3.76 -3.41
CA LEU A 66 -4.30 -4.96 -3.18
C LEU A 66 -4.32 -5.75 -4.50
N SER A 67 -3.61 -6.88 -4.54
CA SER A 67 -3.28 -7.59 -5.79
C SER A 67 -4.53 -7.85 -6.67
N SER A 68 -4.32 -8.06 -7.97
CA SER A 68 -5.43 -8.13 -8.91
C SER A 68 -6.05 -9.54 -8.96
N LEU A 69 -6.62 -9.99 -7.84
CA LEU A 69 -7.32 -11.26 -7.80
C LEU A 69 -8.76 -11.05 -7.35
N HIS A 70 -9.08 -9.78 -7.06
CA HIS A 70 -10.41 -9.38 -6.60
C HIS A 70 -10.79 -10.09 -5.29
N HIS A 71 -11.35 -11.28 -5.40
CA HIS A 71 -11.75 -12.06 -4.24
C HIS A 71 -11.34 -13.52 -4.41
N HIS A 72 -10.25 -13.72 -5.14
CA HIS A 72 -9.69 -15.05 -5.39
C HIS A 72 -10.69 -15.94 -6.12
N HIS A 73 -10.97 -15.58 -7.37
CA HIS A 73 -11.83 -16.39 -8.22
C HIS A 73 -11.19 -16.54 -9.59
N HIS A 74 -10.80 -17.76 -9.94
CA HIS A 74 -10.21 -18.03 -11.23
C HIS A 74 -11.31 -18.09 -12.29
N HIS A 75 -11.29 -17.15 -13.21
CA HIS A 75 -12.28 -17.11 -14.28
C HIS A 75 -11.69 -16.49 -15.54
N MET A 1 -10.16 -0.07 19.60
CA MET A 1 -10.43 -0.96 18.46
C MET A 1 -9.37 -0.81 17.39
N CYS A 2 -8.91 -1.93 16.87
CA CYS A 2 -7.88 -1.90 15.84
C CYS A 2 -8.13 -3.04 14.85
N GLU A 3 -7.14 -3.31 14.00
CA GLU A 3 -7.18 -4.40 13.03
C GLU A 3 -8.17 -4.12 11.89
N PHE A 4 -8.08 -4.92 10.86
CA PHE A 4 -8.92 -4.78 9.68
C PHE A 4 -9.76 -6.04 9.54
N ILE A 5 -11.07 -5.91 9.51
CA ILE A 5 -11.94 -7.08 9.31
C ILE A 5 -11.92 -7.55 7.85
N GLU A 6 -10.96 -7.03 7.07
CA GLU A 6 -10.93 -7.25 5.61
C GLU A 6 -12.28 -6.94 4.98
N ASP A 7 -12.74 -5.73 5.17
CA ASP A 7 -14.05 -5.31 4.68
C ASP A 7 -14.04 -5.16 3.16
N SER A 8 -12.85 -5.02 2.59
CA SER A 8 -12.71 -4.93 1.15
C SER A 8 -12.99 -6.28 0.49
N GLU A 9 -12.78 -7.34 1.25
CA GLU A 9 -12.91 -8.70 0.74
C GLU A 9 -14.36 -9.18 0.83
N ASP A 10 -14.94 -9.08 2.01
CA ASP A 10 -16.27 -9.62 2.25
C ASP A 10 -17.34 -8.71 1.65
N ILE A 11 -17.78 -9.06 0.45
CA ILE A 11 -18.79 -8.29 -0.25
C ILE A 11 -20.19 -8.69 0.22
N GLN A 12 -20.30 -9.87 0.82
CA GLN A 12 -21.55 -10.36 1.33
C GLN A 12 -22.05 -9.46 2.48
N GLY A 13 -21.16 -9.15 3.40
CA GLY A 13 -21.51 -8.30 4.52
C GLY A 13 -21.72 -6.86 4.12
N LEU A 14 -21.19 -6.50 2.95
CA LEU A 14 -21.40 -5.16 2.39
C LEU A 14 -22.89 -4.92 2.21
N LYS A 15 -23.62 -6.00 1.94
CA LYS A 15 -25.08 -5.93 1.79
C LYS A 15 -25.72 -5.55 3.12
N SER A 16 -25.11 -5.97 4.21
CA SER A 16 -25.61 -5.68 5.55
C SER A 16 -25.20 -4.27 5.97
N LEU A 17 -24.18 -3.74 5.31
CA LEU A 17 -23.70 -2.39 5.59
C LEU A 17 -24.52 -1.37 4.81
N ARG A 18 -25.45 -1.87 4.00
CA ARG A 18 -26.31 -1.02 3.18
C ARG A 18 -27.45 -0.45 4.02
N LYS A 19 -27.10 0.13 5.16
CA LYS A 19 -28.08 0.67 6.07
C LYS A 19 -28.47 2.09 5.66
N SER A 20 -27.57 2.77 4.96
CA SER A 20 -27.83 4.13 4.49
C SER A 20 -26.74 4.58 3.52
N HIS A 21 -25.68 5.18 4.05
CA HIS A 21 -24.56 5.61 3.23
C HIS A 21 -23.32 4.77 3.54
N THR A 22 -23.40 4.03 4.64
CA THR A 22 -22.26 3.21 5.11
C THR A 22 -21.89 2.03 4.18
N SER A 23 -22.39 2.02 2.94
CA SER A 23 -22.09 0.97 2.00
C SER A 23 -21.69 1.57 0.66
N LEU A 24 -21.55 2.89 0.65
CA LEU A 24 -21.30 3.61 -0.58
C LEU A 24 -20.10 4.53 -0.45
N GLU A 25 -20.09 5.32 0.62
CA GLU A 25 -19.02 6.28 0.85
C GLU A 25 -19.11 6.87 2.24
N ASP A 26 -18.14 6.54 3.07
CA ASP A 26 -18.00 7.17 4.36
C ASP A 26 -16.53 7.22 4.75
N ASP A 27 -16.15 8.29 5.40
CA ASP A 27 -14.76 8.50 5.81
C ASP A 27 -14.54 7.96 7.21
N ASP A 28 -15.59 7.38 7.78
CA ASP A 28 -15.52 6.81 9.11
C ASP A 28 -14.94 5.42 9.04
N ASP A 29 -15.63 4.57 8.28
CA ASP A 29 -15.21 3.20 8.00
C ASP A 29 -14.83 2.46 9.28
N GLY A 30 -15.83 2.07 10.05
CA GLY A 30 -15.59 1.37 11.31
C GLY A 30 -15.00 -0.01 11.10
N SER A 31 -15.30 -0.62 9.97
CA SER A 31 -14.81 -1.97 9.68
C SER A 31 -13.52 -1.92 8.86
N ARG A 32 -12.89 -0.75 8.86
CA ARG A 32 -11.67 -0.46 8.09
C ARG A 32 -11.47 -1.36 6.88
N GLY A 33 -11.87 -0.85 5.71
CA GLY A 33 -11.71 -1.60 4.48
C GLY A 33 -12.67 -1.13 3.41
N GLY A 34 -13.18 0.09 3.53
CA GLY A 34 -14.06 0.64 2.54
C GLY A 34 -13.33 1.47 1.51
N ASP A 35 -12.00 1.43 1.59
CA ASP A 35 -11.15 2.22 0.72
C ASP A 35 -9.90 1.40 0.34
N CYS A 36 -9.25 1.77 -0.75
CA CYS A 36 -8.05 1.08 -1.21
C CYS A 36 -6.91 2.08 -1.35
N GLU A 37 -6.05 2.12 -0.35
CA GLU A 37 -4.99 3.09 -0.30
C GLU A 37 -3.75 2.46 0.31
N GLY A 38 -3.25 1.44 -0.35
CA GLY A 38 -2.00 0.82 0.08
C GLY A 38 -0.80 1.67 -0.31
N CYS A 39 0.08 1.11 -1.11
CA CYS A 39 1.20 1.88 -1.64
C CYS A 39 1.19 1.83 -3.16
N SER A 40 0.07 2.24 -3.73
CA SER A 40 -0.16 2.12 -5.17
C SER A 40 0.78 3.03 -5.94
N GLY A 41 1.20 4.09 -5.29
CA GLY A 41 2.22 4.96 -5.88
C GLY A 41 3.59 4.34 -5.81
N THR A 42 3.64 3.04 -5.58
CA THR A 42 4.89 2.31 -5.58
C THR A 42 4.87 1.26 -6.67
N ALA A 43 5.66 1.48 -7.71
CA ALA A 43 5.72 0.54 -8.82
C ALA A 43 6.57 -0.66 -8.45
N CYS A 44 5.96 -1.81 -8.58
CA CYS A 44 6.61 -3.07 -8.28
C CYS A 44 6.86 -3.82 -9.56
N SER A 45 8.08 -4.26 -9.74
CA SER A 45 8.36 -5.24 -10.77
C SER A 45 8.34 -6.62 -10.15
N SER A 46 8.57 -6.67 -8.84
CA SER A 46 8.49 -7.92 -8.11
C SER A 46 7.33 -7.88 -7.12
N ASP A 47 6.65 -9.00 -6.98
CA ASP A 47 5.57 -9.13 -6.03
C ASP A 47 6.08 -9.14 -4.58
N ALA A 48 7.29 -9.64 -4.34
CA ALA A 48 7.78 -9.85 -3.02
C ALA A 48 7.92 -8.54 -2.26
N GLN A 49 8.20 -7.45 -2.97
CA GLN A 49 8.43 -6.18 -2.33
C GLN A 49 7.10 -5.60 -1.87
N CYS A 50 6.02 -6.11 -2.43
CA CYS A 50 4.68 -5.67 -2.03
C CYS A 50 4.25 -6.37 -0.77
N ARG A 51 4.68 -7.60 -0.61
CA ARG A 51 4.47 -8.30 0.64
C ARG A 51 5.45 -7.76 1.67
N ALA A 52 6.64 -7.40 1.19
CA ALA A 52 7.66 -6.83 2.05
C ALA A 52 7.24 -5.44 2.50
N ARG A 53 6.44 -4.77 1.68
CA ARG A 53 5.94 -3.45 2.06
C ARG A 53 4.74 -3.55 2.97
N GLY A 54 4.34 -4.78 3.30
CA GLY A 54 3.18 -4.99 4.14
C GLY A 54 1.89 -4.65 3.43
N CYS A 55 2.03 -4.02 2.27
CA CYS A 55 0.88 -3.66 1.45
C CYS A 55 0.02 -4.88 1.10
N ASP A 56 0.47 -5.77 0.21
CA ASP A 56 -0.27 -6.99 -0.10
C ASP A 56 0.37 -7.69 -1.28
N GLY A 57 0.31 -7.04 -2.44
CA GLY A 57 0.73 -7.70 -3.64
C GLY A 57 0.96 -6.76 -4.79
N CYS A 58 1.81 -7.17 -5.69
CA CYS A 58 2.06 -6.45 -6.91
C CYS A 58 0.99 -6.81 -7.92
N SER A 59 0.45 -5.81 -8.61
CA SER A 59 -0.58 -6.08 -9.59
C SER A 59 0.00 -6.04 -11.00
N THR A 60 -0.68 -6.64 -11.98
CA THR A 60 -0.17 -6.71 -13.37
C THR A 60 0.47 -5.39 -13.86
N SER A 61 -0.06 -4.24 -13.46
CA SER A 61 0.41 -2.97 -13.98
C SER A 61 1.53 -2.38 -13.14
N GLY A 62 2.27 -3.22 -12.45
CA GLY A 62 3.41 -2.77 -11.68
C GLY A 62 3.05 -1.76 -10.61
N VAL A 63 1.94 -1.98 -9.92
CA VAL A 63 1.55 -1.11 -8.82
C VAL A 63 1.38 -1.92 -7.55
N CYS A 64 1.61 -1.29 -6.41
CA CYS A 64 1.69 -2.04 -5.15
C CYS A 64 0.44 -1.81 -4.33
N VAL A 65 -0.42 -2.81 -4.28
CA VAL A 65 -1.79 -2.63 -3.77
C VAL A 65 -2.30 -3.92 -3.15
N LEU A 66 -3.58 -3.95 -2.82
CA LEU A 66 -4.26 -5.22 -2.66
C LEU A 66 -4.41 -5.84 -4.06
N SER A 67 -3.39 -6.58 -4.47
CA SER A 67 -3.27 -7.11 -5.83
C SER A 67 -4.59 -7.76 -6.31
N SER A 68 -5.31 -7.10 -7.25
CA SER A 68 -6.40 -7.73 -7.97
C SER A 68 -6.00 -9.11 -8.49
N LEU A 69 -5.26 -9.17 -9.59
CA LEU A 69 -4.69 -10.42 -10.06
C LEU A 69 -3.27 -10.20 -10.58
N HIS A 70 -2.58 -11.28 -10.87
CA HIS A 70 -1.24 -11.20 -11.43
C HIS A 70 -1.28 -11.46 -12.92
N HIS A 71 -1.66 -12.69 -13.29
CA HIS A 71 -1.79 -13.09 -14.69
C HIS A 71 -0.52 -12.82 -15.48
N HIS A 72 0.46 -13.70 -15.35
CA HIS A 72 1.68 -13.62 -16.12
C HIS A 72 2.04 -14.97 -16.71
N HIS A 73 1.07 -15.56 -17.40
CA HIS A 73 1.24 -16.86 -18.03
C HIS A 73 0.97 -16.77 -19.53
N HIS A 74 0.12 -15.83 -19.91
CA HIS A 74 -0.28 -15.63 -21.30
C HIS A 74 -0.67 -14.18 -21.50
N HIS A 75 -1.80 -13.81 -20.92
CA HIS A 75 -2.26 -12.42 -20.91
C HIS A 75 -3.47 -12.30 -19.99
#